data_6NIC
#
_entry.id   6NIC
#
_cell.length_a   142.445
_cell.length_b   142.445
_cell.length_c   345.429
_cell.angle_alpha   90.00
_cell.angle_beta   90.00
_cell.angle_gamma   120.00
#
_symmetry.space_group_name_H-M   'P 61 2 2'
#
loop_
_entity.id
_entity.type
_entity.pdbx_description
1 polymer 'Porphyromonas-type peptidyl-arginine deiminase'
2 non-polymer 'TRIETHYLENE GLYCOL'
3 non-polymer 6-aminohexanamide
4 non-polymer DI(HYDROXYETHYL)ETHER
5 non-polymer 'SODIUM ION'
6 non-polymer 1,2-ETHANEDIOL
7 water water
#
_entity_poly.entity_id   1
_entity_poly.type   'polypeptide(L)'
_entity_poly.pdbx_seq_one_letter_code
;SNAHGFHMPAEWEPHSQCWIGWPERADNWRDGAVHAQLVFTRVAAAISRFEKVTVCASSAQWENARNQLPDHVRVVEISS
NDSWFRDIGPTFVVRRETSKSDDAEHRIAGIDWTFNSWGGLEDGCYCDWSLDSLVKKKILDVERIPRFSHSMVLEGGSIH
VDGEGTCITTEECLLNKNRNPHLSKSQIEDELKAYLGVRKVIWLPRGLYGDDDTNGHVDNMCCFVRPGAVLLSWTDDKTD
PQYERSEEAYSLFSSVTDANGRKFEVIKLHVPGPLYMTEKEAAGVFQDDGAKPRLPGTRLAASYVNFYIANGAIIAPQFG
DKKWDDEAIRVLSKTFPHHEVVGIEGSREIVLSGGNIHCITQQQPAI
;
_entity_poly.pdbx_strand_id   A,B,C,D
#
# COMPACT_ATOMS: atom_id res chain seq x y z
N GLY A 5 -11.38 4.58 -43.27
CA GLY A 5 -10.14 4.21 -42.55
C GLY A 5 -10.40 3.94 -41.06
N PHE A 6 -11.60 3.46 -40.68
CA PHE A 6 -11.83 3.09 -39.25
C PHE A 6 -11.49 1.61 -39.04
N HIS A 7 -10.95 1.31 -37.86
CA HIS A 7 -10.74 -0.04 -37.40
C HIS A 7 -10.91 -0.11 -35.87
N MET A 8 -11.18 -1.33 -35.40
CA MET A 8 -11.22 -1.70 -33.99
C MET A 8 -9.82 -2.03 -33.49
N PRO A 9 -9.29 -1.24 -32.54
CA PRO A 9 -8.00 -1.52 -31.94
C PRO A 9 -8.06 -2.70 -30.95
N ALA A 10 -6.90 -3.31 -30.70
CA ALA A 10 -6.79 -4.35 -29.70
C ALA A 10 -7.12 -3.78 -28.33
N GLU A 11 -7.59 -4.68 -27.48
CA GLU A 11 -8.01 -4.33 -26.10
C GLU A 11 -6.82 -3.82 -25.28
N TRP A 12 -5.60 -4.24 -25.59
CA TRP A 12 -4.43 -3.87 -24.81
C TRP A 12 -3.90 -2.49 -25.25
N GLU A 13 -4.51 -1.85 -26.25
CA GLU A 13 -4.14 -0.52 -26.69
C GLU A 13 -4.77 0.48 -25.72
N PRO A 14 -4.24 1.72 -25.65
CA PRO A 14 -4.68 2.62 -24.60
C PRO A 14 -6.15 2.98 -24.68
N HIS A 15 -6.80 3.15 -23.55
CA HIS A 15 -8.13 3.48 -23.48
C HIS A 15 -8.28 4.81 -22.79
N SER A 16 -9.38 5.51 -23.06
CA SER A 16 -9.72 6.67 -22.34
C SER A 16 -10.71 6.38 -21.24
N GLN A 17 -11.58 5.38 -21.41
CA GLN A 17 -12.35 4.92 -20.27
C GLN A 17 -12.89 3.53 -20.54
N CYS A 18 -13.59 3.00 -19.54
CA CYS A 18 -14.20 1.69 -19.56
C CYS A 18 -15.66 1.90 -19.17
N TRP A 19 -16.60 1.30 -19.91
CA TRP A 19 -18.04 1.31 -19.63
C TRP A 19 -18.49 -0.01 -18.98
N ILE A 20 -19.31 0.04 -17.94
CA ILE A 20 -19.79 -1.14 -17.16
C ILE A 20 -21.25 -0.88 -16.81
N GLY A 21 -22.12 -1.88 -16.91
CA GLY A 21 -23.51 -1.77 -16.42
C GLY A 21 -23.60 -2.02 -14.93
N TRP A 22 -24.78 -2.17 -14.43
CA TRP A 22 -25.03 -2.35 -13.07
C TRP A 22 -26.17 -3.39 -12.90
N PRO A 23 -25.91 -4.53 -12.22
CA PRO A 23 -26.84 -5.65 -12.22
C PRO A 23 -27.99 -5.32 -11.30
N GLU A 24 -29.21 -5.67 -11.71
CA GLU A 24 -30.33 -5.50 -10.73
C GLU A 24 -31.44 -6.55 -10.86
N ARG A 25 -31.69 -7.10 -12.05
CA ARG A 25 -32.89 -7.96 -12.20
C ARG A 25 -32.86 -9.18 -11.27
N ALA A 26 -33.94 -9.39 -10.52
CA ALA A 26 -34.02 -10.49 -9.53
C ALA A 26 -34.15 -11.85 -10.21
N ASP A 27 -34.68 -11.90 -11.43
CA ASP A 27 -34.83 -13.18 -12.13
C ASP A 27 -33.51 -13.64 -12.78
N ASN A 28 -32.42 -12.86 -12.75
CA ASN A 28 -31.11 -13.41 -13.27
C ASN A 28 -30.03 -13.45 -12.20
N TRP A 29 -30.09 -12.50 -11.25
CA TRP A 29 -29.10 -12.25 -10.19
C TRP A 29 -29.69 -12.62 -8.83
N ARG A 30 -29.03 -13.58 -8.16
CA ARG A 30 -29.55 -14.15 -6.92
C ARG A 30 -29.62 -13.05 -5.85
N ASP A 31 -30.69 -13.12 -5.04
CA ASP A 31 -30.97 -12.24 -3.89
C ASP A 31 -31.01 -10.81 -4.38
N GLY A 32 -31.72 -10.62 -5.50
CA GLY A 32 -31.93 -9.28 -6.05
C GLY A 32 -30.61 -8.54 -6.25
N ALA A 33 -29.62 -9.28 -6.76
CA ALA A 33 -28.33 -8.82 -7.24
C ALA A 33 -27.47 -8.29 -6.09
N VAL A 34 -27.75 -8.60 -4.84
CA VAL A 34 -26.96 -7.95 -3.85
C VAL A 34 -25.51 -8.45 -3.98
N HIS A 35 -25.31 -9.74 -4.30
CA HIS A 35 -23.96 -10.34 -4.33
C HIS A 35 -23.19 -9.80 -5.55
N ALA A 36 -23.92 -9.63 -6.65
CA ALA A 36 -23.35 -9.23 -7.90
C ALA A 36 -22.86 -7.78 -7.88
N GLN A 37 -23.61 -6.94 -7.16
CA GLN A 37 -23.29 -5.51 -6.98
C GLN A 37 -21.90 -5.38 -6.32
N LEU A 38 -21.61 -6.21 -5.31
CA LEU A 38 -20.35 -6.14 -4.60
C LEU A 38 -19.19 -6.42 -5.55
N VAL A 39 -19.35 -7.40 -6.42
CA VAL A 39 -18.28 -7.77 -7.30
C VAL A 39 -18.14 -6.74 -8.41
N PHE A 40 -19.27 -6.28 -8.94
CA PHE A 40 -19.21 -5.26 -9.96
C PHE A 40 -18.43 -4.08 -9.40
N THR A 41 -18.77 -3.68 -8.19
CA THR A 41 -18.09 -2.63 -7.58
C THR A 41 -16.59 -2.93 -7.46
N ARG A 42 -16.21 -4.14 -7.04
CA ARG A 42 -14.77 -4.44 -6.89
C ARG A 42 -14.07 -4.33 -8.25
N VAL A 43 -14.75 -4.74 -9.31
CA VAL A 43 -14.19 -4.73 -10.67
C VAL A 43 -13.98 -3.29 -11.12
N ALA A 44 -15.03 -2.47 -10.96
CA ALA A 44 -14.96 -1.08 -11.35
C ALA A 44 -13.83 -0.36 -10.59
N ALA A 45 -13.78 -0.55 -9.27
CA ALA A 45 -12.73 0.06 -8.44
C ALA A 45 -11.36 -0.42 -8.88
N ALA A 46 -11.23 -1.72 -9.20
CA ALA A 46 -9.92 -2.17 -9.64
C ALA A 46 -9.54 -1.49 -10.97
N ILE A 47 -10.45 -1.49 -11.95
CA ILE A 47 -10.15 -0.94 -13.27
C ILE A 47 -9.81 0.54 -13.12
N SER A 48 -10.53 1.21 -12.22
CA SER A 48 -10.35 2.68 -12.08
C SER A 48 -8.99 3.05 -11.42
N ARG A 49 -8.22 2.05 -11.00
CA ARG A 49 -6.85 2.39 -10.55
C ARG A 49 -6.02 2.61 -11.81
N PHE A 50 -6.52 2.22 -12.99
CA PHE A 50 -5.65 2.27 -14.20
C PHE A 50 -6.22 3.15 -15.31
N GLU A 51 -7.53 3.28 -15.38
CA GLU A 51 -8.17 4.08 -16.44
C GLU A 51 -9.50 4.52 -15.91
N LYS A 52 -10.06 5.56 -16.50
CA LYS A 52 -11.31 6.06 -16.04
C LYS A 52 -12.43 5.06 -16.30
N VAL A 53 -13.45 5.13 -15.47
CA VAL A 53 -14.55 4.25 -15.56
C VAL A 53 -15.84 5.03 -15.47
N THR A 54 -16.83 4.57 -16.23
CA THR A 54 -18.21 4.98 -16.13
C THR A 54 -19.09 3.72 -15.98
N VAL A 55 -19.81 3.64 -14.86
CA VAL A 55 -20.81 2.71 -14.58
C VAL A 55 -22.17 3.36 -14.89
N CYS A 56 -23.04 2.54 -15.44
CA CYS A 56 -24.34 2.94 -15.96
C CYS A 56 -25.40 2.17 -15.19
N ALA A 57 -26.34 2.89 -14.58
CA ALA A 57 -27.31 2.32 -13.69
C ALA A 57 -28.67 2.91 -13.99
N SER A 58 -29.73 2.11 -13.78
CA SER A 58 -31.10 2.56 -13.88
C SER A 58 -31.36 3.61 -12.83
N SER A 59 -32.40 4.37 -13.13
CA SER A 59 -33.07 5.22 -12.22
C SER A 59 -33.13 4.63 -10.79
N ALA A 60 -33.78 3.47 -10.66
CA ALA A 60 -34.04 2.83 -9.35
C ALA A 60 -32.73 2.52 -8.60
N GLN A 61 -31.62 2.36 -9.35
CA GLN A 61 -30.34 1.89 -8.80
C GLN A 61 -29.29 3.00 -8.73
N TRP A 62 -29.56 4.19 -9.25
CA TRP A 62 -28.50 5.13 -9.41
C TRP A 62 -27.83 5.47 -8.05
N GLU A 63 -28.65 5.71 -7.03
CA GLU A 63 -28.11 6.06 -5.71
C GLU A 63 -27.23 4.92 -5.12
N ASN A 64 -27.76 3.69 -5.16
CA ASN A 64 -27.03 2.46 -4.72
C ASN A 64 -25.64 2.42 -5.35
N ALA A 65 -25.61 2.48 -6.66
CA ALA A 65 -24.37 2.45 -7.40
C ALA A 65 -23.43 3.60 -6.98
N ARG A 66 -23.97 4.82 -6.93
CA ARG A 66 -23.18 6.00 -6.57
C ARG A 66 -22.60 5.81 -5.16
N ASN A 67 -23.35 5.13 -4.28
CA ASN A 67 -22.99 4.96 -2.91
C ASN A 67 -21.86 3.92 -2.81
N GLN A 68 -21.90 2.86 -3.61
CA GLN A 68 -20.98 1.76 -3.50
C GLN A 68 -19.65 2.14 -4.17
N LEU A 69 -19.68 3.05 -5.16
CA LEU A 69 -18.53 3.26 -6.04
C LEU A 69 -17.74 4.51 -5.63
N PRO A 70 -16.36 4.47 -5.67
CA PRO A 70 -15.57 5.64 -5.27
C PRO A 70 -15.86 6.76 -6.26
N ASP A 71 -15.68 7.99 -5.78
CA ASP A 71 -16.06 9.26 -6.46
C ASP A 71 -15.36 9.40 -7.80
N HIS A 72 -14.16 8.85 -7.94
CA HIS A 72 -13.44 9.04 -9.24
C HIS A 72 -14.09 8.16 -10.34
N VAL A 73 -15.02 7.25 -9.98
CA VAL A 73 -15.86 6.54 -10.90
C VAL A 73 -17.08 7.41 -11.20
N ARG A 74 -17.33 7.69 -12.48
CA ARG A 74 -18.55 8.37 -12.94
C ARG A 74 -19.69 7.36 -12.97
N VAL A 75 -20.86 7.78 -12.48
CA VAL A 75 -22.13 7.06 -12.58
C VAL A 75 -23.19 7.89 -13.31
N VAL A 76 -23.67 7.30 -14.41
CA VAL A 76 -24.70 7.88 -15.23
C VAL A 76 -25.93 6.97 -15.18
N GLU A 77 -27.06 7.55 -15.48
CA GLU A 77 -28.31 6.85 -15.47
C GLU A 77 -28.59 6.38 -16.90
N ILE A 78 -28.36 5.12 -17.16
CA ILE A 78 -28.75 4.52 -18.40
C ILE A 78 -29.40 3.20 -18.02
N SER A 79 -30.66 3.06 -18.39
CA SER A 79 -31.42 1.85 -18.13
C SER A 79 -31.07 0.76 -19.16
N SER A 80 -31.25 -0.48 -18.72
CA SER A 80 -30.90 -1.65 -19.50
C SER A 80 -31.80 -2.79 -19.03
N ASN A 81 -31.93 -3.82 -19.87
CA ASN A 81 -32.68 -5.01 -19.50
C ASN A 81 -31.78 -5.88 -18.62
N ASP A 82 -30.49 -5.92 -18.97
CA ASP A 82 -29.49 -6.55 -18.11
C ASP A 82 -28.11 -5.88 -18.32
N SER A 83 -27.15 -6.24 -17.49
CA SER A 83 -25.95 -5.50 -17.27
C SER A 83 -24.74 -6.19 -17.90
N TRP A 84 -24.77 -6.38 -19.24
CA TRP A 84 -23.69 -7.05 -20.00
C TRP A 84 -23.13 -6.15 -21.09
N PHE A 85 -22.35 -5.16 -20.72
CA PHE A 85 -21.97 -4.10 -21.64
C PHE A 85 -20.97 -4.57 -22.70
N ARG A 86 -20.41 -5.77 -22.54
CA ARG A 86 -19.49 -6.25 -23.60
C ARG A 86 -20.30 -6.50 -24.87
N ASP A 87 -21.58 -6.83 -24.70
CA ASP A 87 -22.44 -7.27 -25.77
C ASP A 87 -23.47 -6.19 -26.08
N ILE A 88 -23.88 -5.40 -25.08
CA ILE A 88 -24.93 -4.44 -25.36
C ILE A 88 -24.36 -3.03 -25.50
N GLY A 89 -23.06 -2.89 -25.25
CA GLY A 89 -22.35 -1.67 -25.41
C GLY A 89 -21.91 -1.47 -26.85
N PRO A 90 -21.50 -0.24 -27.25
CA PRO A 90 -21.06 0.01 -28.61
C PRO A 90 -19.69 -0.63 -28.79
N THR A 91 -19.36 -0.97 -30.03
CA THR A 91 -18.02 -1.37 -30.38
C THR A 91 -17.29 -0.17 -31.02
N PHE A 92 -16.29 0.38 -30.33
CA PHE A 92 -15.65 1.57 -30.81
C PHE A 92 -14.61 1.24 -31.89
N VAL A 93 -14.54 2.14 -32.89
CA VAL A 93 -13.55 2.05 -33.95
C VAL A 93 -12.86 3.41 -34.05
N VAL A 94 -11.64 3.40 -34.52
CA VAL A 94 -10.83 4.57 -34.56
C VAL A 94 -10.18 4.71 -35.95
N ARG A 95 -9.88 5.96 -36.28
CA ARG A 95 -9.06 6.39 -37.38
C ARG A 95 -8.00 7.34 -36.80
N ARG A 96 -6.75 6.88 -36.67
CA ARG A 96 -5.67 7.73 -36.12
C ARG A 96 -4.99 8.60 -37.19
N GLU A 97 -3.96 9.36 -36.78
CA GLU A 97 -3.27 10.33 -37.67
C GLU A 97 -1.96 9.75 -38.19
N GLU A 105 -13.13 15.31 -39.60
CA GLU A 105 -11.96 15.04 -38.78
C GLU A 105 -12.32 14.26 -37.49
N HIS A 106 -13.42 13.48 -37.50
CA HIS A 106 -13.77 12.49 -36.42
C HIS A 106 -12.75 11.32 -36.42
N ARG A 107 -12.11 11.11 -35.26
CA ARG A 107 -11.09 10.03 -35.16
C ARG A 107 -11.62 8.81 -34.41
N ILE A 108 -12.84 8.87 -33.89
CA ILE A 108 -13.45 7.79 -33.17
C ILE A 108 -14.94 7.69 -33.49
N ALA A 109 -15.45 6.46 -33.56
CA ALA A 109 -16.88 6.22 -33.72
C ALA A 109 -17.29 4.89 -33.09
N GLY A 110 -18.59 4.65 -33.01
CA GLY A 110 -19.11 3.44 -32.42
C GLY A 110 -20.07 2.72 -33.35
N ILE A 111 -19.98 1.39 -33.35
CA ILE A 111 -20.84 0.60 -34.16
C ILE A 111 -22.03 0.11 -33.32
N ASP A 112 -23.23 0.43 -33.80
CA ASP A 112 -24.50 -0.01 -33.23
C ASP A 112 -24.98 -1.22 -34.06
N TRP A 113 -24.43 -2.38 -33.73
CA TRP A 113 -24.88 -3.69 -34.17
C TRP A 113 -26.27 -3.95 -33.58
N THR A 114 -27.09 -4.76 -34.27
CA THR A 114 -28.41 -5.15 -33.79
C THR A 114 -28.19 -6.17 -32.67
N PHE A 115 -28.98 -5.99 -31.63
CA PHE A 115 -28.92 -6.85 -30.49
C PHE A 115 -30.26 -7.57 -30.45
N ASN A 116 -30.28 -8.85 -30.06
CA ASN A 116 -31.53 -9.66 -30.06
C ASN A 116 -31.58 -10.60 -28.86
N SER A 117 -30.84 -10.27 -27.80
CA SER A 117 -30.80 -11.06 -26.54
C SER A 117 -30.19 -12.45 -26.81
N TRP A 118 -29.13 -12.51 -27.61
CA TRP A 118 -28.39 -13.79 -27.82
C TRP A 118 -29.33 -14.93 -28.32
N GLY A 119 -30.14 -14.65 -29.33
CA GLY A 119 -30.99 -15.71 -29.95
C GLY A 119 -32.42 -15.30 -30.28
N GLY A 120 -32.89 -14.10 -29.89
CA GLY A 120 -34.21 -13.55 -30.37
C GLY A 120 -35.38 -14.19 -29.63
N LEU A 121 -36.60 -14.10 -30.21
CA LEU A 121 -37.83 -14.66 -29.55
C LEU A 121 -37.76 -16.19 -29.34
N GLU A 122 -37.39 -16.89 -30.41
CA GLU A 122 -37.26 -18.38 -30.44
C GLU A 122 -36.17 -18.91 -29.47
N ASP A 123 -35.00 -18.26 -29.36
CA ASP A 123 -33.84 -18.90 -28.66
C ASP A 123 -32.95 -17.93 -27.83
N GLY A 124 -33.49 -16.75 -27.47
CA GLY A 124 -32.79 -15.74 -26.64
C GLY A 124 -32.89 -15.99 -25.13
N CYS A 125 -32.37 -15.06 -24.34
CA CYS A 125 -32.39 -15.15 -22.87
C CYS A 125 -33.61 -14.45 -22.24
N TYR A 126 -34.09 -13.35 -22.85
CA TYR A 126 -35.25 -12.57 -22.35
C TYR A 126 -36.16 -12.24 -23.54
N CYS A 127 -37.46 -12.09 -23.34
CA CYS A 127 -38.32 -11.81 -24.51
C CYS A 127 -38.34 -10.30 -24.80
N ASP A 128 -37.86 -9.50 -23.84
CA ASP A 128 -37.74 -8.07 -23.99
C ASP A 128 -36.28 -7.56 -23.90
N TRP A 129 -35.87 -6.87 -24.95
CA TRP A 129 -34.56 -6.33 -25.02
C TRP A 129 -34.57 -4.92 -25.62
N SER A 130 -35.71 -4.22 -25.52
CA SER A 130 -35.84 -2.95 -26.21
C SER A 130 -34.94 -1.90 -25.51
N LEU A 131 -34.73 -1.99 -24.20
CA LEU A 131 -33.80 -1.04 -23.51
C LEU A 131 -32.35 -1.41 -23.83
N ASP A 132 -32.03 -2.73 -23.78
CA ASP A 132 -30.68 -3.25 -24.16
C ASP A 132 -30.30 -2.64 -25.54
N SER A 133 -31.25 -2.65 -26.46
CA SER A 133 -31.00 -2.15 -27.82
C SER A 133 -30.63 -0.67 -27.87
N LEU A 134 -31.15 0.17 -26.94
CA LEU A 134 -30.83 1.63 -26.97
C LEU A 134 -29.52 1.98 -26.25
N VAL A 135 -28.87 1.02 -25.59
CA VAL A 135 -27.75 1.36 -24.75
C VAL A 135 -26.61 1.93 -25.61
N LYS A 136 -26.36 1.34 -26.78
CA LYS A 136 -25.27 1.81 -27.65
C LYS A 136 -25.50 3.27 -28.05
N LYS A 137 -26.74 3.59 -28.43
CA LYS A 137 -27.09 4.91 -28.87
C LYS A 137 -26.86 5.87 -27.72
N LYS A 138 -27.35 5.47 -26.56
CA LYS A 138 -27.34 6.39 -25.40
C LYS A 138 -25.92 6.76 -24.97
N ILE A 139 -25.03 5.77 -25.04
CA ILE A 139 -23.68 5.97 -24.63
C ILE A 139 -23.02 6.92 -25.60
N LEU A 140 -23.31 6.73 -26.89
CA LEU A 140 -22.53 7.47 -27.89
C LEU A 140 -23.02 8.92 -27.90
N ASP A 141 -24.27 9.09 -27.43
CA ASP A 141 -24.86 10.35 -27.31
C ASP A 141 -24.21 11.11 -26.16
N VAL A 142 -24.08 10.48 -24.99
CA VAL A 142 -23.34 11.06 -23.84
C VAL A 142 -21.96 11.54 -24.29
N GLU A 143 -21.24 10.74 -25.10
CA GLU A 143 -19.87 11.04 -25.46
C GLU A 143 -19.78 11.92 -26.71
N ARG A 144 -20.93 12.12 -27.39
CA ARG A 144 -20.99 12.90 -28.65
C ARG A 144 -20.07 12.24 -29.67
N ILE A 145 -20.23 10.92 -29.80
CA ILE A 145 -19.43 10.18 -30.74
C ILE A 145 -20.33 9.65 -31.83
N PRO A 146 -19.92 9.71 -33.12
CA PRO A 146 -20.77 9.26 -34.21
C PRO A 146 -21.06 7.75 -34.16
N ARG A 147 -22.31 7.43 -34.50
CA ARG A 147 -22.83 6.05 -34.49
C ARG A 147 -23.03 5.54 -35.92
N PHE A 148 -22.39 4.42 -36.21
CA PHE A 148 -22.57 3.66 -37.38
C PHE A 148 -23.47 2.46 -37.03
N SER A 149 -24.69 2.52 -37.51
CA SER A 149 -25.69 1.59 -37.29
C SER A 149 -25.55 0.41 -38.26
N HIS A 150 -25.89 -0.80 -37.80
CA HIS A 150 -25.80 -2.00 -38.65
C HIS A 150 -26.97 -2.91 -38.34
N SER A 151 -27.62 -3.40 -39.37
CA SER A 151 -28.77 -4.27 -39.19
C SER A 151 -28.34 -5.71 -38.85
N MET A 152 -27.07 -6.09 -39.07
CA MET A 152 -26.61 -7.45 -38.66
C MET A 152 -26.63 -7.61 -37.12
N VAL A 153 -27.07 -8.79 -36.64
CA VAL A 153 -26.99 -9.13 -35.20
C VAL A 153 -25.55 -9.50 -34.84
N LEU A 154 -25.02 -8.82 -33.82
CA LEU A 154 -23.70 -9.12 -33.32
C LEU A 154 -23.56 -8.64 -31.88
N GLU A 155 -22.75 -9.38 -31.13
CA GLU A 155 -22.37 -9.02 -29.78
C GLU A 155 -20.85 -8.95 -29.70
N GLY A 156 -20.35 -7.95 -28.98
CA GLY A 156 -18.99 -7.69 -28.84
C GLY A 156 -18.22 -8.86 -28.24
N GLY A 157 -18.86 -9.67 -27.38
CA GLY A 157 -18.27 -10.91 -26.82
C GLY A 157 -17.97 -11.99 -27.84
N SER A 158 -18.54 -11.87 -29.07
CA SER A 158 -18.42 -12.96 -30.03
C SER A 158 -17.28 -12.75 -31.02
N ILE A 159 -16.53 -11.63 -30.92
CA ILE A 159 -15.39 -11.35 -31.74
C ILE A 159 -14.25 -10.86 -30.82
N HIS A 160 -13.01 -11.05 -31.32
CA HIS A 160 -11.83 -10.53 -30.76
C HIS A 160 -10.86 -10.11 -31.86
N VAL A 161 -10.10 -9.03 -31.64
CA VAL A 161 -9.16 -8.58 -32.66
C VAL A 161 -7.77 -8.43 -32.10
N ASP A 162 -6.80 -8.28 -33.00
CA ASP A 162 -5.42 -8.01 -32.64
C ASP A 162 -5.01 -6.57 -33.01
N GLY A 163 -5.90 -5.79 -33.61
CA GLY A 163 -5.61 -4.41 -34.03
C GLY A 163 -4.59 -4.36 -35.16
N GLU A 164 -4.27 -5.45 -35.81
CA GLU A 164 -3.31 -5.52 -36.92
C GLU A 164 -3.91 -6.30 -38.12
N GLY A 165 -5.23 -6.40 -38.17
CA GLY A 165 -5.91 -6.95 -39.30
C GLY A 165 -6.61 -8.26 -39.07
N THR A 166 -6.49 -8.88 -37.89
CA THR A 166 -6.99 -10.22 -37.66
C THR A 166 -8.16 -10.19 -36.67
N CYS A 167 -9.13 -11.07 -36.89
CA CYS A 167 -10.25 -11.29 -36.04
C CYS A 167 -10.44 -12.79 -35.80
N ILE A 168 -10.75 -13.21 -34.55
CA ILE A 168 -11.17 -14.56 -34.33
C ILE A 168 -12.61 -14.50 -33.83
N THR A 169 -13.34 -15.55 -34.21
CA THR A 169 -14.67 -15.71 -33.81
C THR A 169 -15.01 -17.20 -33.76
N THR A 170 -16.27 -17.53 -33.43
CA THR A 170 -16.75 -18.97 -33.46
C THR A 170 -17.89 -19.14 -34.44
N GLU A 171 -17.91 -20.30 -35.09
CA GLU A 171 -19.03 -20.68 -36.01
C GLU A 171 -20.29 -20.93 -35.19
N GLU A 172 -20.09 -21.56 -34.02
CA GLU A 172 -21.15 -21.99 -33.13
C GLU A 172 -22.05 -20.79 -32.81
N CYS A 173 -21.43 -19.62 -32.65
CA CYS A 173 -22.24 -18.42 -32.36
C CYS A 173 -22.77 -17.78 -33.65
N LEU A 174 -21.84 -17.28 -34.49
CA LEU A 174 -22.14 -16.36 -35.56
C LEU A 174 -22.92 -17.08 -36.65
N LEU A 175 -22.76 -18.40 -36.74
CA LEU A 175 -23.47 -19.06 -37.80
C LEU A 175 -24.77 -19.66 -37.27
N ASN A 176 -25.12 -19.44 -36.02
CA ASN A 176 -26.34 -19.94 -35.51
C ASN A 176 -27.50 -19.24 -36.25
N LYS A 177 -28.52 -20.03 -36.56
CA LYS A 177 -29.73 -19.49 -37.22
C LYS A 177 -30.54 -18.54 -36.30
N ASN A 178 -30.27 -18.48 -34.99
CA ASN A 178 -30.93 -17.49 -34.04
C ASN A 178 -30.25 -16.08 -34.09
N ARG A 179 -29.32 -15.86 -35.01
CA ARG A 179 -28.65 -14.61 -35.14
C ARG A 179 -28.98 -13.95 -36.47
N ASN A 180 -28.38 -14.43 -37.55
CA ASN A 180 -28.48 -13.81 -38.87
C ASN A 180 -28.84 -14.90 -39.91
N PRO A 181 -30.06 -15.48 -39.85
CA PRO A 181 -30.44 -16.59 -40.73
C PRO A 181 -30.50 -16.17 -42.22
N HIS A 182 -30.57 -14.87 -42.48
CA HIS A 182 -30.65 -14.28 -43.79
C HIS A 182 -29.26 -14.14 -44.43
N LEU A 183 -28.15 -14.36 -43.69
CA LEU A 183 -26.82 -14.09 -44.25
C LEU A 183 -26.03 -15.38 -44.28
N SER A 184 -25.24 -15.52 -45.32
CA SER A 184 -24.31 -16.60 -45.38
C SER A 184 -23.07 -16.30 -44.53
N LYS A 185 -22.26 -17.32 -44.32
CA LYS A 185 -21.05 -17.20 -43.60
C LYS A 185 -20.13 -16.15 -44.21
N SER A 186 -20.02 -16.16 -45.54
CA SER A 186 -19.04 -15.30 -46.15
C SER A 186 -19.58 -13.88 -46.24
N GLN A 187 -20.92 -13.72 -46.19
CA GLN A 187 -21.54 -12.37 -46.06
C GLN A 187 -21.32 -11.81 -44.64
N ILE A 188 -21.32 -12.67 -43.62
CA ILE A 188 -21.09 -12.22 -42.26
C ILE A 188 -19.64 -11.78 -42.14
N GLU A 189 -18.74 -12.55 -42.74
CA GLU A 189 -17.36 -12.26 -42.76
C GLU A 189 -17.09 -10.92 -43.46
N ASP A 190 -17.82 -10.62 -44.53
CA ASP A 190 -17.57 -9.39 -45.24
C ASP A 190 -17.94 -8.20 -44.36
N GLU A 191 -18.98 -8.35 -43.54
CA GLU A 191 -19.43 -7.27 -42.65
C GLU A 191 -18.38 -7.07 -41.56
N LEU A 192 -17.89 -8.16 -40.96
CA LEU A 192 -16.87 -7.98 -39.94
C LEU A 192 -15.63 -7.26 -40.49
N LYS A 193 -15.23 -7.57 -41.72
CA LYS A 193 -14.03 -7.01 -42.30
C LYS A 193 -14.26 -5.53 -42.59
N ALA A 194 -15.42 -5.24 -43.16
CA ALA A 194 -15.79 -3.86 -43.46
C ALA A 194 -15.86 -3.05 -42.16
N TYR A 195 -16.60 -3.53 -41.15
CA TYR A 195 -16.87 -2.67 -40.03
C TYR A 195 -15.79 -2.71 -38.94
N LEU A 196 -15.05 -3.81 -38.77
CA LEU A 196 -13.98 -3.88 -37.75
C LEU A 196 -12.61 -3.47 -38.34
N GLY A 197 -12.55 -3.34 -39.68
CA GLY A 197 -11.33 -3.02 -40.33
C GLY A 197 -10.33 -4.16 -40.28
N VAL A 198 -10.77 -5.40 -40.51
CA VAL A 198 -9.83 -6.51 -40.54
C VAL A 198 -9.82 -7.13 -41.92
N ARG A 199 -8.78 -7.87 -42.23
CA ARG A 199 -8.60 -8.44 -43.55
C ARG A 199 -8.55 -9.98 -43.46
N LYS A 200 -8.75 -10.51 -42.26
CA LYS A 200 -8.67 -11.91 -42.11
C LYS A 200 -9.44 -12.31 -40.86
N VAL A 201 -10.29 -13.34 -41.00
CA VAL A 201 -11.13 -13.86 -39.95
C VAL A 201 -10.85 -15.35 -39.80
N ILE A 202 -10.51 -15.76 -38.57
CA ILE A 202 -10.22 -17.14 -38.17
C ILE A 202 -11.47 -17.64 -37.47
N TRP A 203 -12.04 -18.74 -37.95
CA TRP A 203 -13.33 -19.21 -37.43
C TRP A 203 -13.05 -20.44 -36.59
N LEU A 204 -13.07 -20.35 -35.26
CA LEU A 204 -13.07 -21.53 -34.45
C LEU A 204 -14.44 -22.19 -34.65
N PRO A 205 -14.55 -23.53 -34.82
CA PRO A 205 -15.89 -24.11 -34.90
C PRO A 205 -16.70 -23.87 -33.62
N ARG A 206 -16.08 -24.12 -32.47
CA ARG A 206 -16.88 -24.08 -31.23
C ARG A 206 -16.24 -23.27 -30.11
N GLY A 207 -17.13 -22.72 -29.29
CA GLY A 207 -16.80 -22.03 -28.08
C GLY A 207 -16.65 -22.99 -26.92
N LEU A 208 -16.86 -22.45 -25.72
CA LEU A 208 -16.65 -23.25 -24.50
C LEU A 208 -17.86 -24.20 -24.30
N TYR A 209 -17.57 -25.43 -23.84
CA TYR A 209 -18.63 -26.36 -23.51
C TYR A 209 -19.49 -25.75 -22.42
N GLY A 210 -20.82 -25.73 -22.63
CA GLY A 210 -21.70 -25.31 -21.57
C GLY A 210 -22.13 -23.85 -21.73
N ASP A 211 -21.70 -23.15 -22.79
CA ASP A 211 -22.06 -21.76 -22.98
C ASP A 211 -23.27 -21.66 -23.93
N ASP A 212 -24.41 -22.16 -23.44
CA ASP A 212 -25.68 -22.24 -24.19
C ASP A 212 -26.38 -20.89 -24.16
N ASP A 213 -26.17 -20.08 -23.13
CA ASP A 213 -26.56 -18.65 -23.08
C ASP A 213 -26.25 -17.94 -24.40
N THR A 214 -24.97 -17.84 -24.75
CA THR A 214 -24.52 -17.01 -25.86
C THR A 214 -24.28 -17.85 -27.11
N ASN A 215 -24.36 -19.19 -27.01
CA ASN A 215 -24.00 -20.10 -28.11
C ASN A 215 -22.50 -19.99 -28.43
N GLY A 216 -21.66 -20.00 -27.40
CA GLY A 216 -20.23 -20.23 -27.63
C GLY A 216 -19.46 -18.97 -28.00
N HIS A 217 -19.70 -17.88 -27.29
CA HIS A 217 -18.89 -16.64 -27.49
C HIS A 217 -17.41 -16.94 -27.39
N VAL A 218 -16.65 -16.47 -28.38
CA VAL A 218 -15.21 -16.62 -28.47
C VAL A 218 -14.54 -16.05 -27.21
N ASP A 219 -15.12 -15.02 -26.57
CA ASP A 219 -14.44 -14.39 -25.45
C ASP A 219 -14.44 -15.28 -24.19
N ASN A 220 -14.99 -16.49 -24.27
CA ASN A 220 -14.93 -17.42 -23.24
C ASN A 220 -14.03 -18.60 -23.57
N MET A 221 -13.45 -18.56 -24.75
CA MET A 221 -12.76 -19.67 -25.27
C MET A 221 -11.32 -19.27 -25.63
N CYS A 222 -11.13 -18.09 -26.17
CA CYS A 222 -9.91 -17.75 -26.76
C CYS A 222 -9.76 -16.22 -26.84
N CYS A 223 -8.55 -15.68 -26.61
CA CYS A 223 -8.32 -14.22 -26.88
C CYS A 223 -6.86 -13.94 -27.24
N PHE A 224 -6.66 -12.90 -28.07
CA PHE A 224 -5.35 -12.44 -28.37
C PHE A 224 -4.75 -11.80 -27.12
N VAL A 225 -3.45 -11.93 -26.96
CA VAL A 225 -2.75 -11.27 -25.82
C VAL A 225 -1.67 -10.30 -26.30
N ARG A 226 -1.30 -10.46 -27.56
CA ARG A 226 -0.41 -9.60 -28.36
C ARG A 226 -0.46 -10.11 -29.80
N PRO A 227 0.05 -9.38 -30.81
CA PRO A 227 0.14 -9.88 -32.19
C PRO A 227 0.87 -11.23 -32.22
N GLY A 228 0.22 -12.25 -32.77
CA GLY A 228 0.84 -13.53 -32.89
C GLY A 228 0.63 -14.49 -31.73
N ALA A 229 -0.16 -14.14 -30.70
CA ALA A 229 -0.31 -15.04 -29.56
C ALA A 229 -1.72 -14.95 -28.94
N VAL A 230 -2.26 -16.12 -28.53
CA VAL A 230 -3.58 -16.18 -27.92
C VAL A 230 -3.49 -17.05 -26.66
N LEU A 231 -4.39 -16.77 -25.72
CA LEU A 231 -4.74 -17.65 -24.64
C LEU A 231 -5.90 -18.53 -25.07
N LEU A 232 -5.86 -19.82 -24.72
CA LEU A 232 -6.95 -20.77 -25.06
C LEU A 232 -7.39 -21.53 -23.79
N SER A 233 -8.67 -21.43 -23.47
CA SER A 233 -9.24 -22.28 -22.45
C SER A 233 -8.88 -23.75 -22.70
N TRP A 234 -8.57 -24.47 -21.64
CA TRP A 234 -7.94 -25.72 -21.78
C TRP A 234 -8.33 -26.61 -20.59
N THR A 235 -8.32 -27.92 -20.81
CA THR A 235 -8.35 -28.89 -19.75
C THR A 235 -7.40 -29.99 -20.16
N ASP A 236 -6.77 -30.55 -19.15
CA ASP A 236 -6.00 -31.76 -19.34
C ASP A 236 -6.87 -33.01 -19.16
N ASP A 237 -8.12 -32.87 -18.72
CA ASP A 237 -9.03 -34.05 -18.50
C ASP A 237 -9.78 -34.43 -19.79
N LYS A 238 -9.33 -35.50 -20.45
CA LYS A 238 -9.97 -35.95 -21.67
C LYS A 238 -11.36 -36.53 -21.43
N THR A 239 -11.80 -36.70 -20.17
CA THR A 239 -13.17 -37.09 -19.90
C THR A 239 -14.09 -35.88 -19.83
N ASP A 240 -13.54 -34.68 -19.83
CA ASP A 240 -14.37 -33.53 -19.79
C ASP A 240 -14.72 -33.17 -21.22
N PRO A 241 -16.00 -32.86 -21.50
CA PRO A 241 -16.42 -32.48 -22.83
C PRO A 241 -15.74 -31.24 -23.37
N GLN A 242 -15.09 -30.45 -22.51
CA GLN A 242 -14.32 -29.30 -22.95
C GLN A 242 -13.14 -29.79 -23.80
N TYR A 243 -12.61 -30.98 -23.55
CA TYR A 243 -11.28 -31.28 -24.06
C TYR A 243 -11.27 -31.22 -25.58
N GLU A 244 -12.26 -31.83 -26.22
CA GLU A 244 -12.22 -31.96 -27.63
C GLU A 244 -12.41 -30.56 -28.26
N ARG A 245 -13.14 -29.69 -27.59
CA ARG A 245 -13.28 -28.38 -28.18
C ARG A 245 -11.93 -27.68 -28.18
N SER A 246 -11.24 -27.75 -27.04
CA SER A 246 -9.98 -27.03 -26.85
C SER A 246 -8.98 -27.61 -27.83
N GLU A 247 -8.98 -28.94 -27.98
CA GLU A 247 -8.01 -29.63 -28.88
C GLU A 247 -8.21 -29.18 -30.33
N GLU A 248 -9.47 -29.00 -30.73
CA GLU A 248 -9.87 -28.68 -32.06
C GLU A 248 -9.35 -27.28 -32.38
N ALA A 249 -9.57 -26.38 -31.41
CA ALA A 249 -9.12 -25.00 -31.54
C ALA A 249 -7.59 -24.94 -31.59
N TYR A 250 -6.94 -25.75 -30.81
CA TYR A 250 -5.48 -25.80 -30.84
C TYR A 250 -5.00 -26.22 -32.24
N SER A 251 -5.59 -27.27 -32.80
CA SER A 251 -5.20 -27.73 -34.12
C SER A 251 -5.44 -26.64 -35.15
N LEU A 252 -6.59 -25.98 -35.02
CA LEU A 252 -6.90 -24.97 -35.94
C LEU A 252 -5.81 -23.90 -35.94
N PHE A 253 -5.46 -23.43 -34.74
CA PHE A 253 -4.40 -22.43 -34.64
C PHE A 253 -3.08 -22.89 -35.23
N SER A 254 -2.69 -24.15 -35.08
CA SER A 254 -1.49 -24.67 -35.75
C SER A 254 -1.55 -24.59 -37.27
N SER A 255 -2.74 -24.60 -37.84
CA SER A 255 -2.82 -24.69 -39.27
C SER A 255 -2.88 -23.30 -39.93
N VAL A 256 -3.10 -22.20 -39.17
CA VAL A 256 -3.36 -20.88 -39.78
C VAL A 256 -2.29 -19.87 -39.36
N THR A 257 -2.37 -18.66 -39.92
CA THR A 257 -1.53 -17.57 -39.52
C THR A 257 -2.41 -16.35 -39.41
N ASP A 258 -1.85 -15.28 -38.82
CA ASP A 258 -2.63 -14.03 -38.60
C ASP A 258 -2.59 -13.22 -39.91
N ALA A 259 -3.18 -12.04 -39.92
CA ALA A 259 -3.28 -11.23 -41.15
C ALA A 259 -1.90 -10.80 -41.69
N ASN A 260 -0.87 -10.77 -40.85
CA ASN A 260 0.51 -10.40 -41.26
C ASN A 260 1.43 -11.62 -41.44
N GLY A 261 0.85 -12.83 -41.45
CA GLY A 261 1.56 -14.09 -41.69
C GLY A 261 2.25 -14.67 -40.47
N ARG A 262 1.97 -14.19 -39.24
CA ARG A 262 2.62 -14.82 -38.11
C ARG A 262 2.02 -16.21 -37.81
N LYS A 263 2.88 -17.15 -37.40
CA LYS A 263 2.54 -18.39 -36.77
C LYS A 263 2.02 -18.01 -35.36
N PHE A 264 0.94 -18.64 -34.91
CA PHE A 264 0.32 -18.45 -33.57
C PHE A 264 1.15 -19.15 -32.49
N GLU A 265 1.33 -18.41 -31.40
CA GLU A 265 1.88 -18.98 -30.15
C GLU A 265 0.61 -19.20 -29.34
N VAL A 266 0.30 -20.43 -28.97
CA VAL A 266 -0.92 -20.72 -28.25
C VAL A 266 -0.56 -20.98 -26.81
N ILE A 267 -1.19 -20.27 -25.89
CA ILE A 267 -0.93 -20.45 -24.50
C ILE A 267 -2.19 -21.00 -23.83
N LYS A 268 -2.01 -22.14 -23.16
CA LYS A 268 -3.11 -22.79 -22.46
C LYS A 268 -3.42 -22.18 -21.11
N LEU A 269 -4.73 -22.09 -20.82
CA LEU A 269 -5.24 -21.53 -19.64
C LEU A 269 -6.33 -22.43 -19.09
N HIS A 270 -5.97 -23.17 -18.06
CA HIS A 270 -6.80 -24.28 -17.62
C HIS A 270 -8.07 -23.79 -16.94
N VAL A 271 -9.19 -24.33 -17.37
CA VAL A 271 -10.46 -24.00 -16.77
C VAL A 271 -10.55 -24.43 -15.31
N PRO A 272 -11.39 -23.76 -14.49
CA PRO A 272 -11.61 -24.17 -13.10
C PRO A 272 -12.63 -25.31 -13.08
N GLY A 273 -12.78 -25.97 -11.93
CA GLY A 273 -13.88 -26.88 -11.69
C GLY A 273 -13.67 -28.17 -12.47
N PRO A 274 -14.65 -28.55 -13.28
CA PRO A 274 -15.89 -27.82 -13.54
C PRO A 274 -16.77 -27.39 -12.36
N LEU A 275 -17.53 -26.33 -12.58
CA LEU A 275 -18.39 -25.72 -11.54
C LEU A 275 -19.86 -25.94 -11.88
N TYR A 276 -20.65 -26.10 -10.83
CA TYR A 276 -22.09 -26.42 -10.94
C TYR A 276 -22.84 -25.50 -9.98
N MET A 277 -23.96 -24.91 -10.44
CA MET A 277 -24.82 -24.12 -9.61
C MET A 277 -25.35 -25.00 -8.44
N THR A 278 -25.27 -24.51 -7.21
CA THR A 278 -25.88 -25.12 -5.98
C THR A 278 -27.41 -24.89 -5.89
N GLU A 279 -28.05 -25.59 -4.95
CA GLU A 279 -29.53 -25.40 -4.71
C GLU A 279 -29.70 -24.00 -4.12
N LYS A 280 -28.78 -23.60 -3.23
CA LYS A 280 -28.79 -22.26 -2.63
C LYS A 280 -28.77 -21.16 -3.72
N GLU A 281 -27.83 -21.28 -4.65
CA GLU A 281 -27.61 -20.32 -5.66
C GLU A 281 -28.84 -20.25 -6.58
N ALA A 282 -29.39 -21.40 -6.97
CA ALA A 282 -30.60 -21.42 -7.85
C ALA A 282 -31.81 -20.81 -7.14
N ALA A 283 -31.94 -21.05 -5.83
CA ALA A 283 -33.12 -20.77 -5.02
C ALA A 283 -33.27 -19.25 -4.81
N GLY A 284 -32.17 -18.51 -4.85
CA GLY A 284 -32.22 -17.06 -4.67
C GLY A 284 -32.63 -16.31 -5.92
N VAL A 285 -32.87 -17.00 -7.04
CA VAL A 285 -33.28 -16.36 -8.30
C VAL A 285 -34.81 -16.48 -8.45
N PHE A 286 -35.49 -15.33 -8.59
CA PHE A 286 -36.93 -15.22 -8.78
C PHE A 286 -37.34 -15.85 -10.13
N GLN A 287 -38.40 -16.66 -10.14
CA GLN A 287 -38.76 -17.40 -11.37
C GLN A 287 -39.98 -16.80 -12.07
N ASP A 288 -39.85 -16.77 -13.40
CA ASP A 288 -40.52 -15.86 -14.31
C ASP A 288 -40.66 -16.57 -15.66
N ASP A 289 -41.60 -16.11 -16.50
CA ASP A 289 -41.87 -16.70 -17.82
C ASP A 289 -41.54 -15.67 -18.92
N GLY A 290 -40.60 -14.76 -18.62
CA GLY A 290 -39.96 -13.84 -19.58
C GLY A 290 -38.42 -13.84 -19.46
N ALA A 291 -37.90 -14.88 -18.75
CA ALA A 291 -36.46 -15.20 -18.48
C ALA A 291 -36.24 -16.74 -18.62
N LYS A 292 -34.95 -17.17 -18.59
CA LYS A 292 -34.49 -18.60 -18.72
C LYS A 292 -34.43 -19.28 -17.33
N PRO A 293 -35.14 -20.42 -17.05
CA PRO A 293 -35.17 -21.00 -15.68
C PRO A 293 -33.89 -21.70 -15.15
N ARG A 294 -33.11 -20.98 -14.32
CA ARG A 294 -31.77 -21.39 -13.74
C ARG A 294 -31.95 -22.57 -12.75
N LEU A 295 -31.44 -23.77 -13.07
CA LEU A 295 -31.69 -25.03 -12.32
C LEU A 295 -30.46 -25.46 -11.53
N PRO A 296 -30.59 -26.12 -10.36
CA PRO A 296 -29.42 -26.55 -9.62
C PRO A 296 -28.76 -27.63 -10.47
N GLY A 297 -27.43 -27.75 -10.40
CA GLY A 297 -26.71 -28.79 -11.12
C GLY A 297 -26.25 -28.36 -12.50
N THR A 298 -26.67 -27.18 -12.96
CA THR A 298 -26.21 -26.64 -14.23
C THR A 298 -24.68 -26.35 -14.17
N ARG A 299 -23.98 -26.78 -15.22
CA ARG A 299 -22.60 -26.54 -15.33
C ARG A 299 -22.38 -25.07 -15.70
N LEU A 300 -21.49 -24.41 -14.99
CA LEU A 300 -21.24 -23.05 -15.29
C LEU A 300 -20.21 -22.96 -16.38
N ALA A 301 -20.33 -21.90 -17.16
CA ALA A 301 -19.45 -21.69 -18.29
C ALA A 301 -18.29 -20.79 -17.83
N ALA A 302 -17.30 -21.41 -17.19
CA ALA A 302 -16.31 -20.67 -16.46
C ALA A 302 -14.96 -20.84 -17.14
N SER A 303 -14.33 -19.71 -17.49
CA SER A 303 -13.01 -19.71 -18.03
C SER A 303 -12.26 -18.47 -17.55
N TYR A 304 -10.97 -18.62 -17.29
CA TYR A 304 -10.18 -17.53 -16.86
C TYR A 304 -9.94 -16.59 -18.03
N VAL A 305 -10.18 -17.06 -19.24
CA VAL A 305 -9.99 -16.25 -20.42
C VAL A 305 -10.89 -14.99 -20.44
N ASN A 306 -12.02 -15.03 -19.75
CA ASN A 306 -12.92 -13.93 -19.72
C ASN A 306 -12.38 -12.86 -18.72
N PHE A 307 -11.21 -12.30 -19.06
CA PHE A 307 -10.63 -11.19 -18.28
C PHE A 307 -10.62 -9.89 -19.10
N TYR A 308 -10.35 -8.76 -18.45
CA TYR A 308 -10.35 -7.40 -19.10
C TYR A 308 -8.92 -6.87 -19.05
N ILE A 309 -8.42 -6.34 -20.16
CA ILE A 309 -7.18 -5.72 -20.20
C ILE A 309 -7.42 -4.23 -20.05
N ALA A 310 -6.95 -3.65 -18.94
CA ALA A 310 -7.02 -2.22 -18.67
C ALA A 310 -5.66 -1.63 -18.97
N ASN A 311 -5.51 -0.32 -18.94
CA ASN A 311 -4.23 0.30 -19.23
C ASN A 311 -3.23 -0.18 -18.14
N GLY A 312 -2.45 -1.20 -18.42
CA GLY A 312 -1.39 -1.55 -17.45
C GLY A 312 -1.81 -2.60 -16.41
N ALA A 313 -3.01 -3.16 -16.54
CA ALA A 313 -3.44 -4.21 -15.64
C ALA A 313 -4.31 -5.24 -16.37
N ILE A 314 -4.23 -6.48 -15.89
CA ILE A 314 -5.14 -7.51 -16.22
C ILE A 314 -6.07 -7.71 -15.04
N ILE A 315 -7.39 -7.65 -15.28
CA ILE A 315 -8.44 -7.82 -14.27
C ILE A 315 -9.06 -9.17 -14.52
N ALA A 316 -8.70 -10.14 -13.68
CA ALA A 316 -8.88 -11.54 -13.98
C ALA A 316 -9.76 -12.22 -12.95
N PRO A 317 -10.61 -13.16 -13.39
CA PRO A 317 -11.49 -13.89 -12.50
C PRO A 317 -10.78 -14.88 -11.55
N GLN A 318 -11.39 -15.02 -10.37
CA GLN A 318 -11.11 -16.06 -9.45
C GLN A 318 -12.47 -16.63 -9.05
N PHE A 319 -12.59 -17.96 -9.07
CA PHE A 319 -13.80 -18.68 -8.89
C PHE A 319 -13.85 -19.43 -7.57
N GLY A 320 -12.80 -19.38 -6.76
CA GLY A 320 -12.77 -20.07 -5.48
C GLY A 320 -12.36 -21.54 -5.64
N ASP A 321 -11.66 -21.88 -6.73
CA ASP A 321 -10.99 -23.19 -6.94
C ASP A 321 -9.50 -22.89 -6.89
N LYS A 322 -8.88 -23.13 -5.74
CA LYS A 322 -7.65 -22.52 -5.41
C LYS A 322 -6.52 -22.93 -6.36
N LYS A 323 -6.51 -24.21 -6.74
CA LYS A 323 -5.44 -24.66 -7.56
C LYS A 323 -5.37 -23.88 -8.88
N TRP A 324 -6.51 -23.79 -9.56
CA TRP A 324 -6.52 -23.24 -10.86
C TRP A 324 -6.61 -21.70 -10.81
N ASP A 325 -7.20 -21.17 -9.74
CA ASP A 325 -7.22 -19.71 -9.51
C ASP A 325 -5.78 -19.22 -9.47
N ASP A 326 -4.90 -19.92 -8.76
CA ASP A 326 -3.50 -19.53 -8.56
C ASP A 326 -2.69 -19.76 -9.84
N GLU A 327 -3.04 -20.77 -10.59
CA GLU A 327 -2.30 -21.12 -11.83
C GLU A 327 -2.61 -20.13 -12.95
N ALA A 328 -3.82 -19.62 -12.93
CA ALA A 328 -4.24 -18.69 -13.92
C ALA A 328 -3.57 -17.33 -13.71
N ILE A 329 -3.44 -16.92 -12.44
CA ILE A 329 -2.78 -15.67 -12.11
C ILE A 329 -1.33 -15.77 -12.57
N ARG A 330 -0.74 -16.94 -12.36
CA ARG A 330 0.65 -17.19 -12.77
C ARG A 330 0.76 -17.09 -14.30
N VAL A 331 -0.13 -17.79 -15.01
CA VAL A 331 -0.05 -17.75 -16.46
C VAL A 331 -0.27 -16.33 -17.00
N LEU A 332 -1.19 -15.61 -16.42
CA LEU A 332 -1.51 -14.29 -16.88
C LEU A 332 -0.37 -13.34 -16.55
N SER A 333 0.29 -13.52 -15.39
CA SER A 333 1.43 -12.68 -15.05
C SER A 333 2.59 -12.87 -16.02
N LYS A 334 2.82 -14.08 -16.49
CA LYS A 334 3.94 -14.28 -17.42
C LYS A 334 3.55 -13.92 -18.86
N THR A 335 2.27 -14.07 -19.16
CA THR A 335 1.78 -13.79 -20.52
C THR A 335 1.75 -12.28 -20.77
N PHE A 336 1.45 -11.52 -19.72
CA PHE A 336 1.46 -10.05 -19.77
C PHE A 336 2.50 -9.49 -18.81
N PRO A 337 3.80 -9.59 -19.15
CA PRO A 337 4.87 -9.30 -18.20
C PRO A 337 4.97 -7.83 -17.77
N HIS A 338 4.32 -6.94 -18.51
CA HIS A 338 4.33 -5.50 -18.20
C HIS A 338 3.04 -5.03 -17.56
N HIS A 339 2.13 -5.94 -17.29
CA HIS A 339 0.92 -5.60 -16.59
C HIS A 339 0.99 -6.13 -15.15
N GLU A 340 0.26 -5.39 -14.32
CA GLU A 340 -0.05 -5.82 -12.95
C GLU A 340 -1.26 -6.74 -13.12
N VAL A 341 -1.23 -7.94 -12.54
CA VAL A 341 -2.36 -8.82 -12.64
C VAL A 341 -3.13 -8.82 -11.32
N VAL A 342 -4.42 -8.51 -11.39
CA VAL A 342 -5.28 -8.35 -10.27
C VAL A 342 -6.42 -9.38 -10.37
N GLY A 343 -6.47 -10.33 -9.45
CA GLY A 343 -7.58 -11.29 -9.44
C GLY A 343 -8.73 -10.77 -8.64
N ILE A 344 -9.94 -11.02 -9.11
CA ILE A 344 -11.12 -10.55 -8.49
C ILE A 344 -11.79 -11.70 -7.80
N GLU A 345 -11.70 -11.71 -6.48
CA GLU A 345 -12.37 -12.78 -5.71
C GLU A 345 -13.88 -12.60 -5.88
N GLY A 346 -14.61 -13.70 -5.91
CA GLY A 346 -16.07 -13.70 -6.03
C GLY A 346 -16.56 -13.62 -7.47
N SER A 347 -15.69 -13.83 -8.44
CA SER A 347 -16.16 -13.89 -9.87
C SER A 347 -17.23 -14.94 -10.08
N ARG A 348 -17.32 -15.92 -9.19
CA ARG A 348 -18.34 -16.98 -9.38
C ARG A 348 -19.71 -16.31 -9.44
N GLU A 349 -19.88 -15.20 -8.71
CA GLU A 349 -21.16 -14.51 -8.61
C GLU A 349 -21.58 -13.90 -9.94
N ILE A 350 -20.61 -13.71 -10.84
CA ILE A 350 -20.95 -13.27 -12.15
C ILE A 350 -21.19 -14.46 -13.06
N VAL A 351 -20.34 -15.49 -13.01
CA VAL A 351 -20.63 -16.64 -13.84
C VAL A 351 -21.97 -17.28 -13.48
N LEU A 352 -22.49 -17.14 -12.26
CA LEU A 352 -23.81 -17.79 -12.03
C LEU A 352 -24.89 -17.24 -12.94
N SER A 353 -24.70 -16.04 -13.49
CA SER A 353 -25.70 -15.35 -14.26
C SER A 353 -25.32 -15.22 -15.73
N GLY A 354 -24.24 -15.88 -16.14
CA GLY A 354 -24.01 -16.06 -17.54
C GLY A 354 -22.74 -15.46 -18.14
N GLY A 355 -21.80 -14.92 -17.33
CA GLY A 355 -20.64 -14.26 -17.88
C GLY A 355 -19.64 -13.88 -16.82
N ASN A 356 -18.57 -13.21 -17.21
CA ASN A 356 -17.58 -12.82 -16.25
C ASN A 356 -17.14 -11.38 -16.54
N ILE A 357 -15.92 -11.05 -16.14
CA ILE A 357 -15.37 -9.70 -16.17
C ILE A 357 -15.28 -9.12 -17.60
N HIS A 358 -14.84 -9.93 -18.55
CA HIS A 358 -14.80 -9.37 -19.92
C HIS A 358 -16.21 -9.06 -20.40
N CYS A 359 -17.19 -9.89 -20.00
CA CYS A 359 -18.59 -9.71 -20.44
C CYS A 359 -19.22 -8.45 -19.86
N ILE A 360 -18.68 -7.95 -18.75
CA ILE A 360 -19.33 -6.79 -18.15
C ILE A 360 -18.65 -5.47 -18.46
N THR A 361 -17.62 -5.51 -19.28
CA THR A 361 -16.86 -4.30 -19.64
C THR A 361 -16.94 -3.96 -21.14
N GLN A 362 -16.72 -2.70 -21.49
CA GLN A 362 -16.56 -2.28 -22.85
C GLN A 362 -15.58 -1.13 -22.87
N GLN A 363 -14.37 -1.36 -23.41
CA GLN A 363 -13.33 -0.30 -23.47
C GLN A 363 -13.72 0.79 -24.48
N GLN A 364 -13.31 2.02 -24.20
CA GLN A 364 -13.33 3.12 -25.14
C GLN A 364 -11.88 3.46 -25.46
N PRO A 365 -11.42 3.21 -26.69
CA PRO A 365 -10.05 3.48 -27.07
C PRO A 365 -9.74 4.97 -27.02
N ALA A 366 -8.53 5.29 -26.58
CA ALA A 366 -8.07 6.69 -26.63
C ALA A 366 -7.80 7.03 -28.10
N ILE A 367 -7.88 8.32 -28.44
CA ILE A 367 -7.52 8.76 -29.83
C ILE A 367 -6.41 9.82 -29.79
N GLY B 5 -12.28 30.80 -3.80
CA GLY B 5 -12.43 32.03 -4.68
C GLY B 5 -13.45 31.85 -5.82
N PHE B 6 -14.56 31.13 -5.56
CA PHE B 6 -15.60 30.80 -6.59
C PHE B 6 -16.70 31.87 -6.59
N HIS B 7 -17.25 32.20 -7.76
CA HIS B 7 -18.39 33.09 -7.79
C HIS B 7 -19.31 32.70 -8.93
N MET B 8 -20.59 33.04 -8.79
CA MET B 8 -21.53 32.84 -9.87
C MET B 8 -21.33 33.93 -10.93
N PRO B 9 -20.91 33.61 -12.18
CA PRO B 9 -20.83 34.61 -13.22
C PRO B 9 -22.26 34.92 -13.69
N ALA B 10 -22.39 36.08 -14.33
CA ALA B 10 -23.62 36.59 -14.84
C ALA B 10 -24.07 35.79 -16.07
N GLU B 11 -25.37 35.84 -16.35
CA GLU B 11 -25.98 35.02 -17.42
C GLU B 11 -25.41 35.42 -18.79
N TRP B 12 -25.05 36.69 -18.99
CA TRP B 12 -24.63 37.14 -20.33
C TRP B 12 -23.19 36.72 -20.60
N GLU B 13 -22.47 36.24 -19.58
CA GLU B 13 -21.08 35.76 -19.76
C GLU B 13 -21.03 34.43 -20.52
N PRO B 14 -19.89 34.04 -21.16
CA PRO B 14 -19.95 32.98 -22.15
C PRO B 14 -20.19 31.59 -21.54
N HIS B 15 -20.99 30.79 -22.23
CA HIS B 15 -21.36 29.48 -21.83
C HIS B 15 -20.68 28.43 -22.70
N SER B 16 -20.43 27.24 -22.11
CA SER B 16 -20.00 26.05 -22.87
C SER B 16 -21.25 25.27 -23.24
N GLN B 17 -22.29 25.24 -22.37
CA GLN B 17 -23.53 24.57 -22.77
C GLN B 17 -24.72 25.02 -21.93
N CYS B 18 -25.90 24.63 -22.42
CA CYS B 18 -27.18 24.84 -21.73
C CYS B 18 -27.80 23.49 -21.42
N TRP B 19 -28.28 23.33 -20.19
CA TRP B 19 -29.06 22.18 -19.77
C TRP B 19 -30.55 22.47 -19.77
N ILE B 20 -31.35 21.56 -20.34
CA ILE B 20 -32.79 21.63 -20.35
C ILE B 20 -33.40 20.28 -20.02
N GLY B 21 -34.52 20.28 -19.32
CA GLY B 21 -35.33 19.08 -18.99
C GLY B 21 -36.40 18.80 -20.04
N TRP B 22 -37.07 17.65 -20.00
CA TRP B 22 -38.06 17.25 -21.03
C TRP B 22 -39.40 17.03 -20.38
N PRO B 23 -40.48 17.74 -20.73
CA PRO B 23 -41.73 17.64 -19.96
C PRO B 23 -42.46 16.34 -20.29
N GLU B 24 -43.08 15.70 -19.29
CA GLU B 24 -43.83 14.46 -19.57
C GLU B 24 -45.03 14.25 -18.64
N ARG B 25 -45.04 14.84 -17.43
CA ARG B 25 -46.06 14.42 -16.47
C ARG B 25 -47.42 15.05 -16.83
N ALA B 26 -48.46 14.22 -16.86
CA ALA B 26 -49.70 14.59 -17.53
C ALA B 26 -50.59 15.32 -16.54
N ASP B 27 -50.25 15.26 -15.25
CA ASP B 27 -50.95 16.00 -14.18
C ASP B 27 -50.43 17.44 -14.10
N ASN B 28 -49.59 17.85 -15.06
CA ASN B 28 -49.16 19.23 -15.06
C ASN B 28 -49.14 19.77 -16.48
N TRP B 29 -48.83 18.95 -17.47
CA TRP B 29 -48.81 19.34 -18.84
C TRP B 29 -49.96 18.71 -19.63
N ARG B 30 -50.81 19.57 -20.22
CA ARG B 30 -52.07 19.14 -20.91
C ARG B 30 -51.78 18.22 -22.10
N ASP B 31 -52.68 17.26 -22.32
CA ASP B 31 -52.58 16.25 -23.42
C ASP B 31 -51.26 15.49 -23.31
N GLY B 32 -50.98 14.96 -22.12
CA GLY B 32 -49.70 14.28 -21.82
C GLY B 32 -48.46 15.01 -22.35
N ALA B 33 -48.44 16.35 -22.21
CA ALA B 33 -47.29 17.16 -22.53
C ALA B 33 -46.96 17.31 -24.04
N VAL B 34 -47.84 16.90 -24.96
CA VAL B 34 -47.47 16.92 -26.39
C VAL B 34 -47.23 18.36 -26.88
N HIS B 35 -48.03 19.33 -26.41
CA HIS B 35 -47.87 20.75 -26.80
C HIS B 35 -46.55 21.33 -26.30
N ALA B 36 -46.24 21.04 -25.03
CA ALA B 36 -45.01 21.53 -24.43
C ALA B 36 -43.73 20.97 -25.06
N GLN B 37 -43.73 19.68 -25.40
CA GLN B 37 -42.61 19.05 -26.05
C GLN B 37 -42.25 19.79 -27.34
N LEU B 38 -43.25 20.14 -28.16
CA LEU B 38 -42.98 20.94 -29.31
C LEU B 38 -42.28 22.26 -28.94
N VAL B 39 -42.69 22.89 -27.86
CA VAL B 39 -42.12 24.21 -27.48
C VAL B 39 -40.69 24.04 -26.96
N PHE B 40 -40.44 23.03 -26.14
CA PHE B 40 -39.07 22.80 -25.57
C PHE B 40 -38.08 22.51 -26.70
N THR B 41 -38.56 21.73 -27.69
CA THR B 41 -37.81 21.48 -28.94
C THR B 41 -37.37 22.78 -29.63
N ARG B 42 -38.35 23.69 -29.82
CA ARG B 42 -38.13 25.00 -30.46
C ARG B 42 -37.09 25.78 -29.62
N VAL B 43 -37.27 25.73 -28.30
CA VAL B 43 -36.44 26.52 -27.42
C VAL B 43 -35.02 25.98 -27.54
N ALA B 44 -34.90 24.65 -27.50
CA ALA B 44 -33.54 24.02 -27.55
C ALA B 44 -32.86 24.22 -28.92
N ALA B 45 -33.66 24.18 -30.00
CA ALA B 45 -33.15 24.39 -31.32
C ALA B 45 -32.61 25.81 -31.43
N ALA B 46 -33.36 26.73 -30.85
CA ALA B 46 -33.00 28.11 -30.96
C ALA B 46 -31.67 28.34 -30.19
N ILE B 47 -31.60 27.86 -28.95
CA ILE B 47 -30.41 28.07 -28.14
C ILE B 47 -29.18 27.39 -28.77
N SER B 48 -29.46 26.25 -29.41
CA SER B 48 -28.39 25.45 -29.96
C SER B 48 -27.76 26.15 -31.17
N ARG B 49 -28.35 27.26 -31.60
CA ARG B 49 -27.73 28.04 -32.70
C ARG B 49 -26.59 28.85 -32.09
N PHE B 50 -26.53 28.93 -30.76
CA PHE B 50 -25.61 29.84 -30.11
C PHE B 50 -24.65 29.13 -29.14
N GLU B 51 -25.01 27.93 -28.66
CA GLU B 51 -24.23 27.23 -27.62
C GLU B 51 -24.69 25.76 -27.56
N LYS B 52 -23.81 24.86 -27.14
CA LYS B 52 -24.15 23.44 -27.12
C LYS B 52 -25.28 23.24 -26.11
N VAL B 53 -26.22 22.37 -26.47
CA VAL B 53 -27.36 22.09 -25.62
C VAL B 53 -27.38 20.60 -25.28
N THR B 54 -27.79 20.29 -24.05
CA THR B 54 -28.07 18.96 -23.61
C THR B 54 -29.46 18.98 -23.00
N VAL B 55 -30.34 18.16 -23.57
CA VAL B 55 -31.65 17.90 -23.00
C VAL B 55 -31.63 16.57 -22.22
N CYS B 56 -32.37 16.55 -21.11
CA CYS B 56 -32.41 15.46 -20.21
C CYS B 56 -33.83 14.90 -20.17
N ALA B 57 -33.97 13.64 -20.58
CA ALA B 57 -35.27 13.01 -20.62
C ALA B 57 -35.22 11.71 -19.83
N SER B 58 -36.38 11.27 -19.36
CA SER B 58 -36.43 10.07 -18.61
C SER B 58 -36.33 8.91 -19.62
N SER B 59 -36.21 7.72 -19.06
CA SER B 59 -36.19 6.46 -19.81
C SER B 59 -37.42 6.36 -20.70
N ALA B 60 -38.62 6.63 -20.18
CA ALA B 60 -39.83 6.46 -20.95
C ALA B 60 -39.93 7.45 -22.11
N GLN B 61 -39.16 8.54 -22.12
CA GLN B 61 -39.23 9.61 -23.11
C GLN B 61 -37.97 9.75 -23.97
N TRP B 62 -36.94 8.96 -23.67
CA TRP B 62 -35.66 9.18 -24.32
C TRP B 62 -35.81 9.14 -25.86
N GLU B 63 -36.43 8.08 -26.39
CA GLU B 63 -36.58 7.96 -27.86
C GLU B 63 -37.39 9.14 -28.41
N ASN B 64 -38.47 9.51 -27.73
CA ASN B 64 -39.36 10.59 -28.21
C ASN B 64 -38.57 11.91 -28.27
N ALA B 65 -37.80 12.23 -27.23
CA ALA B 65 -36.96 13.42 -27.22
C ALA B 65 -35.86 13.36 -28.28
N ARG B 66 -35.23 12.18 -28.46
CA ARG B 66 -34.19 12.06 -29.40
C ARG B 66 -34.73 12.26 -30.84
N ASN B 67 -35.99 11.88 -31.05
CA ASN B 67 -36.60 11.96 -32.37
C ASN B 67 -36.83 13.44 -32.69
N GLN B 68 -37.40 14.19 -31.72
CA GLN B 68 -37.90 15.56 -31.94
C GLN B 68 -36.74 16.54 -32.03
N LEU B 69 -35.64 16.26 -31.34
CA LEU B 69 -34.48 17.20 -31.25
C LEU B 69 -33.45 16.99 -32.34
N PRO B 70 -32.83 18.08 -32.85
CA PRO B 70 -31.81 17.96 -33.88
C PRO B 70 -30.61 17.20 -33.32
N ASP B 71 -29.88 16.65 -34.25
CA ASP B 71 -28.78 15.78 -34.03
C ASP B 71 -27.69 16.49 -33.21
N HIS B 72 -27.54 17.80 -33.38
CA HIS B 72 -26.46 18.51 -32.74
C HIS B 72 -26.83 18.78 -31.26
N VAL B 73 -28.05 18.47 -30.84
CA VAL B 73 -28.46 18.54 -29.46
C VAL B 73 -28.21 17.16 -28.83
N ARG B 74 -27.45 17.14 -27.73
CA ARG B 74 -27.17 15.89 -26.95
C ARG B 74 -28.41 15.56 -26.09
N VAL B 75 -28.77 14.28 -26.03
CA VAL B 75 -29.95 13.88 -25.25
C VAL B 75 -29.46 12.83 -24.27
N VAL B 76 -29.51 13.12 -22.98
CA VAL B 76 -29.12 12.09 -22.03
C VAL B 76 -30.31 11.65 -21.17
N GLU B 77 -30.12 10.53 -20.49
CA GLU B 77 -31.19 9.98 -19.70
C GLU B 77 -30.98 10.42 -18.24
N ILE B 78 -31.68 11.46 -17.81
CA ILE B 78 -31.72 11.91 -16.43
C ILE B 78 -33.19 12.14 -16.10
N SER B 79 -33.72 11.30 -15.22
CA SER B 79 -35.11 11.37 -14.92
C SER B 79 -35.32 12.47 -13.89
N SER B 80 -36.49 13.11 -13.94
CA SER B 80 -36.83 14.13 -12.96
C SER B 80 -38.31 14.05 -12.64
N ASN B 81 -38.76 14.69 -11.57
CA ASN B 81 -40.20 14.69 -11.26
C ASN B 81 -40.91 15.68 -12.20
N ASP B 82 -40.26 16.79 -12.54
CA ASP B 82 -40.77 17.67 -13.58
C ASP B 82 -39.59 18.38 -14.24
N SER B 83 -39.85 19.23 -15.20
CA SER B 83 -38.79 19.63 -16.10
C SER B 83 -38.45 21.13 -15.98
N TRP B 84 -38.07 21.58 -14.77
CA TRP B 84 -37.73 22.96 -14.53
C TRP B 84 -36.24 23.15 -14.14
N PHE B 85 -35.33 23.12 -15.13
CA PHE B 85 -33.93 22.93 -14.82
C PHE B 85 -33.29 24.23 -14.31
N ARG B 86 -34.04 25.34 -14.36
CA ARG B 86 -33.54 26.54 -13.72
C ARG B 86 -33.47 26.29 -12.20
N ASP B 87 -34.47 25.58 -11.67
CA ASP B 87 -34.67 25.36 -10.24
C ASP B 87 -34.06 24.03 -9.77
N ILE B 88 -34.09 22.98 -10.59
CA ILE B 88 -33.66 21.73 -10.06
C ILE B 88 -32.27 21.37 -10.61
N GLY B 89 -31.75 22.08 -11.61
CA GLY B 89 -30.40 21.82 -12.08
C GLY B 89 -29.40 22.53 -11.14
N PRO B 90 -28.08 22.34 -11.29
CA PRO B 90 -27.13 23.06 -10.42
C PRO B 90 -26.87 24.52 -10.83
N THR B 91 -26.41 25.32 -9.86
CA THR B 91 -25.93 26.63 -10.11
C THR B 91 -24.40 26.59 -10.25
N PHE B 92 -23.89 26.82 -11.46
CA PHE B 92 -22.44 26.71 -11.65
C PHE B 92 -21.74 27.95 -11.12
N VAL B 93 -20.54 27.78 -10.57
CA VAL B 93 -19.69 28.83 -10.12
C VAL B 93 -18.27 28.53 -10.59
N VAL B 94 -17.48 29.61 -10.74
CA VAL B 94 -16.15 29.57 -11.38
C VAL B 94 -15.12 30.34 -10.54
N ARG B 95 -13.88 29.96 -10.80
CA ARG B 95 -12.71 30.61 -10.21
C ARG B 95 -11.71 30.91 -11.32
N ARG B 96 -11.59 32.18 -11.71
CA ARG B 96 -10.53 32.61 -12.67
C ARG B 96 -9.21 32.82 -11.90
N GLU B 97 -8.09 32.92 -12.64
CA GLU B 97 -6.67 32.83 -12.10
C GLU B 97 -6.36 33.99 -11.12
N GLU B 105 -5.66 22.32 -10.60
CA GLU B 105 -6.42 23.37 -9.86
C GLU B 105 -7.81 23.57 -10.51
N HIS B 106 -8.90 23.09 -9.85
CA HIS B 106 -10.34 23.14 -10.38
C HIS B 106 -10.84 24.58 -10.57
N ARG B 107 -11.38 24.89 -11.78
CA ARG B 107 -11.85 26.26 -12.09
C ARG B 107 -13.38 26.40 -12.18
N ILE B 108 -14.12 25.29 -12.17
CA ILE B 108 -15.58 25.32 -12.15
C ILE B 108 -16.10 24.29 -11.14
N ALA B 109 -17.22 24.65 -10.49
CA ALA B 109 -17.92 23.70 -9.62
C ALA B 109 -19.40 23.96 -9.70
N GLY B 110 -20.19 23.07 -9.14
CA GLY B 110 -21.61 23.33 -9.02
C GLY B 110 -22.10 23.30 -7.59
N ILE B 111 -23.07 24.16 -7.28
CA ILE B 111 -23.73 24.19 -5.98
C ILE B 111 -24.98 23.32 -6.02
N ASP B 112 -25.07 22.39 -5.09
CA ASP B 112 -26.24 21.57 -5.04
C ASP B 112 -27.12 22.05 -3.88
N TRP B 113 -27.90 23.10 -4.12
CA TRP B 113 -28.87 23.58 -3.13
C TRP B 113 -29.87 22.47 -2.83
N THR B 114 -30.49 22.47 -1.66
CA THR B 114 -31.56 21.57 -1.34
C THR B 114 -32.79 22.11 -2.07
N PHE B 115 -33.62 21.18 -2.51
CA PHE B 115 -34.83 21.48 -3.30
C PHE B 115 -35.99 20.85 -2.56
N ASN B 116 -37.16 21.50 -2.57
CA ASN B 116 -38.31 20.95 -1.80
C ASN B 116 -39.64 21.21 -2.51
N SER B 117 -39.61 21.17 -3.84
CA SER B 117 -40.78 21.44 -4.70
C SER B 117 -41.40 22.79 -4.35
N TRP B 118 -40.55 23.81 -4.18
CA TRP B 118 -41.08 25.21 -4.06
C TRP B 118 -42.04 25.37 -2.87
N GLY B 119 -41.75 24.69 -1.77
CA GLY B 119 -42.43 24.90 -0.56
C GLY B 119 -42.84 23.63 0.17
N GLY B 120 -42.26 22.46 -0.16
CA GLY B 120 -42.34 21.25 0.75
C GLY B 120 -43.71 20.59 0.69
N LEU B 121 -43.97 19.72 1.67
CA LEU B 121 -45.18 18.90 1.72
C LEU B 121 -46.43 19.79 1.82
N GLU B 122 -46.29 20.92 2.57
CA GLU B 122 -47.42 21.77 2.95
C GLU B 122 -47.83 22.74 1.84
N ASP B 123 -46.86 23.29 1.10
CA ASP B 123 -47.08 24.48 0.25
C ASP B 123 -46.29 24.40 -1.10
N GLY B 124 -45.73 23.23 -1.40
CA GLY B 124 -44.98 23.00 -2.66
C GLY B 124 -45.90 22.59 -3.82
N CYS B 125 -45.32 22.21 -4.97
CA CYS B 125 -46.13 21.90 -6.16
C CYS B 125 -46.52 20.44 -6.27
N TYR B 126 -45.64 19.50 -5.86
CA TYR B 126 -45.98 18.07 -5.82
C TYR B 126 -45.31 17.44 -4.61
N CYS B 127 -45.89 16.31 -4.18
CA CYS B 127 -45.65 15.70 -2.88
C CYS B 127 -44.38 14.82 -2.91
N ASP B 128 -43.89 14.46 -4.11
CA ASP B 128 -42.63 13.67 -4.30
C ASP B 128 -41.63 14.45 -5.18
N TRP B 129 -40.45 14.77 -4.63
CA TRP B 129 -39.39 15.47 -5.39
C TRP B 129 -38.03 14.75 -5.33
N SER B 130 -38.06 13.45 -5.07
CA SER B 130 -36.83 12.80 -4.79
C SER B 130 -35.98 12.59 -6.05
N LEU B 131 -36.58 12.43 -7.26
CA LEU B 131 -35.83 12.42 -8.54
C LEU B 131 -35.26 13.80 -8.83
N ASP B 132 -36.08 14.82 -8.64
CA ASP B 132 -35.62 16.17 -8.80
C ASP B 132 -34.39 16.51 -7.94
N SER B 133 -34.38 15.99 -6.69
CA SER B 133 -33.26 16.22 -5.76
C SER B 133 -31.94 15.70 -6.32
N LEU B 134 -31.97 14.62 -7.11
CA LEU B 134 -30.75 14.02 -7.68
C LEU B 134 -30.25 14.65 -8.98
N VAL B 135 -30.99 15.60 -9.55
CA VAL B 135 -30.65 16.06 -10.86
C VAL B 135 -29.30 16.79 -10.81
N LYS B 136 -29.10 17.49 -9.72
CA LYS B 136 -27.89 18.24 -9.60
C LYS B 136 -26.69 17.29 -9.52
N LYS B 137 -26.76 16.30 -8.62
CA LYS B 137 -25.70 15.29 -8.50
C LYS B 137 -25.41 14.70 -9.89
N LYS B 138 -26.49 14.40 -10.63
CA LYS B 138 -26.35 13.58 -11.83
C LYS B 138 -25.69 14.37 -12.96
N ILE B 139 -26.17 15.60 -13.15
CA ILE B 139 -25.59 16.48 -14.12
C ILE B 139 -24.09 16.70 -13.87
N LEU B 140 -23.72 16.92 -12.62
CA LEU B 140 -22.33 17.22 -12.31
C LEU B 140 -21.48 15.94 -12.43
N ASP B 141 -22.07 14.79 -12.10
CA ASP B 141 -21.42 13.47 -12.29
C ASP B 141 -21.10 13.27 -13.78
N VAL B 142 -22.07 13.59 -14.64
CA VAL B 142 -21.91 13.41 -16.08
C VAL B 142 -20.77 14.28 -16.56
N GLU B 143 -20.68 15.50 -16.03
CA GLU B 143 -19.66 16.49 -16.50
C GLU B 143 -18.33 16.32 -15.73
N ARG B 144 -18.33 15.49 -14.68
CA ARG B 144 -17.13 15.29 -13.86
C ARG B 144 -16.70 16.67 -13.30
N ILE B 145 -17.68 17.38 -12.73
CA ILE B 145 -17.55 18.71 -12.12
C ILE B 145 -17.83 18.58 -10.63
N PRO B 146 -16.92 19.06 -9.76
CA PRO B 146 -17.10 18.95 -8.31
C PRO B 146 -18.39 19.64 -7.86
N ARG B 147 -18.98 19.05 -6.82
CA ARG B 147 -20.29 19.50 -6.32
C ARG B 147 -20.16 20.03 -4.89
N PHE B 148 -20.67 21.23 -4.67
CA PHE B 148 -20.73 21.80 -3.32
C PHE B 148 -22.13 21.64 -2.76
N SER B 149 -22.26 20.69 -1.85
CA SER B 149 -23.55 20.39 -1.18
C SER B 149 -23.96 21.53 -0.25
N HIS B 150 -25.21 21.94 -0.30
CA HIS B 150 -25.73 22.98 0.57
C HIS B 150 -27.13 22.56 1.07
N SER B 151 -27.29 22.68 2.39
CA SER B 151 -28.43 22.27 3.15
C SER B 151 -29.54 23.35 3.10
N MET B 152 -29.22 24.53 2.62
CA MET B 152 -30.22 25.54 2.53
C MET B 152 -31.12 25.25 1.32
N VAL B 153 -32.45 25.42 1.45
CA VAL B 153 -33.35 25.32 0.29
C VAL B 153 -33.21 26.58 -0.59
N LEU B 154 -33.01 26.37 -1.88
CA LEU B 154 -32.89 27.48 -2.83
C LEU B 154 -33.14 26.98 -4.26
N GLU B 155 -33.68 27.87 -5.10
CA GLU B 155 -33.96 27.63 -6.53
C GLU B 155 -33.17 28.64 -7.35
N GLY B 156 -32.60 28.24 -8.49
CA GLY B 156 -31.80 29.16 -9.32
C GLY B 156 -32.65 30.31 -9.81
N GLY B 157 -33.94 30.06 -9.98
CA GLY B 157 -34.94 31.01 -10.40
C GLY B 157 -35.15 32.12 -9.39
N SER B 158 -34.78 31.90 -8.11
CA SER B 158 -35.07 32.89 -7.07
C SER B 158 -33.93 33.90 -6.91
N ILE B 159 -32.87 33.83 -7.73
CA ILE B 159 -31.74 34.72 -7.59
C ILE B 159 -31.23 35.15 -8.97
N HIS B 160 -30.57 36.32 -9.03
CA HIS B 160 -29.95 36.92 -10.25
C HIS B 160 -28.69 37.70 -9.85
N VAL B 161 -27.65 37.66 -10.68
CA VAL B 161 -26.36 38.26 -10.34
C VAL B 161 -25.80 39.05 -11.53
N ASP B 162 -24.96 40.05 -11.23
CA ASP B 162 -24.43 40.89 -12.27
C ASP B 162 -23.02 40.41 -12.61
N GLY B 163 -22.53 39.43 -11.84
CA GLY B 163 -21.18 38.93 -12.01
C GLY B 163 -20.15 39.92 -11.49
N GLU B 164 -20.58 40.89 -10.69
CA GLU B 164 -19.61 41.96 -10.15
C GLU B 164 -19.92 42.25 -8.68
N GLY B 165 -20.50 41.26 -7.99
CA GLY B 165 -20.68 41.32 -6.56
C GLY B 165 -22.10 41.57 -6.11
N THR B 166 -23.02 41.79 -7.04
CA THR B 166 -24.39 42.06 -6.66
C THR B 166 -25.33 40.89 -7.01
N CYS B 167 -26.35 40.75 -6.15
CA CYS B 167 -27.40 39.78 -6.27
C CYS B 167 -28.75 40.44 -6.04
N ILE B 168 -29.77 40.01 -6.77
CA ILE B 168 -31.15 40.45 -6.59
C ILE B 168 -32.05 39.26 -6.32
N THR B 169 -33.00 39.40 -5.41
CA THR B 169 -33.95 38.33 -5.09
C THR B 169 -35.19 38.97 -4.48
N THR B 170 -36.08 38.18 -3.89
CA THR B 170 -37.32 38.67 -3.37
C THR B 170 -37.50 38.02 -2.00
N GLU B 171 -38.10 38.77 -1.07
CA GLU B 171 -38.45 38.33 0.24
C GLU B 171 -39.66 37.41 0.17
N GLU B 172 -40.57 37.67 -0.77
CA GLU B 172 -41.78 36.87 -0.87
C GLU B 172 -41.42 35.36 -0.96
N CYS B 173 -40.32 35.08 -1.69
CA CYS B 173 -39.82 33.73 -1.90
C CYS B 173 -38.95 33.28 -0.72
N LEU B 174 -37.75 33.91 -0.57
CA LEU B 174 -36.70 33.42 0.28
C LEU B 174 -37.06 33.51 1.78
N LEU B 175 -37.89 34.48 2.14
CA LEU B 175 -38.31 34.59 3.56
C LEU B 175 -39.65 33.86 3.81
N ASN B 176 -40.18 33.13 2.82
CA ASN B 176 -41.35 32.24 3.08
C ASN B 176 -40.92 31.09 4.01
N LYS B 177 -41.80 30.78 4.96
CA LYS B 177 -41.57 29.74 5.95
C LYS B 177 -41.60 28.35 5.28
N ASN B 178 -42.02 28.31 4.02
CA ASN B 178 -42.01 27.04 3.33
C ASN B 178 -40.61 26.75 2.72
N ARG B 179 -39.61 27.63 2.93
CA ARG B 179 -38.30 27.43 2.33
C ARG B 179 -37.29 27.05 3.44
N ASN B 180 -36.88 28.04 4.23
CA ASN B 180 -35.90 27.84 5.27
C ASN B 180 -36.37 28.44 6.60
N PRO B 181 -37.34 27.77 7.22
CA PRO B 181 -38.05 28.36 8.35
C PRO B 181 -37.10 28.59 9.53
N HIS B 182 -35.96 27.91 9.61
CA HIS B 182 -35.11 28.06 10.80
C HIS B 182 -33.97 29.02 10.52
N LEU B 183 -33.93 29.64 9.33
CA LEU B 183 -32.91 30.67 9.06
C LEU B 183 -33.53 32.07 9.07
N SER B 184 -32.80 33.03 9.60
CA SER B 184 -33.16 34.42 9.51
C SER B 184 -32.87 34.97 8.11
N LYS B 185 -33.40 36.15 7.81
CA LYS B 185 -32.99 36.86 6.60
C LYS B 185 -31.47 37.00 6.48
N SER B 186 -30.86 37.37 7.59
CA SER B 186 -29.45 37.64 7.64
C SER B 186 -28.63 36.38 7.33
N GLN B 187 -28.99 35.25 7.94
CA GLN B 187 -28.34 33.96 7.72
C GLN B 187 -28.46 33.54 6.24
N ILE B 188 -29.65 33.72 5.67
CA ILE B 188 -29.88 33.45 4.28
C ILE B 188 -28.92 34.31 3.43
N GLU B 189 -28.85 35.61 3.75
CA GLU B 189 -28.03 36.56 2.97
C GLU B 189 -26.55 36.13 3.06
N ASP B 190 -26.16 35.62 4.23
CA ASP B 190 -24.77 35.15 4.47
C ASP B 190 -24.44 34.03 3.47
N GLU B 191 -25.35 33.07 3.34
CA GLU B 191 -25.06 31.92 2.45
C GLU B 191 -25.00 32.36 0.98
N LEU B 192 -25.83 33.31 0.57
CA LEU B 192 -25.72 33.77 -0.82
C LEU B 192 -24.34 34.40 -1.08
N LYS B 193 -23.87 35.19 -0.12
CA LYS B 193 -22.60 35.89 -0.24
C LYS B 193 -21.48 34.87 -0.38
N ALA B 194 -21.45 33.92 0.55
CA ALA B 194 -20.33 32.95 0.60
C ALA B 194 -20.33 32.09 -0.67
N TYR B 195 -21.51 31.73 -1.19
CA TYR B 195 -21.66 30.67 -2.20
C TYR B 195 -21.77 31.19 -3.62
N LEU B 196 -22.35 32.37 -3.84
CA LEU B 196 -22.38 33.01 -5.16
C LEU B 196 -21.21 33.99 -5.31
N GLY B 197 -20.50 34.27 -4.20
CA GLY B 197 -19.37 35.26 -4.18
C GLY B 197 -19.84 36.67 -4.51
N VAL B 198 -20.84 37.10 -3.75
CA VAL B 198 -21.42 38.45 -3.88
C VAL B 198 -21.22 39.21 -2.56
N ARG B 199 -21.06 40.53 -2.66
CA ARG B 199 -20.83 41.36 -1.48
C ARG B 199 -22.12 42.09 -1.07
N LYS B 200 -23.15 42.12 -1.93
CA LYS B 200 -24.39 42.79 -1.63
C LYS B 200 -25.56 42.11 -2.36
N VAL B 201 -26.67 42.03 -1.60
CA VAL B 201 -27.94 41.48 -1.96
C VAL B 201 -29.01 42.55 -1.81
N ILE B 202 -29.72 42.78 -2.92
CA ILE B 202 -30.90 43.66 -2.99
C ILE B 202 -32.14 42.79 -2.80
N TRP B 203 -32.97 43.12 -1.82
CA TRP B 203 -34.19 42.37 -1.60
C TRP B 203 -35.42 43.09 -2.15
N LEU B 204 -35.79 42.86 -3.41
CA LEU B 204 -37.17 43.24 -3.84
C LEU B 204 -38.12 42.60 -2.85
N PRO B 205 -39.14 43.32 -2.33
CA PRO B 205 -40.08 42.71 -1.37
C PRO B 205 -40.97 41.64 -2.00
N ARG B 206 -41.39 41.91 -3.24
CA ARG B 206 -42.31 41.04 -3.91
C ARG B 206 -41.91 40.83 -5.38
N GLY B 207 -42.34 39.66 -5.87
CA GLY B 207 -42.31 39.30 -7.27
C GLY B 207 -43.67 39.52 -7.96
N LEU B 208 -43.82 38.89 -9.12
CA LEU B 208 -45.00 38.93 -9.92
C LEU B 208 -46.26 38.43 -9.20
N TYR B 209 -47.35 39.16 -9.42
CA TYR B 209 -48.64 38.81 -8.96
C TYR B 209 -49.05 37.50 -9.63
N GLY B 210 -49.68 36.63 -8.82
CA GLY B 210 -50.28 35.38 -9.25
C GLY B 210 -49.26 34.26 -9.36
N ASP B 211 -48.01 34.49 -8.92
CA ASP B 211 -46.92 33.50 -9.01
C ASP B 211 -46.80 32.77 -7.66
N ASP B 212 -47.90 32.09 -7.30
CA ASP B 212 -48.11 31.35 -6.05
C ASP B 212 -47.49 29.96 -6.13
N ASP B 213 -47.03 29.55 -7.32
CA ASP B 213 -46.26 28.36 -7.50
C ASP B 213 -44.92 28.51 -6.75
N THR B 214 -44.14 29.50 -7.20
CA THR B 214 -42.77 29.72 -6.75
C THR B 214 -42.75 30.63 -5.51
N ASN B 215 -43.89 31.27 -5.19
CA ASN B 215 -44.01 32.36 -4.16
C ASN B 215 -43.12 33.53 -4.58
N GLY B 216 -43.07 33.83 -5.89
CA GLY B 216 -42.55 35.11 -6.38
C GLY B 216 -41.06 35.14 -6.75
N HIS B 217 -40.62 34.17 -7.56
CA HIS B 217 -39.25 34.18 -8.07
C HIS B 217 -38.93 35.53 -8.70
N VAL B 218 -37.75 36.02 -8.39
CA VAL B 218 -37.21 37.21 -9.03
C VAL B 218 -37.11 37.03 -10.56
N ASP B 219 -36.91 35.82 -11.09
CA ASP B 219 -36.60 35.66 -12.53
C ASP B 219 -37.86 35.98 -13.37
N ASN B 220 -39.00 36.16 -12.70
CA ASN B 220 -40.30 36.48 -13.30
C ASN B 220 -40.72 37.94 -13.08
N MET B 221 -39.93 38.67 -12.28
CA MET B 221 -40.12 40.03 -11.87
C MET B 221 -39.00 40.93 -12.39
N CYS B 222 -37.74 40.49 -12.34
CA CYS B 222 -36.64 41.40 -12.54
C CYS B 222 -35.34 40.69 -12.92
N CYS B 223 -34.59 41.19 -13.90
CA CYS B 223 -33.25 40.69 -14.16
C CYS B 223 -32.26 41.80 -14.59
N PHE B 224 -30.97 41.55 -14.40
CA PHE B 224 -29.92 42.41 -14.85
C PHE B 224 -29.78 42.32 -16.36
N VAL B 225 -29.43 43.44 -16.98
CA VAL B 225 -29.05 43.52 -18.39
C VAL B 225 -27.52 43.56 -18.54
N ARG B 226 -26.96 44.31 -17.61
CA ARG B 226 -25.51 44.57 -17.45
C ARG B 226 -25.33 45.09 -16.02
N PRO B 227 -24.10 45.21 -15.51
CA PRO B 227 -23.91 45.73 -14.16
C PRO B 227 -24.57 47.12 -14.07
N GLY B 228 -25.36 47.34 -13.02
CA GLY B 228 -26.04 48.61 -12.75
C GLY B 228 -27.14 48.94 -13.75
N ALA B 229 -27.86 47.91 -14.21
CA ALA B 229 -29.04 48.11 -15.08
C ALA B 229 -29.93 46.85 -15.11
N VAL B 230 -31.25 47.04 -15.03
CA VAL B 230 -32.20 45.96 -14.94
C VAL B 230 -33.45 46.24 -15.75
N LEU B 231 -34.00 45.16 -16.31
CA LEU B 231 -35.36 45.07 -16.79
C LEU B 231 -36.27 44.71 -15.63
N LEU B 232 -37.50 45.23 -15.70
CA LEU B 232 -38.48 45.08 -14.64
C LEU B 232 -39.87 44.86 -15.24
N SER B 233 -40.54 43.85 -14.70
CA SER B 233 -41.90 43.51 -15.04
C SER B 233 -42.83 44.68 -14.74
N TRP B 234 -43.55 45.16 -15.76
CA TRP B 234 -44.28 46.43 -15.64
C TRP B 234 -45.69 46.35 -16.23
N THR B 235 -46.62 47.06 -15.57
CA THR B 235 -47.92 47.43 -16.18
C THR B 235 -48.15 48.94 -15.97
N ASP B 236 -48.93 49.52 -16.90
CA ASP B 236 -49.41 50.94 -16.89
C ASP B 236 -50.75 51.06 -16.12
N ASP B 237 -51.55 49.98 -16.15
CA ASP B 237 -52.87 49.84 -15.53
C ASP B 237 -52.75 49.83 -14.01
N LYS B 238 -53.14 50.92 -13.35
CA LYS B 238 -53.02 51.09 -11.89
C LYS B 238 -54.20 50.44 -11.17
N THR B 239 -55.18 49.95 -11.95
CA THR B 239 -56.28 49.10 -11.41
C THR B 239 -55.87 47.62 -11.36
N ASP B 240 -54.65 47.27 -11.79
CA ASP B 240 -54.15 45.89 -11.78
C ASP B 240 -53.33 45.57 -10.52
N PRO B 241 -53.54 44.39 -9.93
CA PRO B 241 -52.83 44.00 -8.70
C PRO B 241 -51.29 44.02 -8.80
N GLN B 242 -50.82 43.93 -10.06
CA GLN B 242 -49.41 43.93 -10.43
C GLN B 242 -48.80 45.32 -10.25
N TYR B 243 -49.62 46.39 -10.37
CA TYR B 243 -49.10 47.75 -10.40
C TYR B 243 -48.35 48.03 -9.08
N GLU B 244 -48.98 47.79 -7.92
CA GLU B 244 -48.34 48.17 -6.63
C GLU B 244 -47.04 47.41 -6.36
N ARG B 245 -46.97 46.15 -6.82
CA ARG B 245 -45.76 45.34 -6.73
C ARG B 245 -44.63 45.92 -7.61
N SER B 246 -44.99 46.27 -8.85
CA SER B 246 -44.03 46.86 -9.74
C SER B 246 -43.62 48.24 -9.24
N GLU B 247 -44.58 49.03 -8.78
CA GLU B 247 -44.33 50.39 -8.35
C GLU B 247 -43.26 50.35 -7.24
N GLU B 248 -43.50 49.45 -6.28
CA GLU B 248 -42.71 49.25 -5.05
C GLU B 248 -41.26 48.88 -5.37
N ALA B 249 -41.08 48.00 -6.36
CA ALA B 249 -39.77 47.56 -6.78
C ALA B 249 -39.05 48.69 -7.51
N TYR B 250 -39.81 49.43 -8.33
CA TYR B 250 -39.28 50.60 -9.05
C TYR B 250 -38.69 51.61 -8.06
N SER B 251 -39.35 51.76 -6.90
CA SER B 251 -39.01 52.72 -5.87
C SER B 251 -37.66 52.36 -5.26
N LEU B 252 -37.51 51.07 -4.98
CA LEU B 252 -36.35 50.56 -4.34
C LEU B 252 -35.11 50.79 -5.21
N PHE B 253 -35.26 50.65 -6.52
CA PHE B 253 -34.13 50.85 -7.41
C PHE B 253 -33.71 52.33 -7.45
N SER B 254 -34.67 53.26 -7.27
CA SER B 254 -34.38 54.71 -7.17
C SER B 254 -33.44 55.01 -5.99
N SER B 255 -33.70 54.34 -4.85
CA SER B 255 -33.01 54.55 -3.57
C SER B 255 -31.66 53.82 -3.50
N VAL B 256 -31.59 52.54 -3.92
CA VAL B 256 -30.46 51.69 -3.53
C VAL B 256 -29.36 51.64 -4.62
N THR B 257 -28.12 51.34 -4.20
CA THR B 257 -26.95 51.17 -5.11
C THR B 257 -26.51 49.69 -5.15
N ASP B 258 -25.62 49.35 -6.08
CA ASP B 258 -25.10 48.01 -6.18
C ASP B 258 -23.81 47.86 -5.33
N ALA B 259 -23.09 46.77 -5.55
CA ALA B 259 -21.98 46.40 -4.68
C ALA B 259 -20.80 47.34 -4.88
N ASN B 260 -20.70 47.94 -6.07
CA ASN B 260 -19.67 48.88 -6.39
C ASN B 260 -20.21 50.31 -6.17
N GLY B 261 -21.34 50.47 -5.48
CA GLY B 261 -22.04 51.76 -5.25
C GLY B 261 -22.47 52.46 -6.54
N ARG B 262 -22.77 51.75 -7.63
CA ARG B 262 -23.42 52.33 -8.83
C ARG B 262 -24.94 52.38 -8.65
N LYS B 263 -25.56 53.38 -9.28
CA LYS B 263 -27.01 53.56 -9.30
C LYS B 263 -27.60 52.73 -10.47
N PHE B 264 -28.87 52.34 -10.34
CA PHE B 264 -29.51 51.42 -11.26
C PHE B 264 -30.31 52.16 -12.35
N GLU B 265 -29.92 51.96 -13.61
CA GLU B 265 -30.81 52.24 -14.69
C GLU B 265 -31.91 51.16 -14.71
N VAL B 266 -33.18 51.53 -14.59
CA VAL B 266 -34.32 50.58 -14.74
C VAL B 266 -34.98 50.69 -16.14
N ILE B 267 -35.16 49.54 -16.83
CA ILE B 267 -35.94 49.48 -18.09
C ILE B 267 -37.21 48.61 -17.91
N LYS B 268 -38.38 49.24 -18.09
CA LYS B 268 -39.67 48.63 -17.90
C LYS B 268 -39.99 47.72 -19.10
N LEU B 269 -40.74 46.65 -18.83
CA LEU B 269 -41.09 45.63 -19.80
C LEU B 269 -42.51 45.14 -19.49
N HIS B 270 -43.45 45.50 -20.36
CA HIS B 270 -44.85 45.38 -20.06
C HIS B 270 -45.22 43.91 -20.17
N VAL B 271 -45.96 43.47 -19.15
CA VAL B 271 -46.55 42.17 -19.10
C VAL B 271 -47.69 42.09 -20.10
N PRO B 272 -48.00 40.88 -20.60
CA PRO B 272 -49.12 40.68 -21.50
C PRO B 272 -50.39 40.52 -20.69
N GLY B 273 -51.52 40.46 -21.38
CA GLY B 273 -52.77 40.08 -20.76
C GLY B 273 -53.32 41.20 -19.88
N PRO B 274 -53.83 40.85 -18.70
CA PRO B 274 -53.67 39.58 -18.02
C PRO B 274 -54.13 38.32 -18.77
N LEU B 275 -53.49 37.16 -18.52
CA LEU B 275 -53.80 35.95 -19.26
C LEU B 275 -54.47 34.96 -18.33
N TYR B 276 -55.47 34.23 -18.84
CA TYR B 276 -56.22 33.35 -17.98
C TYR B 276 -56.39 32.00 -18.66
N MET B 277 -56.41 30.97 -17.83
CA MET B 277 -56.42 29.66 -18.33
C MET B 277 -57.81 29.30 -18.84
N THR B 278 -57.91 28.92 -20.12
CA THR B 278 -59.16 28.44 -20.72
C THR B 278 -59.60 27.14 -20.04
N GLU B 279 -60.82 26.74 -20.41
CA GLU B 279 -61.49 25.53 -19.96
C GLU B 279 -60.88 24.34 -20.66
N LYS B 280 -60.63 24.47 -21.97
CA LYS B 280 -59.95 23.49 -22.79
C LYS B 280 -58.60 23.14 -22.17
N GLU B 281 -57.88 24.19 -21.75
CA GLU B 281 -56.51 24.09 -21.20
C GLU B 281 -56.53 23.24 -19.90
N ALA B 282 -57.43 23.59 -18.97
CA ALA B 282 -57.55 22.90 -17.68
C ALA B 282 -57.98 21.43 -17.82
N ALA B 283 -58.88 21.13 -18.76
CA ALA B 283 -59.42 19.76 -18.94
C ALA B 283 -58.38 18.80 -19.55
N GLY B 284 -57.38 19.35 -20.27
CA GLY B 284 -56.27 18.57 -20.85
C GLY B 284 -55.38 17.91 -19.78
N VAL B 285 -55.50 18.35 -18.51
CA VAL B 285 -54.60 18.04 -17.37
C VAL B 285 -55.26 16.97 -16.48
N PHE B 286 -54.53 15.88 -16.21
CA PHE B 286 -55.06 14.73 -15.52
C PHE B 286 -55.17 15.07 -14.03
N GLN B 287 -56.25 14.62 -13.40
CA GLN B 287 -56.53 15.03 -12.04
C GLN B 287 -55.99 13.99 -11.06
N ASP B 288 -55.03 14.44 -10.26
CA ASP B 288 -54.29 13.61 -9.36
C ASP B 288 -54.01 14.42 -8.09
N ASP B 289 -53.90 13.71 -6.96
CA ASP B 289 -53.84 14.32 -5.62
C ASP B 289 -52.40 14.76 -5.26
N GLY B 290 -51.39 14.08 -5.82
CA GLY B 290 -49.99 14.41 -5.58
C GLY B 290 -49.46 15.59 -6.37
N ALA B 291 -50.34 16.40 -7.01
CA ALA B 291 -49.97 17.67 -7.78
C ALA B 291 -51.10 18.72 -7.69
N LYS B 292 -50.74 20.01 -7.86
CA LYS B 292 -51.61 21.22 -7.60
C LYS B 292 -52.74 21.37 -8.63
N PRO B 293 -54.07 21.34 -8.25
CA PRO B 293 -55.15 21.17 -9.22
C PRO B 293 -55.36 22.42 -10.09
N ARG B 294 -54.97 22.34 -11.38
CA ARG B 294 -55.05 23.43 -12.39
C ARG B 294 -56.53 23.70 -12.76
N LEU B 295 -57.06 24.86 -12.38
CA LEU B 295 -58.52 25.22 -12.50
C LEU B 295 -58.72 26.32 -13.56
N PRO B 296 -59.83 26.35 -14.33
CA PRO B 296 -60.11 27.44 -15.29
C PRO B 296 -60.23 28.80 -14.60
N GLY B 297 -60.03 29.88 -15.38
CA GLY B 297 -60.09 31.24 -14.85
C GLY B 297 -58.84 31.65 -14.07
N THR B 298 -57.85 30.75 -13.93
CA THR B 298 -56.66 31.02 -13.11
C THR B 298 -55.76 31.96 -13.91
N ARG B 299 -55.25 32.98 -13.20
CA ARG B 299 -54.43 34.01 -13.77
C ARG B 299 -53.02 33.46 -13.97
N LEU B 300 -52.49 33.65 -15.20
CA LEU B 300 -51.18 33.11 -15.57
C LEU B 300 -50.09 34.12 -15.23
N ALA B 301 -48.96 33.62 -14.73
CA ALA B 301 -47.88 34.40 -14.20
C ALA B 301 -46.89 34.72 -15.34
N ALA B 302 -47.37 35.46 -16.33
CA ALA B 302 -46.68 35.63 -17.55
C ALA B 302 -45.83 36.91 -17.51
N SER B 303 -44.60 36.87 -18.04
CA SER B 303 -43.77 38.04 -18.10
C SER B 303 -42.59 37.77 -19.03
N TYR B 304 -42.34 38.74 -19.90
CA TYR B 304 -41.29 38.67 -20.90
C TYR B 304 -39.90 38.67 -20.20
N VAL B 305 -39.88 39.00 -18.90
CA VAL B 305 -38.61 39.03 -18.13
C VAL B 305 -38.03 37.61 -17.97
N ASN B 306 -38.90 36.60 -18.01
CA ASN B 306 -38.52 35.20 -17.97
C ASN B 306 -37.91 34.74 -19.31
N PHE B 307 -36.85 35.41 -19.78
CA PHE B 307 -36.14 35.06 -20.96
C PHE B 307 -34.76 34.47 -20.62
N TYR B 308 -34.10 33.83 -21.60
CA TYR B 308 -32.78 33.26 -21.40
C TYR B 308 -31.74 34.04 -22.23
N ILE B 309 -30.65 34.46 -21.57
CA ILE B 309 -29.46 34.94 -22.29
C ILE B 309 -28.58 33.73 -22.61
N ALA B 310 -28.50 33.45 -23.93
CA ALA B 310 -27.52 32.57 -24.57
C ALA B 310 -26.36 33.42 -25.08
N ASN B 311 -25.32 32.77 -25.61
CA ASN B 311 -24.12 33.45 -26.14
C ASN B 311 -24.51 34.31 -27.33
N GLY B 312 -24.67 35.61 -27.10
CA GLY B 312 -25.11 36.53 -28.14
C GLY B 312 -26.54 36.32 -28.66
N ALA B 313 -27.45 35.78 -27.83
CA ALA B 313 -28.87 35.81 -28.22
C ALA B 313 -29.73 36.04 -26.97
N ILE B 314 -30.92 36.60 -27.19
CA ILE B 314 -31.93 36.65 -26.18
C ILE B 314 -33.08 35.73 -26.62
N ILE B 315 -33.37 34.71 -25.81
CA ILE B 315 -34.43 33.75 -26.17
C ILE B 315 -35.67 34.16 -25.38
N ALA B 316 -36.64 34.75 -26.08
CA ALA B 316 -37.68 35.51 -25.41
C ALA B 316 -39.03 34.85 -25.57
N PRO B 317 -39.88 34.95 -24.54
CA PRO B 317 -41.26 34.48 -24.65
C PRO B 317 -42.17 35.32 -25.55
N GLN B 318 -43.12 34.66 -26.19
CA GLN B 318 -44.21 35.23 -26.92
C GLN B 318 -45.44 34.43 -26.51
N PHE B 319 -46.46 35.10 -25.98
CA PHE B 319 -47.63 34.46 -25.39
C PHE B 319 -48.87 34.44 -26.31
N GLY B 320 -48.72 34.88 -27.57
CA GLY B 320 -49.86 35.04 -28.53
C GLY B 320 -50.80 36.22 -28.21
N ASP B 321 -50.26 37.23 -27.52
CA ASP B 321 -50.94 38.52 -27.31
C ASP B 321 -50.07 39.56 -28.02
N LYS B 322 -50.32 39.70 -29.33
CA LYS B 322 -49.49 40.35 -30.33
C LYS B 322 -49.00 41.74 -29.92
N LYS B 323 -49.90 42.59 -29.39
CA LYS B 323 -49.57 43.99 -28.96
C LYS B 323 -48.23 43.95 -28.20
N TRP B 324 -48.25 43.16 -27.13
CA TRP B 324 -47.22 43.15 -26.11
C TRP B 324 -46.09 42.18 -26.45
N ASP B 325 -46.40 41.17 -27.28
CA ASP B 325 -45.42 40.31 -27.91
C ASP B 325 -44.44 41.19 -28.73
N ASP B 326 -44.96 42.06 -29.59
CA ASP B 326 -44.13 42.89 -30.49
C ASP B 326 -43.30 43.90 -29.71
N GLU B 327 -43.92 44.44 -28.65
CA GLU B 327 -43.39 45.48 -27.82
C GLU B 327 -42.18 44.94 -27.07
N ALA B 328 -42.28 43.69 -26.61
CA ALA B 328 -41.22 43.04 -25.83
C ALA B 328 -39.97 42.86 -26.70
N ILE B 329 -40.15 42.36 -27.93
CA ILE B 329 -39.04 42.17 -28.88
C ILE B 329 -38.36 43.52 -29.09
N ARG B 330 -39.17 44.56 -29.14
CA ARG B 330 -38.66 45.88 -29.43
C ARG B 330 -37.77 46.33 -28.28
N VAL B 331 -38.34 46.29 -27.09
CA VAL B 331 -37.67 46.73 -25.89
C VAL B 331 -36.38 45.91 -25.71
N LEU B 332 -36.44 44.59 -26.02
CA LEU B 332 -35.31 43.72 -25.78
C LEU B 332 -34.23 43.93 -26.84
N SER B 333 -34.61 44.12 -28.11
CA SER B 333 -33.62 44.34 -29.18
C SER B 333 -32.83 45.62 -28.90
N LYS B 334 -33.50 46.53 -28.18
CA LYS B 334 -33.01 47.88 -27.89
C LYS B 334 -32.04 47.79 -26.70
N THR B 335 -32.50 47.16 -25.63
CA THR B 335 -31.77 46.88 -24.44
C THR B 335 -30.53 45.99 -24.67
N PHE B 336 -30.58 45.12 -25.68
CA PHE B 336 -29.49 44.12 -25.93
C PHE B 336 -28.99 44.26 -27.36
N PRO B 337 -28.42 45.43 -27.71
CA PRO B 337 -28.20 45.77 -29.10
C PRO B 337 -27.12 44.92 -29.73
N HIS B 338 -26.25 44.30 -28.91
CA HIS B 338 -25.22 43.36 -29.40
C HIS B 338 -25.75 41.93 -29.43
N HIS B 339 -27.02 41.69 -29.07
CA HIS B 339 -27.61 40.31 -29.04
C HIS B 339 -28.74 40.22 -30.07
N GLU B 340 -28.82 39.08 -30.77
CA GLU B 340 -29.95 38.67 -31.57
C GLU B 340 -31.11 38.20 -30.66
N VAL B 341 -32.18 38.98 -30.62
CA VAL B 341 -33.41 38.56 -30.00
C VAL B 341 -34.16 37.55 -30.92
N VAL B 342 -34.75 36.54 -30.27
CA VAL B 342 -35.45 35.39 -30.84
C VAL B 342 -36.70 35.12 -29.99
N GLY B 343 -37.86 35.29 -30.59
CA GLY B 343 -39.09 35.04 -29.91
C GLY B 343 -39.50 33.62 -30.11
N ILE B 344 -40.21 33.06 -29.14
CA ILE B 344 -40.60 31.68 -29.15
C ILE B 344 -42.12 31.64 -29.11
N GLU B 345 -42.73 31.53 -30.29
CA GLU B 345 -44.14 31.43 -30.40
C GLU B 345 -44.52 30.21 -29.57
N GLY B 346 -45.68 30.23 -28.95
CA GLY B 346 -46.18 29.09 -28.20
C GLY B 346 -45.72 29.10 -26.75
N SER B 347 -45.12 30.20 -26.26
CA SER B 347 -44.63 30.22 -24.86
C SER B 347 -45.76 30.02 -23.84
N ARG B 348 -46.98 30.40 -24.20
CA ARG B 348 -48.14 30.17 -23.37
C ARG B 348 -48.19 28.70 -22.94
N GLU B 349 -47.69 27.76 -23.75
CA GLU B 349 -47.86 26.33 -23.40
C GLU B 349 -47.06 26.03 -22.12
N ILE B 350 -45.98 26.79 -21.91
CA ILE B 350 -45.07 26.63 -20.77
C ILE B 350 -45.67 27.26 -19.52
N VAL B 351 -46.20 28.48 -19.66
CA VAL B 351 -46.74 29.27 -18.58
C VAL B 351 -47.95 28.57 -17.94
N LEU B 352 -48.68 27.81 -18.73
CA LEU B 352 -49.82 27.04 -18.23
C LEU B 352 -49.37 26.08 -17.11
N SER B 353 -48.11 25.68 -17.12
CA SER B 353 -47.62 24.72 -16.13
C SER B 353 -46.66 25.36 -15.12
N GLY B 354 -46.47 26.70 -15.20
CA GLY B 354 -46.06 27.56 -14.10
C GLY B 354 -44.71 28.28 -14.25
N GLY B 355 -44.11 28.31 -15.46
CA GLY B 355 -42.84 29.01 -15.74
C GLY B 355 -42.67 29.37 -17.22
N ASN B 356 -41.50 29.85 -17.61
CA ASN B 356 -41.29 30.16 -18.98
C ASN B 356 -39.87 29.76 -19.37
N ILE B 357 -39.28 30.42 -20.36
CA ILE B 357 -38.05 30.03 -20.96
C ILE B 357 -36.91 30.09 -19.94
N HIS B 358 -36.92 31.10 -19.06
CA HIS B 358 -35.82 31.15 -18.12
C HIS B 358 -35.87 29.96 -17.17
N CYS B 359 -37.08 29.53 -16.81
CA CYS B 359 -37.34 28.50 -15.85
C CYS B 359 -36.88 27.12 -16.33
N ILE B 360 -36.77 26.93 -17.65
CA ILE B 360 -36.50 25.61 -18.17
C ILE B 360 -35.02 25.46 -18.61
N THR B 361 -34.22 26.52 -18.46
CA THR B 361 -32.83 26.54 -18.84
C THR B 361 -31.89 26.58 -17.60
N GLN B 362 -30.63 26.16 -17.83
CA GLN B 362 -29.53 26.33 -16.87
C GLN B 362 -28.18 26.35 -17.61
N GLN B 363 -27.57 27.52 -17.60
CA GLN B 363 -26.29 27.76 -18.27
C GLN B 363 -25.19 27.02 -17.51
N GLN B 364 -24.21 26.50 -18.26
CA GLN B 364 -22.90 26.08 -17.78
C GLN B 364 -21.88 27.10 -18.30
N PRO B 365 -21.24 27.86 -17.40
CA PRO B 365 -20.21 28.82 -17.80
C PRO B 365 -19.00 28.10 -18.41
N ALA B 366 -18.45 28.71 -19.45
CA ALA B 366 -17.21 28.29 -19.98
C ALA B 366 -16.09 28.74 -19.05
N ILE B 367 -15.08 27.90 -18.92
CA ILE B 367 -13.92 28.24 -18.15
C ILE B 367 -12.74 28.43 -19.12
N GLY C 5 29.47 -0.84 -9.53
CA GLY C 5 28.85 -2.07 -10.01
C GLY C 5 29.09 -3.23 -9.03
N PHE C 6 28.08 -3.52 -8.20
CA PHE C 6 28.07 -4.73 -7.34
C PHE C 6 27.33 -5.90 -8.01
N HIS C 7 27.80 -7.13 -7.82
CA HIS C 7 27.03 -8.31 -8.24
C HIS C 7 27.04 -9.34 -7.13
N MET C 8 26.03 -10.20 -7.12
CA MET C 8 25.99 -11.35 -6.23
C MET C 8 26.90 -12.42 -6.82
N PRO C 9 27.95 -12.89 -6.12
CA PRO C 9 28.85 -13.87 -6.68
C PRO C 9 28.26 -15.28 -6.57
N ALA C 10 28.85 -16.25 -7.27
CA ALA C 10 28.30 -17.56 -7.19
C ALA C 10 28.67 -18.17 -5.85
N GLU C 11 27.88 -19.14 -5.42
CA GLU C 11 28.00 -19.83 -4.12
C GLU C 11 29.35 -20.54 -4.04
N TRP C 12 29.87 -21.03 -5.17
CA TRP C 12 31.12 -21.71 -5.13
C TRP C 12 32.33 -20.75 -5.04
N GLU C 13 32.13 -19.43 -5.08
CA GLU C 13 33.25 -18.47 -4.92
C GLU C 13 33.70 -18.45 -3.45
N PRO C 14 34.94 -18.04 -3.10
CA PRO C 14 35.46 -18.18 -1.73
C PRO C 14 34.58 -17.45 -0.72
N HIS C 15 34.37 -18.08 0.43
CA HIS C 15 33.63 -17.38 1.54
C HIS C 15 34.57 -16.96 2.66
N SER C 16 34.30 -15.80 3.24
CA SER C 16 35.01 -15.53 4.47
C SER C 16 34.30 -16.23 5.63
N GLN C 17 32.98 -16.39 5.55
CA GLN C 17 32.27 -17.21 6.56
C GLN C 17 30.86 -17.59 6.08
N CYS C 18 30.16 -18.35 6.93
CA CYS C 18 28.82 -18.81 6.77
C CYS C 18 28.00 -18.43 8.00
N TRP C 19 26.79 -17.91 7.79
CA TRP C 19 25.83 -17.59 8.83
C TRP C 19 24.69 -18.63 8.92
N ILE C 20 24.39 -19.10 10.13
CA ILE C 20 23.40 -20.08 10.46
C ILE C 20 22.63 -19.59 11.68
N GLY C 21 21.31 -19.74 11.62
CA GLY C 21 20.41 -19.44 12.75
C GLY C 21 20.30 -20.63 13.66
N TRP C 22 19.59 -20.55 14.74
CA TRP C 22 19.53 -21.67 15.69
C TRP C 22 18.06 -21.95 15.98
N PRO C 23 17.60 -23.20 15.86
CA PRO C 23 16.18 -23.52 15.97
C PRO C 23 15.68 -23.67 17.40
N GLU C 24 14.51 -23.09 17.70
CA GLU C 24 13.92 -23.18 19.06
C GLU C 24 12.38 -23.20 19.11
N ARG C 25 11.66 -22.59 18.16
CA ARG C 25 10.20 -22.46 18.35
C ARG C 25 9.51 -23.84 18.31
N ALA C 26 8.76 -24.11 19.38
CA ALA C 26 8.25 -25.41 19.73
C ALA C 26 7.05 -25.78 18.85
N ASP C 27 6.46 -24.78 18.21
CA ASP C 27 5.34 -24.92 17.33
C ASP C 27 5.80 -25.10 15.89
N ASN C 28 7.10 -25.19 15.63
CA ASN C 28 7.53 -25.60 14.35
C ASN C 28 8.56 -26.73 14.45
N TRP C 29 9.25 -26.94 15.58
CA TRP C 29 10.30 -27.91 15.67
C TRP C 29 9.91 -28.90 16.74
N ARG C 30 9.81 -30.19 16.36
CA ARG C 30 9.28 -31.20 17.25
C ARG C 30 10.19 -31.37 18.48
N ASP C 31 9.51 -31.63 19.60
CA ASP C 31 10.12 -31.85 20.95
C ASP C 31 11.06 -30.70 21.30
N GLY C 32 10.56 -29.48 21.18
CA GLY C 32 11.33 -28.33 21.61
C GLY C 32 12.59 -28.11 20.80
N ALA C 33 12.60 -28.56 19.53
CA ALA C 33 13.70 -28.40 18.62
C ALA C 33 14.90 -29.25 19.07
N VAL C 34 14.74 -30.15 20.02
CA VAL C 34 15.94 -30.88 20.49
C VAL C 34 16.59 -31.70 19.34
N HIS C 35 15.81 -32.31 18.46
CA HIS C 35 16.42 -33.10 17.39
C HIS C 35 17.05 -32.19 16.35
N ALA C 36 16.38 -31.10 16.01
CA ALA C 36 16.92 -30.18 14.97
C ALA C 36 18.23 -29.54 15.45
N GLN C 37 18.32 -29.19 16.73
CA GLN C 37 19.62 -28.60 17.27
C GLN C 37 20.80 -29.54 17.03
N LEU C 38 20.59 -30.84 17.24
CA LEU C 38 21.64 -31.83 16.99
C LEU C 38 22.12 -31.73 15.54
N VAL C 39 21.19 -31.60 14.59
CA VAL C 39 21.55 -31.63 13.19
C VAL C 39 22.18 -30.31 12.79
N PHE C 40 21.61 -29.20 13.25
CA PHE C 40 22.25 -27.88 13.02
C PHE C 40 23.71 -27.88 13.53
N THR C 41 23.96 -28.51 14.69
CA THR C 41 25.28 -28.58 15.21
C THR C 41 26.22 -29.36 14.29
N ARG C 42 25.71 -30.45 13.73
CA ARG C 42 26.46 -31.28 12.75
C ARG C 42 26.73 -30.49 11.47
N VAL C 43 25.74 -29.75 10.98
CA VAL C 43 25.94 -28.96 9.81
C VAL C 43 27.01 -27.92 10.07
N ALA C 44 26.87 -27.21 11.17
CA ALA C 44 27.83 -26.13 11.46
C ALA C 44 29.22 -26.74 11.64
N ALA C 45 29.28 -27.88 12.36
CA ALA C 45 30.58 -28.50 12.54
C ALA C 45 31.20 -28.88 11.19
N ALA C 46 30.36 -29.32 10.22
CA ALA C 46 30.93 -29.80 8.95
C ALA C 46 31.38 -28.60 8.13
N ILE C 47 30.55 -27.57 8.08
CA ILE C 47 30.99 -26.38 7.36
C ILE C 47 32.29 -25.87 7.93
N SER C 48 32.41 -25.81 9.26
CA SER C 48 33.52 -25.16 9.94
C SER C 48 34.84 -25.93 9.69
N ARG C 49 34.81 -27.07 9.01
CA ARG C 49 36.08 -27.73 8.62
C ARG C 49 36.65 -27.00 7.39
N PHE C 50 35.83 -26.18 6.72
CA PHE C 50 36.14 -25.57 5.43
C PHE C 50 36.20 -24.05 5.52
N GLU C 51 35.34 -23.42 6.33
CA GLU C 51 35.24 -22.00 6.39
C GLU C 51 34.68 -21.64 7.77
N LYS C 52 34.84 -20.41 8.18
CA LYS C 52 34.38 -20.03 9.48
C LYS C 52 32.86 -19.97 9.53
N VAL C 53 32.27 -20.27 10.69
CA VAL C 53 30.86 -20.25 10.91
C VAL C 53 30.53 -19.37 12.11
N THR C 54 29.49 -18.53 11.96
CA THR C 54 28.79 -17.88 13.04
C THR C 54 27.36 -18.39 13.12
N VAL C 55 26.98 -18.96 14.27
CA VAL C 55 25.67 -19.34 14.52
C VAL C 55 25.00 -18.24 15.34
N CYS C 56 23.72 -17.95 15.04
CA CYS C 56 22.98 -16.89 15.70
C CYS C 56 21.82 -17.44 16.54
N ALA C 57 21.84 -17.16 17.85
CA ALA C 57 20.96 -17.74 18.81
C ALA C 57 20.28 -16.64 19.59
N SER C 58 19.05 -16.90 20.00
CA SER C 58 18.35 -15.96 20.84
C SER C 58 19.03 -15.93 22.22
N SER C 59 18.67 -14.94 22.99
CA SER C 59 19.05 -14.82 24.38
C SER C 59 18.77 -16.13 25.14
N ALA C 60 17.52 -16.60 25.07
CA ALA C 60 17.09 -17.81 25.74
C ALA C 60 17.87 -19.03 25.25
N GLN C 61 18.44 -19.00 24.06
CA GLN C 61 19.10 -20.22 23.63
C GLN C 61 20.62 -20.11 23.59
N TRP C 62 21.16 -18.93 23.84
CA TRP C 62 22.63 -18.66 23.64
C TRP C 62 23.51 -19.68 24.34
N GLU C 63 23.19 -19.94 25.61
CA GLU C 63 23.99 -20.89 26.38
C GLU C 63 23.96 -22.30 25.76
N ASN C 64 22.75 -22.76 25.36
CA ASN C 64 22.56 -24.09 24.79
C ASN C 64 23.37 -24.19 23.50
N ALA C 65 23.21 -23.24 22.63
CA ALA C 65 23.95 -23.27 21.36
C ALA C 65 25.46 -23.27 21.62
N ARG C 66 25.92 -22.39 22.52
CA ARG C 66 27.37 -22.25 22.82
C ARG C 66 27.89 -23.60 23.32
N ASN C 67 27.07 -24.28 24.11
CA ASN C 67 27.39 -25.56 24.70
C ASN C 67 27.44 -26.68 23.64
N GLN C 68 26.49 -26.78 22.72
CA GLN C 68 26.52 -27.87 21.67
C GLN C 68 27.59 -27.62 20.59
N LEU C 69 27.96 -26.35 20.34
CA LEU C 69 28.78 -26.06 19.20
C LEU C 69 30.25 -26.08 19.59
N PRO C 70 31.11 -26.62 18.73
CA PRO C 70 32.54 -26.56 18.97
C PRO C 70 33.08 -25.13 19.09
N ASP C 71 34.18 -25.05 19.82
CA ASP C 71 34.74 -23.81 20.28
C ASP C 71 35.10 -22.91 19.09
N HIS C 72 35.50 -23.51 17.97
CA HIS C 72 35.94 -22.68 16.89
C HIS C 72 34.73 -22.09 16.14
N VAL C 73 33.49 -22.45 16.46
CA VAL C 73 32.31 -21.78 15.90
C VAL C 73 31.92 -20.59 16.79
N ARG C 74 31.71 -19.43 16.15
CA ARG C 74 31.33 -18.26 16.88
C ARG C 74 29.81 -18.33 17.12
N VAL C 75 29.35 -17.92 18.29
CA VAL C 75 27.94 -17.87 18.59
C VAL C 75 27.63 -16.43 19.05
N VAL C 76 26.76 -15.74 18.33
CA VAL C 76 26.34 -14.44 18.68
C VAL C 76 24.86 -14.47 19.01
N GLU C 77 24.43 -13.42 19.70
CA GLU C 77 23.11 -13.27 20.14
C GLU C 77 22.39 -12.46 19.07
N ILE C 78 21.52 -13.09 18.29
CA ILE C 78 20.72 -12.34 17.36
C ILE C 78 19.42 -13.08 17.31
N SER C 79 18.35 -12.49 17.80
CA SER C 79 17.10 -13.13 17.91
C SER C 79 16.39 -13.08 16.52
N SER C 80 15.57 -14.09 16.24
CA SER C 80 14.78 -14.21 15.01
C SER C 80 13.43 -14.81 15.35
N ASN C 81 12.45 -14.72 14.44
CA ASN C 81 11.20 -15.47 14.61
C ASN C 81 11.43 -16.96 14.32
N ASP C 82 12.29 -17.33 13.37
CA ASP C 82 12.65 -18.72 13.14
C ASP C 82 13.99 -18.76 12.43
N SER C 83 14.57 -19.96 12.23
CA SER C 83 15.96 -20.14 11.92
C SER C 83 16.21 -20.56 10.46
N TRP C 84 15.89 -19.66 9.54
CA TRP C 84 16.02 -19.91 8.13
C TRP C 84 16.84 -18.79 7.47
N PHE C 85 18.15 -18.78 7.68
CA PHE C 85 18.98 -17.65 7.38
C PHE C 85 19.30 -17.53 5.87
N ARG C 86 18.97 -18.56 5.06
CA ARG C 86 18.98 -18.39 3.60
C ARG C 86 17.99 -17.29 3.15
N ASP C 87 16.90 -17.15 3.88
CA ASP C 87 15.80 -16.34 3.50
C ASP C 87 15.76 -15.05 4.34
N ILE C 88 16.20 -15.10 5.60
CA ILE C 88 16.13 -13.93 6.37
C ILE C 88 17.53 -13.35 6.68
N GLY C 89 18.59 -14.06 6.33
CA GLY C 89 19.92 -13.43 6.30
C GLY C 89 20.07 -12.53 5.07
N PRO C 90 21.04 -11.59 5.04
CA PRO C 90 21.19 -10.64 3.94
C PRO C 90 21.79 -11.33 2.72
N THR C 91 21.60 -10.75 1.52
CA THR C 91 22.19 -11.27 0.35
C THR C 91 23.42 -10.42 0.03
N PHE C 92 24.61 -10.99 0.15
CA PHE C 92 25.82 -10.21 -0.03
C PHE C 92 26.10 -10.01 -1.52
N VAL C 93 26.66 -8.83 -1.88
CA VAL C 93 27.13 -8.53 -3.21
C VAL C 93 28.52 -7.91 -3.12
N VAL C 94 29.31 -7.99 -4.19
CA VAL C 94 30.63 -7.55 -4.18
C VAL C 94 30.92 -6.73 -5.42
N ARG C 95 32.02 -6.00 -5.31
CA ARG C 95 32.68 -5.18 -6.33
C ARG C 95 34.16 -5.56 -6.28
N ARG C 96 34.64 -6.23 -7.33
CA ARG C 96 36.07 -6.63 -7.48
C ARG C 96 36.89 -5.36 -7.75
N GLU C 97 38.20 -5.37 -7.47
CA GLU C 97 38.95 -4.08 -7.55
C GLU C 97 38.87 -3.45 -8.95
N ASP C 103 39.66 2.77 -4.77
CA ASP C 103 40.72 3.16 -3.86
C ASP C 103 40.45 2.55 -2.46
N ALA C 104 39.82 3.31 -1.54
CA ALA C 104 39.46 2.82 -0.21
C ALA C 104 37.94 2.64 -0.11
N GLU C 105 37.29 2.34 -1.24
CA GLU C 105 35.81 2.19 -1.31
C GLU C 105 35.37 0.82 -0.75
N HIS C 106 34.05 0.71 -0.52
CA HIS C 106 33.48 -0.54 -0.08
C HIS C 106 33.50 -1.60 -1.19
N ARG C 107 34.05 -2.77 -0.88
CA ARG C 107 34.12 -3.91 -1.86
C ARG C 107 33.03 -4.95 -1.58
N ILE C 108 32.31 -4.83 -0.47
CA ILE C 108 31.19 -5.73 -0.14
C ILE C 108 30.06 -4.93 0.47
N ALA C 109 28.85 -5.32 0.12
CA ALA C 109 27.64 -4.76 0.71
C ALA C 109 26.61 -5.85 0.93
N GLY C 110 25.48 -5.50 1.54
CA GLY C 110 24.47 -6.49 1.80
C GLY C 110 23.10 -5.98 1.38
N ILE C 111 22.30 -6.78 0.66
CA ILE C 111 20.96 -6.34 0.31
C ILE C 111 19.95 -6.77 1.33
N ASP C 112 19.18 -5.80 1.78
CA ASP C 112 18.10 -6.04 2.72
C ASP C 112 16.76 -5.93 1.97
N TRP C 113 16.38 -7.06 1.36
CA TRP C 113 15.09 -7.22 0.76
C TRP C 113 14.03 -7.21 1.86
N THR C 114 12.78 -6.96 1.49
CA THR C 114 11.67 -7.04 2.47
C THR C 114 11.30 -8.53 2.67
N PHE C 115 10.99 -8.89 3.90
CA PHE C 115 10.59 -10.23 4.25
C PHE C 115 9.16 -10.16 4.79
N ASN C 116 8.33 -11.17 4.47
CA ASN C 116 6.98 -11.16 4.91
C ASN C 116 6.52 -12.57 5.29
N SER C 117 7.40 -13.35 5.87
CA SER C 117 7.11 -14.72 6.24
C SER C 117 6.50 -15.50 5.06
N TRP C 118 7.11 -15.42 3.87
CA TRP C 118 6.75 -16.31 2.76
C TRP C 118 5.24 -16.20 2.44
N GLY C 119 4.67 -15.01 2.53
CA GLY C 119 3.33 -14.78 2.04
C GLY C 119 2.48 -13.85 2.89
N GLY C 120 2.99 -13.23 3.98
CA GLY C 120 2.32 -12.13 4.61
C GLY C 120 1.19 -12.61 5.50
N LEU C 121 0.31 -11.69 5.88
CA LEU C 121 -0.71 -12.03 6.87
C LEU C 121 -1.66 -13.11 6.34
N GLU C 122 -2.01 -12.95 5.06
CA GLU C 122 -2.91 -13.84 4.28
C GLU C 122 -2.36 -15.25 4.13
N ASP C 123 -1.13 -15.38 3.61
CA ASP C 123 -0.69 -16.62 3.02
C ASP C 123 0.70 -17.02 3.51
N GLY C 124 1.16 -16.39 4.62
CA GLY C 124 2.53 -16.54 5.14
C GLY C 124 2.60 -17.65 6.19
N CYS C 125 3.78 -17.97 6.72
CA CYS C 125 3.93 -19.06 7.73
C CYS C 125 3.65 -18.60 9.17
N TYR C 126 3.95 -17.34 9.52
CA TYR C 126 3.83 -16.91 10.89
C TYR C 126 3.17 -15.54 10.89
N CYS C 127 2.58 -15.20 12.03
CA CYS C 127 1.91 -13.88 12.24
C CYS C 127 2.93 -12.79 12.53
N ASP C 128 4.09 -13.17 13.07
CA ASP C 128 5.05 -12.21 13.45
C ASP C 128 6.38 -12.54 12.75
N TRP C 129 6.81 -11.56 11.94
CA TRP C 129 8.10 -11.61 11.32
C TRP C 129 8.95 -10.39 11.65
N SER C 130 8.60 -9.65 12.69
CA SER C 130 9.21 -8.36 12.97
C SER C 130 10.67 -8.58 13.35
N LEU C 131 10.99 -9.64 14.10
CA LEU C 131 12.41 -9.93 14.45
C LEU C 131 13.16 -10.44 13.20
N ASP C 132 12.53 -11.31 12.41
CA ASP C 132 13.14 -11.88 11.19
C ASP C 132 13.62 -10.75 10.25
N SER C 133 12.79 -9.73 10.14
CA SER C 133 13.01 -8.59 9.34
C SER C 133 14.30 -7.84 9.71
N LEU C 134 14.66 -7.76 11.01
CA LEU C 134 15.83 -7.07 11.50
C LEU C 134 17.10 -7.89 11.37
N VAL C 135 17.00 -9.15 11.04
CA VAL C 135 18.16 -9.98 11.06
C VAL C 135 19.24 -9.48 10.08
N LYS C 136 18.81 -9.02 8.92
CA LYS C 136 19.77 -8.56 7.97
C LYS C 136 20.58 -7.37 8.50
N LYS C 137 19.86 -6.39 9.01
CA LYS C 137 20.41 -5.19 9.54
C LYS C 137 21.44 -5.55 10.64
N LYS C 138 21.05 -6.48 11.56
CA LYS C 138 21.85 -6.81 12.69
C LYS C 138 23.12 -7.52 12.23
N ILE C 139 23.04 -8.36 11.20
CA ILE C 139 24.24 -9.04 10.76
C ILE C 139 25.21 -8.02 10.15
N LEU C 140 24.66 -7.13 9.31
CA LEU C 140 25.48 -6.24 8.59
C LEU C 140 26.12 -5.32 9.60
N ASP C 141 25.42 -4.98 10.67
CA ASP C 141 25.98 -4.14 11.71
C ASP C 141 27.19 -4.82 12.41
N VAL C 142 27.10 -6.10 12.79
CA VAL C 142 28.16 -6.85 13.44
C VAL C 142 29.38 -6.83 12.54
N GLU C 143 29.17 -6.96 11.24
CA GLU C 143 30.26 -7.12 10.32
C GLU C 143 30.78 -5.76 9.80
N ARG C 144 30.05 -4.69 10.14
CA ARG C 144 30.33 -3.31 9.64
C ARG C 144 30.29 -3.27 8.10
N ILE C 145 29.21 -3.80 7.49
CA ILE C 145 29.09 -3.88 6.05
C ILE C 145 27.87 -3.04 5.66
N PRO C 146 28.00 -2.13 4.69
CA PRO C 146 26.88 -1.30 4.27
C PRO C 146 25.64 -2.05 3.77
N ARG C 147 24.47 -1.48 4.06
CA ARG C 147 23.19 -2.14 3.75
C ARG C 147 22.43 -1.40 2.66
N PHE C 148 22.06 -2.14 1.61
CA PHE C 148 21.18 -1.58 0.59
C PHE C 148 19.78 -2.15 0.80
N SER C 149 18.80 -1.32 1.17
CA SER C 149 17.52 -1.86 1.46
C SER C 149 16.60 -1.74 0.25
N HIS C 150 15.61 -2.63 0.19
CA HIS C 150 14.76 -2.71 -0.96
C HIS C 150 13.36 -2.98 -0.46
N SER C 151 12.38 -2.31 -1.09
CA SER C 151 10.97 -2.53 -0.63
C SER C 151 10.35 -3.77 -1.33
N MET C 152 11.03 -4.37 -2.30
CA MET C 152 10.53 -5.63 -2.91
C MET C 152 10.70 -6.75 -1.89
N VAL C 153 9.67 -7.57 -1.75
CA VAL C 153 9.70 -8.82 -1.01
C VAL C 153 10.45 -9.85 -1.84
N LEU C 154 11.47 -10.45 -1.23
CA LEU C 154 12.29 -11.51 -1.81
C LEU C 154 12.95 -12.26 -0.67
N GLU C 155 13.14 -13.56 -0.85
CA GLU C 155 13.96 -14.40 -0.03
C GLU C 155 15.11 -14.95 -0.88
N GLY C 156 16.26 -15.11 -0.24
CA GLY C 156 17.45 -15.62 -0.84
C GLY C 156 17.30 -17.03 -1.37
N GLY C 157 16.43 -17.84 -0.76
CA GLY C 157 16.11 -19.19 -1.33
C GLY C 157 15.40 -19.19 -2.69
N SER C 158 14.83 -18.04 -3.09
CA SER C 158 14.08 -17.96 -4.30
C SER C 158 14.91 -17.61 -5.55
N ILE C 159 16.23 -17.42 -5.44
CA ILE C 159 17.06 -17.02 -6.58
C ILE C 159 18.38 -17.76 -6.50
N HIS C 160 19.00 -18.05 -7.65
CA HIS C 160 20.32 -18.65 -7.72
C HIS C 160 21.12 -17.95 -8.80
N VAL C 161 22.42 -17.78 -8.59
CA VAL C 161 23.22 -17.17 -9.63
C VAL C 161 24.46 -18.01 -9.96
N ASP C 162 25.01 -17.74 -11.14
CA ASP C 162 26.23 -18.34 -11.65
C ASP C 162 27.43 -17.39 -11.53
N GLY C 163 27.23 -16.13 -11.10
CA GLY C 163 28.32 -15.28 -10.87
C GLY C 163 28.88 -14.70 -12.14
N GLU C 164 28.23 -14.96 -13.27
CA GLU C 164 28.67 -14.47 -14.58
C GLU C 164 27.50 -13.84 -15.35
N GLY C 165 26.49 -13.28 -14.67
CA GLY C 165 25.42 -12.59 -15.38
C GLY C 165 24.07 -13.32 -15.50
N THR C 166 23.91 -14.56 -15.01
CA THR C 166 22.66 -15.35 -15.09
C THR C 166 22.11 -15.65 -13.69
N CYS C 167 20.79 -15.61 -13.59
CA CYS C 167 20.02 -15.89 -12.43
C CYS C 167 18.90 -16.85 -12.83
N ILE C 168 18.60 -17.86 -11.98
CA ILE C 168 17.43 -18.70 -12.09
C ILE C 168 16.50 -18.49 -10.89
N THR C 169 15.18 -18.57 -11.14
CA THR C 169 14.15 -18.39 -10.18
C THR C 169 12.87 -19.13 -10.62
N THR C 170 11.77 -18.98 -9.86
CA THR C 170 10.56 -19.64 -10.25
C THR C 170 9.46 -18.58 -10.31
N GLU C 171 8.52 -18.79 -11.25
CA GLU C 171 7.34 -17.99 -11.39
C GLU C 171 6.40 -18.29 -10.24
N GLU C 172 6.36 -19.56 -9.86
CA GLU C 172 5.48 -20.02 -8.76
C GLU C 172 5.64 -19.12 -7.52
N CYS C 173 6.87 -18.78 -7.20
CA CYS C 173 7.17 -18.01 -6.03
C CYS C 173 7.10 -16.49 -6.32
N LEU C 174 7.92 -16.01 -7.26
CA LEU C 174 8.10 -14.59 -7.41
C LEU C 174 6.87 -13.89 -8.01
N LEU C 175 6.06 -14.60 -8.82
CA LEU C 175 4.89 -13.91 -9.32
C LEU C 175 3.66 -14.18 -8.44
N ASN C 176 3.81 -15.00 -7.38
CA ASN C 176 2.70 -15.21 -6.52
C ASN C 176 2.23 -13.87 -5.93
N LYS C 177 0.94 -13.63 -5.85
CA LYS C 177 0.52 -12.32 -5.39
C LYS C 177 0.60 -12.22 -3.84
N ASN C 178 1.02 -13.29 -3.15
CA ASN C 178 1.34 -13.18 -1.68
C ASN C 178 2.69 -12.49 -1.46
N ARG C 179 3.38 -12.14 -2.54
CA ARG C 179 4.71 -11.51 -2.40
C ARG C 179 4.67 -10.02 -2.80
N ASN C 180 4.77 -9.72 -4.10
CA ASN C 180 4.73 -8.30 -4.63
C ASN C 180 3.54 -8.16 -5.61
N PRO C 181 2.30 -8.19 -5.09
CA PRO C 181 1.10 -8.16 -5.91
C PRO C 181 0.98 -6.97 -6.89
N HIS C 182 1.60 -5.84 -6.57
CA HIS C 182 1.45 -4.71 -7.40
C HIS C 182 2.59 -4.62 -8.42
N LEU C 183 3.52 -5.54 -8.48
CA LEU C 183 4.57 -5.44 -9.48
C LEU C 183 4.24 -6.42 -10.60
N SER C 184 4.65 -6.02 -11.81
CA SER C 184 4.63 -6.87 -12.93
C SER C 184 5.87 -7.74 -12.96
N LYS C 185 5.81 -8.80 -13.78
CA LYS C 185 6.92 -9.70 -13.93
C LYS C 185 8.19 -8.97 -14.39
N SER C 186 8.07 -8.06 -15.35
CA SER C 186 9.23 -7.34 -15.85
C SER C 186 9.78 -6.33 -14.84
N GLN C 187 8.94 -5.76 -13.97
CA GLN C 187 9.44 -4.89 -12.87
C GLN C 187 10.20 -5.72 -11.84
N ILE C 188 9.74 -6.93 -11.52
CA ILE C 188 10.51 -7.83 -10.67
C ILE C 188 11.88 -8.18 -11.28
N GLU C 189 11.87 -8.54 -12.55
CA GLU C 189 13.10 -8.86 -13.26
C GLU C 189 14.04 -7.67 -13.26
N ASP C 190 13.48 -6.47 -13.40
CA ASP C 190 14.32 -5.27 -13.46
C ASP C 190 15.16 -5.11 -12.18
N GLU C 191 14.54 -5.43 -11.04
CA GLU C 191 15.12 -5.29 -9.76
C GLU C 191 16.09 -6.42 -9.50
N LEU C 192 15.77 -7.66 -9.88
CA LEU C 192 16.79 -8.71 -9.77
C LEU C 192 18.06 -8.33 -10.57
N LYS C 193 17.87 -7.83 -11.78
CA LYS C 193 19.00 -7.47 -12.64
C LYS C 193 19.85 -6.37 -11.98
N ALA C 194 19.21 -5.29 -11.54
CA ALA C 194 19.88 -4.14 -10.96
C ALA C 194 20.53 -4.54 -9.63
N TYR C 195 19.93 -5.41 -8.81
CA TYR C 195 20.48 -5.57 -7.45
C TYR C 195 21.38 -6.81 -7.37
N LEU C 196 21.14 -7.85 -8.21
CA LEU C 196 22.02 -9.00 -8.19
C LEU C 196 23.15 -8.86 -9.21
N GLY C 197 23.04 -7.85 -10.08
CA GLY C 197 24.04 -7.64 -11.09
C GLY C 197 23.94 -8.69 -12.18
N VAL C 198 22.74 -8.95 -12.67
CA VAL C 198 22.63 -10.02 -13.67
C VAL C 198 21.98 -9.37 -14.88
N ARG C 199 22.25 -9.96 -16.05
CA ARG C 199 21.76 -9.53 -17.38
C ARG C 199 20.67 -10.48 -17.90
N LYS C 200 20.56 -11.69 -17.33
CA LYS C 200 19.56 -12.60 -17.80
C LYS C 200 18.95 -13.42 -16.66
N VAL C 201 17.62 -13.48 -16.59
CA VAL C 201 16.89 -14.27 -15.60
C VAL C 201 16.16 -15.37 -16.36
N ILE C 202 16.37 -16.63 -15.94
CA ILE C 202 15.69 -17.78 -16.41
C ILE C 202 14.53 -18.04 -15.43
N TRP C 203 13.29 -18.00 -15.91
CA TRP C 203 12.15 -18.23 -15.09
C TRP C 203 11.63 -19.66 -15.34
N LEU C 204 11.93 -20.56 -14.40
CA LEU C 204 11.25 -21.83 -14.30
C LEU C 204 9.82 -21.59 -13.91
N PRO C 205 8.88 -22.27 -14.55
CA PRO C 205 7.50 -22.08 -14.17
C PRO C 205 7.19 -22.49 -12.72
N ARG C 206 7.73 -23.60 -12.25
CA ARG C 206 7.29 -24.18 -11.00
C ARG C 206 8.53 -24.72 -10.26
N GLY C 207 8.43 -24.76 -8.92
CA GLY C 207 9.40 -25.35 -8.10
C GLY C 207 9.02 -26.75 -7.73
N LEU C 208 9.54 -27.24 -6.61
CA LEU C 208 9.31 -28.64 -6.27
C LEU C 208 7.86 -28.89 -5.81
N TYR C 209 7.29 -30.00 -6.23
CA TYR C 209 5.98 -30.45 -5.76
C TYR C 209 6.00 -30.59 -4.23
N GLY C 210 4.94 -30.16 -3.54
CA GLY C 210 4.88 -30.18 -2.09
C GLY C 210 5.51 -28.95 -1.42
N ASP C 211 6.24 -28.05 -2.12
CA ASP C 211 6.87 -26.90 -1.45
C ASP C 211 5.94 -25.69 -1.36
N ASP C 212 4.86 -25.86 -0.62
CA ASP C 212 3.76 -24.93 -0.47
C ASP C 212 4.04 -23.88 0.59
N ASP C 213 4.91 -24.12 1.55
CA ASP C 213 5.15 -23.07 2.50
C ASP C 213 5.93 -21.93 1.85
N THR C 214 6.94 -22.20 1.01
CA THR C 214 7.67 -21.19 0.29
C THR C 214 7.03 -20.78 -1.04
N ASN C 215 6.11 -21.62 -1.56
CA ASN C 215 5.53 -21.52 -2.90
C ASN C 215 6.60 -21.73 -3.99
N GLY C 216 7.44 -22.75 -3.84
CA GLY C 216 8.23 -23.24 -4.93
C GLY C 216 9.56 -22.54 -5.09
N HIS C 217 10.26 -22.32 -3.99
CA HIS C 217 11.56 -21.79 -4.05
C HIS C 217 12.46 -22.54 -5.03
N VAL C 218 13.20 -21.77 -5.84
CA VAL C 218 14.09 -22.40 -6.81
C VAL C 218 15.11 -23.31 -6.15
N ASP C 219 15.57 -23.00 -4.93
CA ASP C 219 16.67 -23.76 -4.30
C ASP C 219 16.30 -25.19 -3.89
N ASN C 220 15.03 -25.57 -4.03
CA ASN C 220 14.64 -26.92 -3.86
C ASN C 220 14.48 -27.66 -5.19
N MET C 221 14.62 -26.92 -6.28
CA MET C 221 14.29 -27.41 -7.56
C MET C 221 15.53 -27.57 -8.42
N CYS C 222 16.45 -26.64 -8.32
CA CYS C 222 17.45 -26.41 -9.32
C CYS C 222 18.57 -25.54 -8.74
N CYS C 223 19.83 -25.91 -8.95
CA CYS C 223 20.89 -24.89 -8.71
C CYS C 223 22.01 -25.00 -9.73
N PHE C 224 22.83 -23.96 -9.80
CA PHE C 224 24.03 -24.02 -10.62
C PHE C 224 25.11 -24.90 -9.99
N VAL C 225 25.84 -25.60 -10.85
CA VAL C 225 27.05 -26.36 -10.51
C VAL C 225 28.31 -25.55 -10.84
N ARG C 226 28.28 -24.79 -11.92
CA ARG C 226 29.32 -23.93 -12.49
C ARG C 226 28.63 -23.24 -13.64
N PRO C 227 29.25 -22.29 -14.34
CA PRO C 227 28.50 -21.62 -15.40
C PRO C 227 28.20 -22.63 -16.52
N GLY C 228 26.96 -22.59 -17.00
CA GLY C 228 26.50 -23.47 -18.04
C GLY C 228 26.10 -24.85 -17.55
N ALA C 229 25.97 -25.04 -16.23
CA ALA C 229 25.51 -26.39 -15.80
C ALA C 229 24.69 -26.30 -14.51
N VAL C 230 23.62 -27.11 -14.45
CA VAL C 230 22.69 -27.11 -13.32
C VAL C 230 22.39 -28.55 -12.90
N LEU C 231 22.13 -28.73 -11.62
CA LEU C 231 21.52 -29.89 -11.03
C LEU C 231 20.04 -29.57 -10.96
N LEU C 232 19.22 -30.59 -11.26
CA LEU C 232 17.78 -30.43 -11.35
C LEU C 232 17.14 -31.57 -10.54
N SER C 233 16.18 -31.26 -9.68
CA SER C 233 15.51 -32.23 -8.89
C SER C 233 14.77 -33.15 -9.85
N TRP C 234 14.82 -34.48 -9.70
CA TRP C 234 14.31 -35.37 -10.75
C TRP C 234 13.65 -36.60 -10.14
N THR C 235 12.61 -37.15 -10.80
CA THR C 235 12.18 -38.52 -10.45
C THR C 235 11.91 -39.28 -11.73
N ASP C 236 12.10 -40.60 -11.69
CA ASP C 236 11.87 -41.47 -12.86
C ASP C 236 10.43 -41.98 -12.84
N ASP C 237 9.71 -41.73 -11.76
CA ASP C 237 8.46 -42.27 -11.57
C ASP C 237 7.39 -41.30 -12.12
N LYS C 238 6.87 -41.64 -13.31
CA LYS C 238 5.93 -40.78 -14.02
C LYS C 238 4.61 -40.70 -13.29
N THR C 239 4.37 -41.60 -12.33
CA THR C 239 3.13 -41.59 -11.63
C THR C 239 3.14 -40.54 -10.51
N ASP C 240 4.34 -40.02 -10.14
CA ASP C 240 4.49 -39.03 -9.04
C ASP C 240 4.24 -37.63 -9.58
N PRO C 241 3.52 -36.77 -8.86
CA PRO C 241 3.29 -35.42 -9.34
C PRO C 241 4.54 -34.53 -9.55
N GLN C 242 5.69 -34.94 -8.98
CA GLN C 242 6.98 -34.27 -9.27
C GLN C 242 7.41 -34.45 -10.75
N TYR C 243 7.03 -35.57 -11.38
CA TYR C 243 7.60 -35.91 -12.71
C TYR C 243 7.35 -34.78 -13.73
N GLU C 244 6.11 -34.31 -13.80
CA GLU C 244 5.77 -33.31 -14.79
C GLU C 244 6.48 -31.99 -14.53
N ARG C 245 6.65 -31.64 -13.25
CA ARG C 245 7.38 -30.40 -12.87
C ARG C 245 8.84 -30.50 -13.31
N SER C 246 9.47 -31.66 -13.07
CA SER C 246 10.86 -31.87 -13.44
C SER C 246 11.05 -31.89 -14.96
N GLU C 247 10.16 -32.58 -15.65
CA GLU C 247 10.22 -32.71 -17.12
C GLU C 247 10.06 -31.34 -17.79
N GLU C 248 9.18 -30.50 -17.24
CA GLU C 248 8.87 -29.18 -17.76
C GLU C 248 10.14 -28.34 -17.60
N ALA C 249 10.80 -28.49 -16.46
CA ALA C 249 11.98 -27.72 -16.24
C ALA C 249 13.10 -28.22 -17.17
N TYR C 250 13.25 -29.53 -17.32
CA TYR C 250 14.25 -30.05 -18.19
C TYR C 250 14.03 -29.51 -19.62
N SER C 251 12.78 -29.43 -20.09
CA SER C 251 12.54 -28.91 -21.44
C SER C 251 12.87 -27.44 -21.50
N LEU C 252 12.47 -26.68 -20.48
CA LEU C 252 12.84 -25.27 -20.48
C LEU C 252 14.35 -25.14 -20.66
N PHE C 253 15.15 -25.86 -19.86
CA PHE C 253 16.57 -25.70 -19.93
C PHE C 253 17.11 -26.07 -21.32
N SER C 254 16.51 -27.07 -21.97
CA SER C 254 16.93 -27.51 -23.30
C SER C 254 16.95 -26.40 -24.36
N SER C 255 15.97 -25.51 -24.25
CA SER C 255 15.60 -24.51 -25.18
C SER C 255 16.00 -23.06 -24.78
N VAL C 256 16.82 -22.83 -23.73
CA VAL C 256 17.27 -21.49 -23.41
C VAL C 256 18.79 -21.51 -23.26
N THR C 257 19.40 -20.33 -23.28
CA THR C 257 20.80 -20.23 -22.98
C THR C 257 20.99 -19.31 -21.77
N ASP C 258 22.21 -19.22 -21.29
CA ASP C 258 22.49 -18.36 -20.21
C ASP C 258 22.78 -16.94 -20.75
N ALA C 259 23.22 -16.04 -19.88
CA ALA C 259 23.54 -14.67 -20.30
C ALA C 259 24.66 -14.58 -21.34
N ASN C 260 25.58 -15.53 -21.36
CA ASN C 260 26.72 -15.55 -22.26
C ASN C 260 26.41 -16.49 -23.42
N GLY C 261 25.15 -16.89 -23.58
CA GLY C 261 24.74 -17.65 -24.74
C GLY C 261 25.17 -19.10 -24.71
N ARG C 262 25.70 -19.58 -23.59
CA ARG C 262 25.96 -20.99 -23.38
C ARG C 262 24.65 -21.77 -23.19
N LYS C 263 24.62 -22.94 -23.81
CA LYS C 263 23.65 -24.01 -23.54
C LYS C 263 23.91 -24.66 -22.16
N PHE C 264 22.84 -25.13 -21.53
CA PHE C 264 22.92 -25.72 -20.25
C PHE C 264 23.20 -27.21 -20.32
N GLU C 265 24.14 -27.69 -19.51
CA GLU C 265 24.23 -29.07 -19.22
C GLU C 265 23.37 -29.30 -17.96
N VAL C 266 22.42 -30.23 -18.03
CA VAL C 266 21.55 -30.58 -16.94
C VAL C 266 21.94 -31.94 -16.35
N ILE C 267 22.06 -32.00 -15.02
CA ILE C 267 22.39 -33.21 -14.35
C ILE C 267 21.21 -33.54 -13.44
N LYS C 268 20.68 -34.74 -13.59
CA LYS C 268 19.53 -35.04 -12.81
C LYS C 268 19.98 -35.47 -11.42
N LEU C 269 19.19 -35.11 -10.38
CA LEU C 269 19.50 -35.51 -9.02
C LEU C 269 18.21 -36.05 -8.39
N HIS C 270 18.12 -37.36 -8.32
CA HIS C 270 16.89 -37.95 -8.03
C HIS C 270 16.45 -37.69 -6.57
N VAL C 271 15.22 -37.29 -6.39
CA VAL C 271 14.69 -37.00 -5.09
C VAL C 271 14.56 -38.29 -4.30
N PRO C 272 14.43 -38.17 -2.98
CA PRO C 272 14.22 -39.31 -2.11
C PRO C 272 12.74 -39.60 -1.98
N GLY C 273 12.40 -40.75 -1.40
CA GLY C 273 11.05 -40.92 -0.95
C GLY C 273 10.13 -41.16 -2.13
N PRO C 274 9.06 -40.37 -2.24
CA PRO C 274 8.67 -39.27 -1.38
C PRO C 274 8.53 -39.66 0.10
N LEU C 275 8.63 -38.63 0.96
CA LEU C 275 8.70 -38.80 2.37
C LEU C 275 7.43 -38.18 2.95
N TYR C 276 6.96 -38.70 4.07
CA TYR C 276 5.70 -38.26 4.60
C TYR C 276 5.85 -38.11 6.12
N MET C 277 5.25 -37.07 6.66
CA MET C 277 5.33 -36.85 8.07
C MET C 277 4.63 -37.99 8.79
N THR C 278 5.27 -38.49 9.85
CA THR C 278 4.66 -39.51 10.69
C THR C 278 3.83 -38.84 11.77
N GLU C 279 2.96 -39.64 12.36
CA GLU C 279 2.15 -39.26 13.50
C GLU C 279 3.08 -38.81 14.64
N LYS C 280 4.09 -39.60 14.96
CA LYS C 280 5.00 -39.28 16.03
C LYS C 280 5.66 -37.90 15.79
N GLU C 281 6.18 -37.69 14.57
CA GLU C 281 6.79 -36.43 14.14
C GLU C 281 5.81 -35.27 14.30
N ALA C 282 4.55 -35.46 13.90
CA ALA C 282 3.58 -34.37 13.92
C ALA C 282 3.18 -34.02 15.35
N ALA C 283 3.05 -35.06 16.18
CA ALA C 283 2.60 -34.93 17.55
C ALA C 283 3.63 -34.17 18.41
N GLY C 284 4.92 -34.19 18.06
CA GLY C 284 5.93 -33.48 18.82
C GLY C 284 5.87 -31.96 18.68
N VAL C 285 5.08 -31.42 17.75
CA VAL C 285 5.05 -30.03 17.48
C VAL C 285 3.82 -29.46 18.21
N PHE C 286 4.02 -28.44 19.02
CA PHE C 286 2.99 -27.85 19.84
C PHE C 286 2.07 -26.99 18.98
N GLN C 287 0.75 -27.22 19.04
CA GLN C 287 -0.25 -26.52 18.20
C GLN C 287 -0.56 -25.13 18.76
N ASP C 288 -0.20 -24.11 17.97
CA ASP C 288 -0.45 -22.64 18.19
C ASP C 288 -1.32 -22.18 17.00
N ASP C 289 -1.99 -21.02 17.11
CA ASP C 289 -2.88 -20.51 16.01
C ASP C 289 -2.21 -19.30 15.28
N GLY C 290 -0.93 -19.05 15.58
CA GLY C 290 -0.04 -18.09 14.85
C GLY C 290 1.08 -18.77 14.06
N ALA C 291 0.89 -20.08 13.76
CA ALA C 291 1.72 -20.97 12.81
C ALA C 291 0.79 -21.99 12.08
N LYS C 292 1.32 -22.67 11.04
CA LYS C 292 0.56 -23.59 10.07
C LYS C 292 0.44 -25.03 10.61
N PRO C 293 -0.78 -25.60 10.88
CA PRO C 293 -0.90 -26.86 11.63
C PRO C 293 -0.36 -28.13 10.92
N ARG C 294 0.55 -28.86 11.59
CA ARG C 294 1.21 -30.07 11.04
C ARG C 294 0.28 -31.27 11.09
N LEU C 295 0.14 -32.00 9.98
CA LEU C 295 -0.74 -33.14 9.98
C LEU C 295 0.07 -34.36 9.63
N PRO C 296 -0.20 -35.53 10.25
CA PRO C 296 0.49 -36.76 9.89
C PRO C 296 0.06 -37.10 8.46
N GLY C 297 1.05 -37.51 7.67
CA GLY C 297 0.92 -37.84 6.28
C GLY C 297 1.35 -36.73 5.34
N THR C 298 1.71 -35.56 5.88
CA THR C 298 2.04 -34.45 5.03
C THR C 298 3.28 -34.81 4.20
N ARG C 299 3.18 -34.65 2.90
CA ARG C 299 4.29 -34.88 2.08
C ARG C 299 5.39 -33.84 2.36
N LEU C 300 6.64 -34.31 2.41
CA LEU C 300 7.73 -33.40 2.68
C LEU C 300 8.35 -32.98 1.35
N ALA C 301 8.81 -31.75 1.35
CA ALA C 301 9.42 -31.13 0.22
C ALA C 301 10.92 -31.41 0.29
N ALA C 302 11.35 -32.60 -0.08
CA ALA C 302 12.70 -33.09 0.11
C ALA C 302 13.40 -33.28 -1.24
N SER C 303 14.52 -32.57 -1.43
CA SER C 303 15.41 -32.77 -2.54
C SER C 303 16.85 -32.71 -2.06
N TYR C 304 17.71 -33.54 -2.62
CA TYR C 304 19.17 -33.39 -2.44
C TYR C 304 19.73 -32.08 -3.01
N VAL C 305 18.99 -31.35 -3.78
CA VAL C 305 19.46 -30.11 -4.38
C VAL C 305 19.66 -28.98 -3.36
N ASN C 306 19.03 -29.09 -2.19
CA ASN C 306 19.08 -28.09 -1.16
C ASN C 306 20.33 -28.35 -0.35
N PHE C 307 21.50 -28.20 -0.97
CA PHE C 307 22.78 -28.44 -0.30
C PHE C 307 23.54 -27.11 -0.27
N TYR C 308 24.64 -27.03 0.50
CA TYR C 308 25.43 -25.84 0.56
C TYR C 308 26.84 -26.11 0.03
N ILE C 309 27.32 -25.17 -0.76
CA ILE C 309 28.67 -25.20 -1.23
C ILE C 309 29.50 -24.35 -0.27
N ALA C 310 30.36 -25.00 0.54
CA ALA C 310 31.43 -24.38 1.36
C ALA C 310 32.73 -24.29 0.56
N ASN C 311 33.76 -23.66 1.12
CA ASN C 311 35.08 -23.54 0.42
C ASN C 311 35.63 -24.97 0.28
N GLY C 312 35.59 -25.54 -0.93
CA GLY C 312 36.12 -26.90 -1.15
C GLY C 312 35.21 -28.04 -0.71
N ALA C 313 34.01 -27.76 -0.21
CA ALA C 313 33.11 -28.85 0.14
C ALA C 313 31.68 -28.63 -0.33
N ILE C 314 30.95 -29.74 -0.36
CA ILE C 314 29.55 -29.81 -0.64
C ILE C 314 28.89 -30.44 0.58
N ILE C 315 28.02 -29.73 1.27
CA ILE C 315 27.41 -30.21 2.42
C ILE C 315 25.96 -30.56 2.02
N ALA C 316 25.65 -31.85 2.02
CA ALA C 316 24.49 -32.44 1.32
C ALA C 316 23.59 -33.17 2.27
N PRO C 317 22.26 -33.10 2.08
CA PRO C 317 21.34 -33.83 2.91
C PRO C 317 21.41 -35.36 2.71
N GLN C 318 21.12 -36.08 3.79
CA GLN C 318 20.84 -37.49 3.79
C GLN C 318 19.52 -37.64 4.55
N PHE C 319 18.53 -38.31 3.95
CA PHE C 319 17.18 -38.26 4.47
C PHE C 319 16.78 -39.56 5.17
N GLY C 320 17.70 -40.53 5.23
CA GLY C 320 17.44 -41.82 5.81
C GLY C 320 16.77 -42.77 4.80
N ASP C 321 16.92 -42.51 3.49
CA ASP C 321 16.48 -43.40 2.39
C ASP C 321 17.75 -43.90 1.69
N LYS C 322 18.25 -45.07 2.08
CA LYS C 322 19.59 -45.44 1.75
C LYS C 322 19.87 -45.43 0.24
N LYS C 323 18.97 -46.01 -0.56
CA LYS C 323 19.15 -46.08 -2.02
C LYS C 323 19.45 -44.67 -2.57
N TRP C 324 18.55 -43.71 -2.28
CA TRP C 324 18.70 -42.43 -2.95
C TRP C 324 19.79 -41.57 -2.30
N ASP C 325 19.98 -41.71 -0.98
CA ASP C 325 21.02 -41.03 -0.24
C ASP C 325 22.40 -41.37 -0.83
N ASP C 326 22.63 -42.65 -1.10
CA ASP C 326 23.92 -43.07 -1.57
C ASP C 326 24.11 -42.61 -3.00
N GLU C 327 23.02 -42.67 -3.79
CA GLU C 327 23.04 -42.23 -5.20
C GLU C 327 23.32 -40.71 -5.25
N ALA C 328 22.71 -39.94 -4.35
CA ALA C 328 22.96 -38.45 -4.27
C ALA C 328 24.46 -38.16 -4.00
N ILE C 329 25.10 -38.92 -3.11
CA ILE C 329 26.54 -38.75 -2.82
C ILE C 329 27.35 -39.06 -4.10
N ARG C 330 27.03 -40.18 -4.75
CA ARG C 330 27.70 -40.58 -5.97
C ARG C 330 27.59 -39.47 -7.01
N VAL C 331 26.38 -38.95 -7.22
CA VAL C 331 26.16 -37.96 -8.29
C VAL C 331 26.84 -36.67 -7.88
N LEU C 332 26.67 -36.24 -6.62
CA LEU C 332 27.30 -34.98 -6.26
C LEU C 332 28.83 -35.09 -6.32
N SER C 333 29.40 -36.25 -5.99
CA SER C 333 30.84 -36.42 -5.98
C SER C 333 31.41 -36.29 -7.39
N LYS C 334 30.64 -36.79 -8.35
CA LYS C 334 31.02 -36.80 -9.78
C LYS C 334 30.92 -35.38 -10.39
N THR C 335 29.89 -34.66 -9.98
CA THR C 335 29.54 -33.42 -10.49
C THR C 335 30.50 -32.33 -9.96
N PHE C 336 30.99 -32.49 -8.73
CA PHE C 336 31.93 -31.55 -8.13
C PHE C 336 33.21 -32.29 -7.74
N PRO C 337 34.00 -32.68 -8.72
CA PRO C 337 35.10 -33.61 -8.44
C PRO C 337 36.27 -32.93 -7.72
N HIS C 338 36.23 -31.60 -7.60
CA HIS C 338 37.22 -30.92 -6.84
C HIS C 338 36.72 -30.54 -5.45
N HIS C 339 35.56 -31.07 -5.04
CA HIS C 339 35.02 -30.72 -3.70
C HIS C 339 34.93 -31.98 -2.84
N GLU C 340 35.10 -31.84 -1.52
CA GLU C 340 34.75 -32.90 -0.67
C GLU C 340 33.21 -32.90 -0.42
N VAL C 341 32.58 -34.01 -0.74
CA VAL C 341 31.19 -34.16 -0.51
C VAL C 341 31.03 -34.72 0.88
N VAL C 342 30.24 -34.04 1.67
CA VAL C 342 29.99 -34.47 3.03
C VAL C 342 28.47 -34.60 3.17
N GLY C 343 27.96 -35.78 3.51
CA GLY C 343 26.54 -35.92 3.75
C GLY C 343 26.20 -35.87 5.23
N ILE C 344 25.12 -35.20 5.60
CA ILE C 344 24.70 -34.99 6.94
C ILE C 344 23.53 -35.94 7.24
N GLU C 345 23.82 -36.92 8.09
CA GLU C 345 22.80 -37.84 8.60
C GLU C 345 21.81 -37.01 9.41
N GLY C 346 20.53 -37.31 9.27
CA GLY C 346 19.47 -36.72 10.05
C GLY C 346 18.83 -35.49 9.42
N SER C 347 19.10 -35.26 8.13
CA SER C 347 18.55 -34.12 7.43
C SER C 347 17.04 -34.17 7.40
N ARG C 348 16.45 -35.34 7.65
CA ARG C 348 14.97 -35.42 7.69
C ARG C 348 14.45 -34.47 8.78
N GLU C 349 15.24 -34.24 9.82
CA GLU C 349 14.79 -33.45 10.95
C GLU C 349 14.71 -31.96 10.60
N ILE C 350 15.34 -31.51 9.51
CA ILE C 350 15.18 -30.18 9.06
C ILE C 350 14.02 -30.10 8.09
N VAL C 351 13.88 -31.09 7.21
CA VAL C 351 12.78 -31.00 6.21
C VAL C 351 11.44 -31.12 6.90
N LEU C 352 11.36 -31.79 8.04
CA LEU C 352 10.10 -31.87 8.71
C LEU C 352 9.56 -30.48 8.94
N SER C 353 10.44 -29.49 9.03
CA SER C 353 10.08 -28.17 9.56
C SER C 353 10.15 -27.11 8.45
N GLY C 354 10.46 -27.51 7.21
CA GLY C 354 10.21 -26.62 6.12
C GLY C 354 11.36 -26.42 5.15
N GLY C 355 12.55 -26.99 5.36
CA GLY C 355 13.65 -26.70 4.45
C GLY C 355 14.81 -27.60 4.73
N ASN C 356 15.99 -27.32 4.19
CA ASN C 356 17.11 -28.18 4.39
C ASN C 356 18.37 -27.33 4.60
N ILE C 357 19.52 -27.92 4.30
CA ILE C 357 20.83 -27.33 4.58
C ILE C 357 21.02 -26.02 3.84
N HIS C 358 20.66 -25.96 2.56
CA HIS C 358 20.75 -24.62 1.85
C HIS C 358 19.89 -23.58 2.55
N CYS C 359 18.71 -23.96 3.06
CA CYS C 359 17.76 -23.03 3.63
C CYS C 359 18.29 -22.48 4.94
N ILE C 360 19.12 -23.24 5.64
CA ILE C 360 19.54 -22.81 6.96
C ILE C 360 20.86 -22.02 6.92
N THR C 361 21.49 -21.86 5.74
CA THR C 361 22.84 -21.22 5.57
C THR C 361 22.78 -19.91 4.78
N GLN C 362 23.79 -19.04 4.96
CA GLN C 362 23.98 -17.85 4.14
C GLN C 362 25.46 -17.51 4.10
N GLN C 363 26.05 -17.63 2.93
CA GLN C 363 27.46 -17.41 2.74
C GLN C 363 27.77 -15.92 2.81
N GLN C 364 28.96 -15.57 3.32
CA GLN C 364 29.49 -14.27 3.25
C GLN C 364 30.72 -14.37 2.34
N PRO C 365 30.66 -13.77 1.14
CA PRO C 365 31.79 -13.79 0.23
C PRO C 365 33.02 -13.11 0.83
N ALA C 366 34.18 -13.69 0.55
CA ALA C 366 35.50 -13.08 0.82
C ALA C 366 35.70 -11.94 -0.19
N ILE C 367 36.36 -10.87 0.24
CA ILE C 367 36.85 -9.80 -0.64
C ILE C 367 38.41 -9.80 -0.68
N HIS D 4 51.66 -18.08 31.27
CA HIS D 4 51.16 -17.68 29.89
C HIS D 4 51.92 -16.42 29.41
N GLY D 5 52.12 -15.40 30.27
CA GLY D 5 52.86 -14.19 29.92
C GLY D 5 51.93 -13.08 29.50
N PHE D 6 50.71 -13.06 30.04
CA PHE D 6 49.77 -11.97 29.71
C PHE D 6 49.77 -10.91 30.83
N HIS D 7 49.49 -9.67 30.49
CA HIS D 7 49.30 -8.66 31.52
C HIS D 7 48.18 -7.72 31.05
N MET D 8 47.54 -7.06 32.01
CA MET D 8 46.58 -5.99 31.69
C MET D 8 47.34 -4.72 31.38
N PRO D 9 47.17 -4.16 30.17
CA PRO D 9 47.83 -2.91 29.81
C PRO D 9 47.15 -1.77 30.58
N ALA D 10 47.85 -0.65 30.71
CA ALA D 10 47.24 0.58 31.25
C ALA D 10 46.16 1.06 30.30
N GLU D 11 45.24 1.85 30.84
CA GLU D 11 44.09 2.45 30.11
C GLU D 11 44.60 3.41 29.04
N TRP D 12 45.74 4.06 29.28
CA TRP D 12 46.31 5.05 28.29
C TRP D 12 47.03 4.33 27.12
N GLU D 13 47.15 3.03 27.15
CA GLU D 13 47.75 2.33 26.01
C GLU D 13 46.73 2.23 24.87
N PRO D 14 47.17 2.05 23.60
CA PRO D 14 46.27 2.10 22.44
C PRO D 14 45.15 1.05 22.51
N HIS D 15 43.95 1.50 22.12
CA HIS D 15 42.73 0.74 22.08
C HIS D 15 42.31 0.52 20.63
N SER D 16 41.86 -0.70 20.32
CA SER D 16 41.19 -0.98 19.06
C SER D 16 39.71 -0.56 19.11
N GLN D 17 39.05 -0.70 20.27
CA GLN D 17 37.65 -0.24 20.42
C GLN D 17 37.26 -0.16 21.90
N CYS D 18 36.09 0.42 22.12
CA CYS D 18 35.47 0.65 23.39
C CYS D 18 34.07 0.00 23.34
N TRP D 19 33.71 -0.71 24.40
CA TRP D 19 32.45 -1.34 24.62
C TRP D 19 31.65 -0.62 25.69
N ILE D 20 30.36 -0.43 25.35
CA ILE D 20 29.37 0.31 26.14
C ILE D 20 28.02 -0.44 26.08
N GLY D 21 27.37 -0.56 27.23
CA GLY D 21 26.01 -1.12 27.37
C GLY D 21 24.95 -0.06 27.09
N TRP D 22 23.69 -0.45 26.93
CA TRP D 22 22.66 0.44 26.67
C TRP D 22 21.67 0.41 27.84
N PRO D 23 21.37 1.56 28.45
CA PRO D 23 20.54 1.58 29.63
C PRO D 23 19.07 1.43 29.26
N GLU D 24 18.38 0.60 30.05
CA GLU D 24 17.04 0.21 29.72
C GLU D 24 16.14 0.18 30.97
N ARG D 25 16.57 -0.53 32.03
CA ARG D 25 15.70 -0.92 33.19
C ARG D 25 14.99 0.29 33.84
N ALA D 26 13.70 0.10 34.14
CA ALA D 26 12.87 1.17 34.61
C ALA D 26 13.01 1.33 36.14
N ASP D 27 13.41 0.25 36.83
CA ASP D 27 13.69 0.31 38.23
C ASP D 27 15.05 0.98 38.51
N ASN D 28 15.79 1.50 37.53
CA ASN D 28 17.04 2.12 37.90
C ASN D 28 17.26 3.37 37.06
N TRP D 29 16.55 3.51 35.93
CA TRP D 29 16.78 4.71 35.15
C TRP D 29 15.46 5.48 35.00
N ARG D 30 15.47 6.77 35.39
CA ARG D 30 14.22 7.59 35.45
C ARG D 30 13.67 7.75 34.02
N ASP D 31 12.34 7.65 33.86
CA ASP D 31 11.60 7.82 32.56
C ASP D 31 11.80 6.83 31.38
N GLY D 32 11.81 5.53 31.65
CA GLY D 32 12.41 4.49 30.80
C GLY D 32 13.64 5.06 30.11
N ALA D 33 14.62 5.36 30.94
CA ALA D 33 15.98 5.61 30.58
C ALA D 33 16.19 6.69 29.48
N VAL D 34 15.28 7.64 29.32
CA VAL D 34 15.42 8.56 28.22
C VAL D 34 16.59 9.54 28.44
N HIS D 35 16.76 10.05 29.68
CA HIS D 35 17.81 11.03 29.86
C HIS D 35 19.13 10.31 29.70
N ALA D 36 19.18 9.07 30.25
CA ALA D 36 20.37 8.18 30.27
C ALA D 36 20.80 7.84 28.86
N GLN D 37 19.83 7.42 28.04
CA GLN D 37 20.08 7.15 26.61
C GLN D 37 20.71 8.35 25.91
N LEU D 38 20.25 9.56 26.22
CA LEU D 38 20.82 10.71 25.57
C LEU D 38 22.32 10.89 25.95
N VAL D 39 22.69 10.64 27.20
CA VAL D 39 24.04 10.90 27.65
C VAL D 39 24.96 9.81 27.12
N PHE D 40 24.48 8.56 27.28
CA PHE D 40 25.22 7.40 26.71
C PHE D 40 25.55 7.63 25.23
N THR D 41 24.61 8.24 24.49
CA THR D 41 24.83 8.59 23.12
C THR D 41 25.97 9.60 23.00
N ARG D 42 25.98 10.62 23.86
CA ARG D 42 26.98 11.71 23.77
C ARG D 42 28.35 11.14 24.08
N VAL D 43 28.41 10.24 25.09
CA VAL D 43 29.65 9.60 25.50
C VAL D 43 30.21 8.75 24.34
N ALA D 44 29.30 7.99 23.73
CA ALA D 44 29.67 7.15 22.60
C ALA D 44 30.13 8.02 21.42
N ALA D 45 29.37 9.08 21.08
CA ALA D 45 29.86 10.09 20.01
C ALA D 45 31.30 10.56 20.30
N ALA D 46 31.55 10.92 21.56
CA ALA D 46 32.79 11.53 21.94
C ALA D 46 33.94 10.51 21.81
N ILE D 47 33.76 9.32 22.39
CA ILE D 47 34.75 8.29 22.28
C ILE D 47 35.03 7.96 20.81
N SER D 48 33.98 7.99 19.98
CA SER D 48 34.08 7.46 18.60
C SER D 48 34.96 8.39 17.71
N ARG D 49 35.25 9.58 18.22
CA ARG D 49 36.19 10.51 17.54
C ARG D 49 37.61 9.95 17.66
N PHE D 50 37.87 9.19 18.73
CA PHE D 50 39.20 8.72 19.01
C PHE D 50 39.38 7.23 18.73
N GLU D 51 38.34 6.43 18.99
CA GLU D 51 38.40 5.03 18.75
C GLU D 51 37.01 4.50 18.35
N LYS D 52 37.03 3.30 17.78
CA LYS D 52 35.81 2.58 17.41
C LYS D 52 35.00 2.26 18.68
N VAL D 53 33.68 2.38 18.57
CA VAL D 53 32.78 2.08 19.64
C VAL D 53 31.77 1.02 19.22
N THR D 54 31.51 0.06 20.13
CA THR D 54 30.43 -0.82 19.99
C THR D 54 29.52 -0.69 21.21
N VAL D 55 28.24 -0.40 20.99
CA VAL D 55 27.13 -0.36 21.97
C VAL D 55 26.32 -1.66 21.90
N CYS D 56 26.12 -2.26 23.05
CA CYS D 56 25.37 -3.46 23.18
C CYS D 56 24.00 -3.14 23.77
N ALA D 57 22.95 -3.63 23.08
CA ALA D 57 21.61 -3.42 23.46
C ALA D 57 20.82 -4.73 23.43
N SER D 58 19.77 -4.72 24.23
CA SER D 58 18.87 -5.83 24.31
C SER D 58 18.08 -5.91 22.98
N SER D 59 17.41 -7.02 22.80
CA SER D 59 16.53 -7.20 21.64
C SER D 59 15.48 -6.08 21.55
N ALA D 60 14.81 -5.83 22.66
CA ALA D 60 13.78 -4.83 22.78
C ALA D 60 14.31 -3.40 22.60
N GLN D 61 15.60 -3.16 22.76
CA GLN D 61 16.10 -1.81 22.56
C GLN D 61 16.94 -1.64 21.31
N TRP D 62 17.21 -2.73 20.60
CA TRP D 62 18.15 -2.66 19.53
C TRP D 62 17.84 -1.48 18.59
N GLU D 63 16.59 -1.40 18.11
CA GLU D 63 16.17 -0.36 17.13
C GLU D 63 16.32 1.05 17.74
N ASN D 64 15.94 1.22 19.00
CA ASN D 64 16.01 2.52 19.66
C ASN D 64 17.47 2.94 19.67
N ALA D 65 18.33 2.03 20.11
CA ALA D 65 19.77 2.37 20.18
C ALA D 65 20.32 2.71 18.78
N ARG D 66 19.99 1.86 17.79
CA ARG D 66 20.54 2.00 16.42
C ARG D 66 20.14 3.37 15.86
N ASN D 67 18.93 3.77 16.18
CA ASN D 67 18.37 5.05 15.79
C ASN D 67 19.14 6.22 16.46
N GLN D 68 19.34 6.20 17.79
CA GLN D 68 19.91 7.32 18.46
C GLN D 68 21.39 7.47 18.09
N LEU D 69 22.12 6.36 17.81
CA LEU D 69 23.59 6.38 17.72
C LEU D 69 24.06 6.66 16.30
N PRO D 70 25.14 7.43 16.09
CA PRO D 70 25.63 7.65 14.75
C PRO D 70 26.11 6.35 14.07
N ASP D 71 26.03 6.38 12.75
CA ASP D 71 26.18 5.22 11.91
C ASP D 71 27.58 4.62 12.06
N HIS D 72 28.57 5.45 12.38
CA HIS D 72 29.92 4.93 12.54
C HIS D 72 30.05 4.12 13.87
N VAL D 73 29.07 4.20 14.77
CA VAL D 73 29.06 3.36 15.97
C VAL D 73 28.30 2.05 15.69
N ARG D 74 28.97 0.92 15.97
CA ARG D 74 28.39 -0.41 15.78
C ARG D 74 27.40 -0.67 16.92
N VAL D 75 26.26 -1.30 16.65
CA VAL D 75 25.30 -1.75 17.63
C VAL D 75 25.06 -3.27 17.53
N VAL D 76 25.25 -4.02 18.62
CA VAL D 76 25.04 -5.46 18.62
C VAL D 76 23.99 -5.77 19.69
N GLU D 77 23.32 -6.87 19.45
CA GLU D 77 22.40 -7.41 20.33
C GLU D 77 23.15 -8.28 21.36
N ILE D 78 23.30 -7.73 22.56
CA ILE D 78 23.86 -8.42 23.74
C ILE D 78 23.05 -7.93 24.92
N SER D 79 22.18 -8.79 25.41
CA SER D 79 21.38 -8.53 26.57
C SER D 79 22.23 -8.38 27.85
N SER D 80 21.76 -7.58 28.81
CA SER D 80 22.32 -7.48 30.12
C SER D 80 21.18 -7.20 31.10
N ASN D 81 21.38 -7.43 32.40
CA ASN D 81 20.44 -7.02 33.39
C ASN D 81 20.53 -5.52 33.62
N ASP D 82 21.73 -4.93 33.51
CA ASP D 82 21.86 -3.50 33.52
C ASP D 82 23.16 -3.12 32.80
N SER D 83 23.47 -1.84 32.63
CA SER D 83 24.35 -1.35 31.58
C SER D 83 25.63 -0.74 32.13
N TRP D 84 26.36 -1.58 32.90
CA TRP D 84 27.59 -1.18 33.49
C TRP D 84 28.77 -2.00 32.98
N PHE D 85 29.29 -1.67 31.80
CA PHE D 85 30.27 -2.55 31.13
C PHE D 85 31.68 -2.48 31.73
N ARG D 86 31.96 -1.53 32.63
CA ARG D 86 33.26 -1.58 33.24
C ARG D 86 33.30 -2.75 34.21
N ASP D 87 32.15 -3.22 34.67
CA ASP D 87 32.06 -4.21 35.69
C ASP D 87 31.60 -5.55 35.13
N ILE D 88 30.77 -5.55 34.11
CA ILE D 88 30.24 -6.82 33.55
C ILE D 88 30.83 -7.11 32.17
N GLY D 89 31.61 -6.21 31.60
CA GLY D 89 32.37 -6.56 30.43
C GLY D 89 33.68 -7.24 30.82
N PRO D 90 34.41 -7.84 29.87
CA PRO D 90 35.60 -8.59 30.23
C PRO D 90 36.79 -7.67 30.46
N THR D 91 37.78 -8.15 31.21
CA THR D 91 39.05 -7.45 31.39
C THR D 91 40.05 -8.07 30.39
N PHE D 92 40.41 -7.31 29.38
CA PHE D 92 41.33 -7.73 28.38
C PHE D 92 42.77 -7.67 28.88
N VAL D 93 43.54 -8.68 28.49
CA VAL D 93 45.02 -8.75 28.79
C VAL D 93 45.78 -9.12 27.51
N VAL D 94 47.06 -8.69 27.41
CA VAL D 94 47.88 -8.87 26.18
C VAL D 94 49.19 -9.56 26.51
N ARG D 95 49.77 -10.06 25.43
CA ARG D 95 51.05 -10.70 25.37
C ARG D 95 51.76 -10.18 24.13
N ARG D 96 52.66 -9.20 24.30
CA ARG D 96 53.47 -8.63 23.15
C ARG D 96 54.48 -9.64 22.57
N GLU D 97 54.80 -9.26 21.32
CA GLU D 97 55.70 -9.90 20.35
C GLU D 97 57.11 -9.83 20.92
N THR D 98 57.98 -10.70 20.42
CA THR D 98 59.27 -10.99 21.10
C THR D 98 60.40 -11.24 20.07
N ASP D 103 54.95 -15.43 15.77
CA ASP D 103 54.31 -16.75 15.70
C ASP D 103 52.86 -16.53 15.19
N ALA D 104 51.99 -17.54 15.31
CA ALA D 104 50.50 -17.32 15.28
C ALA D 104 49.89 -17.70 16.66
N GLU D 105 50.66 -17.40 17.73
CA GLU D 105 50.22 -17.33 19.14
C GLU D 105 49.19 -16.20 19.30
N HIS D 106 48.23 -16.44 20.20
CA HIS D 106 47.31 -15.42 20.71
C HIS D 106 48.06 -14.28 21.40
N ARG D 107 47.73 -13.05 20.97
CA ARG D 107 48.32 -11.80 21.52
C ARG D 107 47.31 -11.07 22.41
N ILE D 108 46.07 -11.55 22.48
CA ILE D 108 45.03 -10.93 23.37
C ILE D 108 44.12 -12.04 23.91
N ALA D 109 43.63 -11.80 25.13
CA ALA D 109 42.67 -12.62 25.83
C ALA D 109 41.80 -11.72 26.70
N GLY D 110 40.72 -12.31 27.24
CA GLY D 110 39.83 -11.60 28.16
C GLY D 110 39.69 -12.46 29.36
N ILE D 111 39.73 -11.86 30.53
CA ILE D 111 39.39 -12.51 31.78
C ILE D 111 37.90 -12.35 32.09
N ASP D 112 37.31 -13.48 32.45
CA ASP D 112 35.92 -13.57 32.70
C ASP D 112 35.80 -13.82 34.18
N TRP D 113 35.95 -12.74 34.95
CA TRP D 113 35.75 -12.84 36.39
C TRP D 113 34.31 -13.22 36.68
N THR D 114 34.01 -13.73 37.86
CA THR D 114 32.67 -14.02 38.19
C THR D 114 31.98 -12.73 38.60
N PHE D 115 30.69 -12.59 38.32
CA PHE D 115 29.92 -11.41 38.70
C PHE D 115 28.82 -11.80 39.66
N ASN D 116 28.44 -10.91 40.59
CA ASN D 116 27.41 -11.30 41.54
C ASN D 116 26.56 -10.12 41.95
N SER D 117 26.43 -9.16 41.04
CA SER D 117 25.65 -7.99 41.25
C SER D 117 26.19 -7.20 42.44
N TRP D 118 27.52 -7.07 42.54
CA TRP D 118 28.14 -6.20 43.57
C TRP D 118 27.71 -6.60 44.99
N GLY D 119 27.58 -7.90 45.25
CA GLY D 119 27.41 -8.35 46.60
C GLY D 119 26.44 -9.51 46.76
N GLY D 120 25.95 -10.11 45.68
CA GLY D 120 25.22 -11.35 45.79
C GLY D 120 23.80 -11.18 46.29
N LEU D 121 23.23 -12.31 46.78
CA LEU D 121 21.81 -12.37 47.05
C LEU D 121 21.52 -11.49 48.25
N GLU D 122 22.42 -11.53 49.23
CA GLU D 122 22.25 -10.79 50.44
C GLU D 122 22.54 -9.29 50.27
N ASP D 123 23.55 -8.90 49.50
CA ASP D 123 23.98 -7.47 49.63
C ASP D 123 24.24 -6.80 48.26
N GLY D 124 23.67 -7.39 47.19
CA GLY D 124 23.94 -6.91 45.86
C GLY D 124 22.88 -5.92 45.44
N CYS D 125 22.94 -5.39 44.22
CA CYS D 125 21.98 -4.42 43.67
C CYS D 125 20.70 -5.06 43.08
N TYR D 126 20.76 -6.23 42.45
CA TYR D 126 19.52 -6.84 41.97
C TYR D 126 19.67 -8.35 42.08
N CYS D 127 18.56 -9.07 42.09
CA CYS D 127 18.56 -10.48 42.46
C CYS D 127 18.77 -11.39 41.23
N ASP D 128 18.77 -10.86 40.02
CA ASP D 128 19.00 -11.67 38.78
C ASP D 128 20.16 -11.04 38.01
N TRP D 129 21.29 -11.71 37.98
CA TRP D 129 22.43 -11.20 37.18
C TRP D 129 22.86 -12.25 36.15
N SER D 130 21.92 -13.11 35.76
CA SER D 130 22.18 -14.22 34.94
C SER D 130 22.53 -13.72 33.54
N LEU D 131 21.96 -12.60 33.11
CA LEU D 131 22.33 -12.13 31.76
C LEU D 131 23.69 -11.40 31.84
N ASP D 132 23.89 -10.64 32.92
CA ASP D 132 25.15 -9.93 33.18
C ASP D 132 26.32 -10.91 33.16
N SER D 133 26.17 -12.08 33.76
CA SER D 133 27.19 -13.08 33.82
C SER D 133 27.69 -13.50 32.45
N LEU D 134 26.84 -13.41 31.41
CA LEU D 134 27.24 -13.97 30.19
C LEU D 134 27.83 -12.89 29.29
N VAL D 135 27.75 -11.63 29.73
CA VAL D 135 28.20 -10.54 28.88
C VAL D 135 29.69 -10.69 28.51
N LYS D 136 30.53 -11.18 29.43
CA LYS D 136 31.96 -11.33 29.12
C LYS D 136 32.16 -12.40 28.03
N LYS D 137 31.56 -13.58 28.19
CA LYS D 137 31.65 -14.58 27.18
C LYS D 137 31.15 -14.08 25.79
N LYS D 138 30.00 -13.41 25.76
CA LYS D 138 29.40 -12.99 24.49
C LYS D 138 30.31 -11.98 23.78
N ILE D 139 30.93 -11.09 24.55
CA ILE D 139 31.70 -10.09 23.91
C ILE D 139 32.90 -10.77 23.30
N LEU D 140 33.55 -11.62 24.07
CA LEU D 140 34.78 -12.30 23.58
C LEU D 140 34.45 -13.20 22.38
N ASP D 141 33.26 -13.77 22.38
CA ASP D 141 32.89 -14.69 21.33
C ASP D 141 32.74 -13.91 20.04
N VAL D 142 32.06 -12.78 20.11
CA VAL D 142 31.96 -11.84 18.97
C VAL D 142 33.33 -11.49 18.41
N GLU D 143 34.29 -11.22 19.26
CA GLU D 143 35.60 -10.77 18.78
C GLU D 143 36.53 -11.96 18.50
N ARG D 144 36.04 -13.18 18.78
CA ARG D 144 36.87 -14.40 18.65
C ARG D 144 38.15 -14.24 19.48
N ILE D 145 38.02 -13.84 20.74
CA ILE D 145 39.16 -13.61 21.62
C ILE D 145 39.08 -14.69 22.68
N PRO D 146 40.18 -15.42 22.96
CA PRO D 146 40.12 -16.46 23.98
C PRO D 146 39.80 -15.92 25.39
N ARG D 147 39.13 -16.77 26.14
CA ARG D 147 38.63 -16.41 27.47
C ARG D 147 39.27 -17.26 28.57
N PHE D 148 39.86 -16.57 29.54
CA PHE D 148 40.29 -17.19 30.80
C PHE D 148 39.17 -17.08 31.83
N SER D 149 38.58 -18.20 32.18
CA SER D 149 37.58 -18.25 33.17
C SER D 149 38.20 -18.01 34.55
N HIS D 150 37.51 -17.29 35.42
CA HIS D 150 37.99 -17.11 36.83
C HIS D 150 36.80 -17.18 37.77
N SER D 151 36.96 -18.02 38.77
CA SER D 151 35.83 -18.24 39.62
C SER D 151 35.81 -17.24 40.79
N MET D 152 36.83 -16.39 40.95
CA MET D 152 36.78 -15.27 41.93
C MET D 152 35.79 -14.16 41.44
N VAL D 153 34.99 -13.61 42.36
CA VAL D 153 34.14 -12.48 42.08
C VAL D 153 35.02 -11.24 42.02
N LEU D 154 34.95 -10.50 40.92
CA LEU D 154 35.68 -9.24 40.74
C LEU D 154 35.00 -8.40 39.64
N GLU D 155 34.96 -7.07 39.80
CA GLU D 155 34.47 -6.17 38.81
C GLU D 155 35.64 -5.28 38.40
N GLY D 156 35.75 -5.00 37.09
CA GLY D 156 36.74 -4.17 36.48
C GLY D 156 36.81 -2.75 37.09
N GLY D 157 35.71 -2.28 37.70
CA GLY D 157 35.79 -0.97 38.40
C GLY D 157 36.53 -0.96 39.72
N SER D 158 36.89 -2.13 40.24
CA SER D 158 37.41 -2.27 41.55
C SER D 158 38.92 -2.36 41.53
N ILE D 159 39.54 -2.30 40.35
CA ILE D 159 40.99 -2.39 40.24
C ILE D 159 41.49 -1.36 39.22
N HIS D 160 42.70 -0.82 39.39
CA HIS D 160 43.37 -0.01 38.33
C HIS D 160 44.85 -0.44 38.24
N VAL D 161 45.48 -0.26 37.08
CA VAL D 161 46.80 -0.73 36.83
C VAL D 161 47.63 0.32 36.09
N ASP D 162 48.99 0.24 36.26
CA ASP D 162 49.97 1.16 35.59
C ASP D 162 50.52 0.50 34.30
N GLY D 163 50.12 -0.77 34.09
CA GLY D 163 50.67 -1.65 33.01
C GLY D 163 52.14 -2.05 33.19
N GLU D 164 52.71 -1.69 34.35
CA GLU D 164 54.15 -1.88 34.67
C GLU D 164 54.41 -2.77 35.90
N GLY D 165 53.38 -3.39 36.45
CA GLY D 165 53.51 -4.28 37.57
C GLY D 165 52.76 -3.85 38.80
N THR D 166 52.10 -2.65 38.80
CA THR D 166 51.40 -2.16 39.96
C THR D 166 49.89 -2.03 39.72
N CYS D 167 49.16 -2.39 40.79
CA CYS D 167 47.69 -2.38 40.83
C CYS D 167 47.26 -1.63 42.09
N ILE D 168 46.23 -0.79 41.98
CA ILE D 168 45.56 -0.30 43.19
C ILE D 168 44.10 -0.75 43.28
N THR D 169 43.65 -0.92 44.52
CA THR D 169 42.31 -1.35 44.82
C THR D 169 41.90 -0.80 46.19
N THR D 170 40.71 -1.17 46.64
CA THR D 170 40.25 -0.78 47.96
C THR D 170 39.91 -2.05 48.75
N GLU D 171 40.16 -2.00 50.06
CA GLU D 171 39.80 -3.07 50.99
C GLU D 171 38.29 -3.07 51.19
N GLU D 172 37.69 -1.88 51.18
CA GLU D 172 36.25 -1.74 51.42
C GLU D 172 35.47 -2.64 50.45
N CYS D 173 35.98 -2.77 49.23
CA CYS D 173 35.33 -3.54 48.22
C CYS D 173 35.84 -4.99 48.23
N LEU D 174 37.12 -5.24 47.95
CA LEU D 174 37.62 -6.61 47.64
C LEU D 174 37.67 -7.47 48.89
N LEU D 175 37.83 -6.87 50.07
CA LEU D 175 37.78 -7.73 51.24
C LEU D 175 36.39 -7.73 51.85
N ASN D 176 35.40 -7.19 51.17
CA ASN D 176 34.07 -7.20 51.77
C ASN D 176 33.54 -8.64 51.78
N LYS D 177 32.79 -9.00 52.79
CA LYS D 177 32.37 -10.37 52.90
C LYS D 177 31.31 -10.73 51.83
N ASN D 178 30.81 -9.73 51.07
CA ASN D 178 29.77 -9.96 50.02
C ASN D 178 30.45 -10.29 48.66
N ARG D 179 31.79 -10.36 48.66
CA ARG D 179 32.54 -10.69 47.41
C ARG D 179 33.11 -12.11 47.50
N ASN D 180 34.28 -12.28 48.15
CA ASN D 180 34.88 -13.62 48.28
C ASN D 180 35.25 -13.93 49.76
N PRO D 181 34.25 -14.11 50.65
CA PRO D 181 34.48 -14.25 52.08
C PRO D 181 35.39 -15.44 52.39
N HIS D 182 35.52 -16.42 51.49
CA HIS D 182 36.46 -17.55 51.79
C HIS D 182 37.94 -17.24 51.42
N LEU D 183 38.21 -16.12 50.77
CA LEU D 183 39.58 -15.82 50.41
C LEU D 183 40.14 -14.77 51.39
N SER D 184 41.47 -14.83 51.58
CA SER D 184 42.28 -13.91 52.35
C SER D 184 42.71 -12.78 51.44
N LYS D 185 43.07 -11.65 52.02
CA LYS D 185 43.72 -10.58 51.22
C LYS D 185 44.83 -11.13 50.33
N SER D 186 45.62 -12.00 50.93
CA SER D 186 46.79 -12.44 50.27
C SER D 186 46.41 -13.28 49.04
N GLN D 187 45.43 -14.17 49.21
CA GLN D 187 44.96 -15.03 48.10
C GLN D 187 44.37 -14.16 46.98
N ILE D 188 43.60 -13.14 47.35
CA ILE D 188 43.00 -12.19 46.37
C ILE D 188 44.12 -11.49 45.60
N GLU D 189 45.14 -11.09 46.32
CA GLU D 189 46.34 -10.46 45.76
C GLU D 189 47.00 -11.33 44.70
N ASP D 190 47.15 -12.61 45.03
CA ASP D 190 47.84 -13.63 44.19
C ASP D 190 47.06 -13.82 42.88
N GLU D 191 45.73 -13.78 42.95
CA GLU D 191 44.87 -13.86 41.74
C GLU D 191 45.11 -12.63 40.87
N LEU D 192 45.14 -11.43 41.47
CA LEU D 192 45.31 -10.24 40.71
C LEU D 192 46.68 -10.31 40.02
N LYS D 193 47.68 -10.77 40.77
CA LYS D 193 49.03 -10.86 40.27
C LYS D 193 49.11 -11.81 39.08
N ALA D 194 48.56 -13.00 39.28
CA ALA D 194 48.63 -14.03 38.29
C ALA D 194 47.90 -13.59 37.01
N TYR D 195 46.74 -12.94 37.15
CA TYR D 195 45.85 -12.73 35.98
C TYR D 195 46.05 -11.34 35.35
N LEU D 196 46.30 -10.30 36.13
CA LEU D 196 46.52 -8.94 35.55
C LEU D 196 48.02 -8.75 35.26
N GLY D 197 48.83 -9.70 35.71
CA GLY D 197 50.28 -9.67 35.53
C GLY D 197 50.92 -8.56 36.35
N VAL D 198 50.59 -8.50 37.63
CA VAL D 198 51.25 -7.48 38.42
C VAL D 198 52.07 -8.15 39.52
N ARG D 199 53.02 -7.39 40.05
CA ARG D 199 53.94 -7.84 41.13
C ARG D 199 53.55 -7.20 42.47
N LYS D 200 52.76 -6.11 42.45
CA LYS D 200 52.32 -5.47 43.70
C LYS D 200 50.95 -4.79 43.58
N VAL D 201 50.18 -5.03 44.64
CA VAL D 201 48.91 -4.45 44.90
C VAL D 201 49.04 -3.47 46.07
N ILE D 202 48.61 -2.22 45.83
CA ILE D 202 48.39 -1.19 46.86
C ILE D 202 46.92 -1.14 47.29
N TRP D 203 46.69 -1.23 48.58
CA TRP D 203 45.39 -1.28 49.13
C TRP D 203 44.96 0.00 49.84
N LEU D 204 44.13 0.82 49.21
CA LEU D 204 43.50 1.92 49.89
C LEU D 204 42.47 1.35 50.86
N PRO D 205 42.29 1.87 52.07
CA PRO D 205 41.30 1.27 52.96
C PRO D 205 39.88 1.46 52.43
N ARG D 206 39.58 2.64 51.93
CA ARG D 206 38.21 2.91 51.61
C ARG D 206 38.16 3.72 50.33
N GLY D 207 36.96 3.70 49.74
CA GLY D 207 36.70 4.46 48.57
C GLY D 207 35.88 5.67 48.92
N LEU D 208 35.12 6.12 47.91
CA LEU D 208 34.40 7.37 47.95
C LEU D 208 33.20 7.21 48.87
N TYR D 209 33.01 8.20 49.74
CA TYR D 209 31.91 8.16 50.62
C TYR D 209 30.65 8.21 49.76
N GLY D 210 29.67 7.43 50.21
CA GLY D 210 28.44 7.28 49.53
C GLY D 210 28.49 6.28 48.39
N ASP D 211 29.51 5.40 48.29
CA ASP D 211 29.49 4.43 47.19
C ASP D 211 29.07 3.08 47.77
N ASP D 212 27.80 3.00 48.18
CA ASP D 212 27.27 1.87 48.93
C ASP D 212 26.95 0.71 48.00
N ASP D 213 26.60 1.00 46.76
CA ASP D 213 26.19 -0.02 45.85
C ASP D 213 27.39 -0.92 45.48
N THR D 214 28.57 -0.33 45.24
CA THR D 214 29.72 -1.03 44.81
C THR D 214 30.61 -1.42 45.98
N ASN D 215 30.43 -0.78 47.16
CA ASN D 215 31.29 -0.91 48.34
C ASN D 215 32.64 -0.26 48.06
N GLY D 216 32.64 0.97 47.55
CA GLY D 216 33.84 1.74 47.47
C GLY D 216 34.80 1.29 46.40
N HIS D 217 34.28 1.12 45.17
CA HIS D 217 35.14 0.85 44.01
C HIS D 217 36.26 1.89 43.88
N VAL D 218 37.46 1.41 43.56
CA VAL D 218 38.59 2.25 43.45
C VAL D 218 38.41 3.28 42.33
N ASP D 219 37.67 2.99 41.25
CA ASP D 219 37.58 3.90 40.02
C ASP D 219 36.78 5.18 40.28
N ASN D 220 36.24 5.30 41.48
CA ASN D 220 35.58 6.49 41.97
C ASN D 220 36.45 7.25 43.01
N MET D 221 37.65 6.79 43.28
CA MET D 221 38.49 7.28 44.38
C MET D 221 39.89 7.63 43.83
N CYS D 222 40.40 6.90 42.87
CA CYS D 222 41.76 6.94 42.64
C CYS D 222 42.14 6.21 41.34
N CYS D 223 42.93 6.83 40.47
CA CYS D 223 43.41 6.11 39.31
C CYS D 223 44.84 6.54 38.96
N PHE D 224 45.56 5.71 38.20
CA PHE D 224 46.80 6.02 37.68
C PHE D 224 46.71 6.98 36.50
N VAL D 225 47.79 7.73 36.40
CA VAL D 225 48.05 8.75 35.41
C VAL D 225 49.28 8.39 34.57
N ARG D 226 50.26 7.78 35.26
CA ARG D 226 51.51 7.23 34.67
C ARG D 226 52.14 6.32 35.73
N PRO D 227 53.09 5.44 35.37
CA PRO D 227 53.78 4.63 36.39
C PRO D 227 54.36 5.58 37.48
N GLY D 228 53.96 5.38 38.72
CA GLY D 228 54.43 6.20 39.83
C GLY D 228 53.57 7.43 40.15
N ALA D 229 52.52 7.76 39.36
CA ALA D 229 51.66 8.99 39.63
C ALA D 229 50.16 8.65 39.56
N VAL D 230 49.38 9.14 40.54
CA VAL D 230 47.93 8.92 40.62
C VAL D 230 47.19 10.26 40.74
N LEU D 231 45.92 10.22 40.41
CA LEU D 231 44.92 11.23 40.81
C LEU D 231 44.10 10.68 41.94
N LEU D 232 43.67 11.54 42.84
CA LEU D 232 42.92 11.15 44.05
C LEU D 232 41.72 12.05 44.22
N SER D 233 40.57 11.45 44.46
CA SER D 233 39.38 12.23 44.82
C SER D 233 39.65 12.97 46.13
N TRP D 234 39.41 14.27 46.12
CA TRP D 234 39.85 15.13 47.25
C TRP D 234 38.79 16.16 47.60
N THR D 235 38.79 16.53 48.89
CA THR D 235 38.06 17.71 49.35
C THR D 235 38.94 18.42 50.39
N ASP D 236 38.83 19.74 50.36
CA ASP D 236 39.44 20.66 51.36
C ASP D 236 38.54 20.85 52.58
N ASP D 237 37.21 20.64 52.42
CA ASP D 237 36.26 20.74 53.54
C ASP D 237 36.48 19.59 54.55
N LYS D 238 37.12 19.91 55.70
CA LYS D 238 37.38 18.92 56.74
C LYS D 238 36.09 18.48 57.45
N THR D 239 34.95 19.10 57.22
CA THR D 239 33.72 18.69 57.92
C THR D 239 32.95 17.64 57.12
N ASP D 240 33.33 17.49 55.83
CA ASP D 240 32.73 16.50 54.94
C ASP D 240 33.26 15.11 55.28
N PRO D 241 32.37 14.05 55.36
CA PRO D 241 32.79 12.65 55.55
C PRO D 241 33.75 12.02 54.54
N GLN D 242 33.96 12.66 53.40
CA GLN D 242 34.90 12.23 52.42
C GLN D 242 36.34 12.52 52.87
N TYR D 243 36.46 13.52 53.76
CA TYR D 243 37.73 14.06 54.11
C TYR D 243 38.58 12.93 54.68
N GLU D 244 38.04 12.20 55.66
CA GLU D 244 38.84 11.20 56.36
C GLU D 244 39.25 10.11 55.36
N ARG D 245 38.44 9.89 54.31
CA ARG D 245 38.73 8.78 53.34
C ARG D 245 39.87 9.24 52.42
N SER D 246 39.81 10.51 51.98
CA SER D 246 40.87 11.08 51.16
C SER D 246 42.20 11.20 51.92
N GLU D 247 42.15 11.70 53.18
CA GLU D 247 43.34 11.92 53.97
C GLU D 247 44.06 10.57 54.16
N GLU D 248 43.26 9.56 54.49
CA GLU D 248 43.72 8.23 54.79
C GLU D 248 44.47 7.70 53.56
N ALA D 249 43.91 7.97 52.38
CA ALA D 249 44.50 7.46 51.13
C ALA D 249 45.82 8.19 50.81
N TYR D 250 45.83 9.51 51.04
CA TYR D 250 47.05 10.35 50.86
C TYR D 250 48.24 9.85 51.72
N SER D 251 47.98 9.61 53.01
CA SER D 251 48.98 9.20 53.97
C SER D 251 49.56 7.85 53.56
N LEU D 252 48.67 6.95 53.10
CA LEU D 252 49.06 5.64 52.49
C LEU D 252 50.01 5.89 51.30
N PHE D 253 49.66 6.83 50.43
CA PHE D 253 50.49 7.01 49.26
C PHE D 253 51.85 7.64 49.61
N SER D 254 51.96 8.31 50.77
CA SER D 254 53.25 8.80 51.29
C SER D 254 54.12 7.63 51.77
N SER D 255 53.52 6.65 52.47
CA SER D 255 54.26 5.63 53.19
C SER D 255 54.47 4.34 52.39
N VAL D 256 54.35 4.39 51.04
CA VAL D 256 54.31 3.16 50.23
C VAL D 256 54.97 3.39 48.88
N THR D 257 55.57 2.32 48.35
CA THR D 257 56.17 2.31 47.00
C THR D 257 55.39 1.39 46.02
N ASP D 258 55.61 1.61 44.73
CA ASP D 258 55.06 0.70 43.74
C ASP D 258 55.90 -0.60 43.63
N ALA D 259 55.57 -1.39 42.62
CA ALA D 259 56.18 -2.71 42.39
C ALA D 259 57.68 -2.63 42.13
N ASN D 260 58.14 -1.47 41.65
CA ASN D 260 59.48 -1.19 41.25
C ASN D 260 60.23 -0.42 42.36
N GLY D 261 59.59 -0.21 43.51
CA GLY D 261 60.15 0.61 44.60
C GLY D 261 60.02 2.12 44.39
N ARG D 262 59.22 2.61 43.42
CA ARG D 262 59.08 4.03 43.19
C ARG D 262 58.04 4.62 44.15
N LYS D 263 58.32 5.88 44.54
CA LYS D 263 57.45 6.71 45.37
C LYS D 263 56.35 7.30 44.46
N PHE D 264 55.19 7.54 45.08
CA PHE D 264 53.97 8.01 44.35
C PHE D 264 53.82 9.52 44.42
N GLU D 265 53.81 10.16 43.26
CA GLU D 265 53.24 11.49 43.12
C GLU D 265 51.71 11.36 43.23
N VAL D 266 51.08 12.17 44.07
CA VAL D 266 49.60 12.26 44.15
C VAL D 266 49.07 13.62 43.70
N ILE D 267 48.20 13.64 42.72
CA ILE D 267 47.48 14.87 42.26
C ILE D 267 46.05 14.80 42.78
N LYS D 268 45.64 15.87 43.41
CA LYS D 268 44.36 15.92 43.98
C LYS D 268 43.40 16.43 42.94
N LEU D 269 42.21 15.83 42.99
CA LEU D 269 41.12 16.14 42.03
C LEU D 269 39.86 16.35 42.87
N HIS D 270 39.54 17.62 43.06
CA HIS D 270 38.53 18.01 43.99
C HIS D 270 37.17 17.56 43.46
N VAL D 271 36.44 16.86 44.32
CA VAL D 271 35.05 16.47 44.13
C VAL D 271 34.16 17.68 43.99
N PRO D 272 33.06 17.52 43.24
CA PRO D 272 32.01 18.53 43.17
C PRO D 272 31.06 18.36 44.36
N GLY D 273 30.19 19.37 44.54
CA GLY D 273 29.06 19.29 45.45
C GLY D 273 29.47 19.58 46.91
N PRO D 274 28.98 18.81 47.87
CA PRO D 274 28.22 17.58 47.64
C PRO D 274 26.95 17.74 46.79
N LEU D 275 26.55 16.64 46.14
CA LEU D 275 25.36 16.60 45.30
C LEU D 275 24.34 15.65 45.88
N TYR D 276 23.09 16.02 45.69
CA TYR D 276 22.03 15.39 46.39
C TYR D 276 20.88 15.24 45.40
N MET D 277 20.28 14.05 45.42
CA MET D 277 19.25 13.68 44.51
C MET D 277 18.06 14.63 44.67
N THR D 278 17.58 15.22 43.58
CA THR D 278 16.27 16.01 43.58
C THR D 278 15.04 15.08 43.78
N GLU D 279 13.92 15.70 44.19
CA GLU D 279 12.58 15.08 44.22
C GLU D 279 12.24 14.54 42.84
N LYS D 280 12.35 15.47 41.89
CA LYS D 280 12.09 15.26 40.49
C LYS D 280 12.91 14.02 40.02
N GLU D 281 14.24 14.07 40.19
CA GLU D 281 15.23 13.00 39.85
C GLU D 281 14.79 11.63 40.42
N ALA D 282 14.38 11.64 41.69
CA ALA D 282 13.91 10.44 42.48
C ALA D 282 12.61 9.83 41.97
N ALA D 283 11.74 10.64 41.37
CA ALA D 283 10.33 10.29 41.30
C ALA D 283 10.13 9.35 40.13
N GLY D 284 10.98 9.53 39.10
CA GLY D 284 10.83 8.89 37.76
C GLY D 284 11.27 7.42 37.69
N VAL D 285 11.70 6.85 38.83
CA VAL D 285 12.21 5.48 38.95
C VAL D 285 11.10 4.61 39.56
N PHE D 286 10.93 3.38 39.09
CA PHE D 286 9.68 2.74 39.34
C PHE D 286 9.91 1.36 39.95
N GLN D 287 9.68 1.32 41.27
CA GLN D 287 10.24 0.36 42.20
C GLN D 287 9.60 -1.02 42.01
N ASP D 288 10.29 -1.99 42.58
CA ASP D 288 10.18 -3.43 42.32
C ASP D 288 10.90 -4.09 43.48
N ASP D 289 10.54 -5.32 43.82
CA ASP D 289 11.15 -6.02 45.00
C ASP D 289 12.53 -6.60 44.70
N GLY D 290 12.95 -6.57 43.43
CA GLY D 290 14.24 -7.15 42.97
C GLY D 290 15.24 -6.09 42.46
N ALA D 291 15.26 -4.93 43.16
CA ALA D 291 16.22 -3.80 43.00
C ALA D 291 16.36 -3.10 44.37
N LYS D 292 16.96 -1.89 44.44
CA LYS D 292 17.15 -1.11 45.74
C LYS D 292 16.35 0.22 45.71
N PRO D 293 15.38 0.52 46.63
CA PRO D 293 14.47 1.67 46.47
C PRO D 293 14.99 3.12 46.71
N ARG D 294 15.19 3.88 45.61
CA ARG D 294 15.96 5.19 45.57
C ARG D 294 15.16 6.42 46.08
N LEU D 295 15.42 6.85 47.33
CA LEU D 295 14.73 7.96 48.02
C LEU D 295 15.45 9.30 47.78
N PRO D 296 14.77 10.48 47.75
CA PRO D 296 15.43 11.74 47.46
C PRO D 296 16.28 12.21 48.64
N GLY D 297 17.05 13.28 48.42
CA GLY D 297 18.08 13.82 49.32
C GLY D 297 19.38 13.01 49.36
N THR D 298 19.42 11.84 48.69
CA THR D 298 20.52 10.89 48.82
C THR D 298 21.80 11.51 48.22
N ARG D 299 22.90 11.21 48.91
CA ARG D 299 24.20 11.78 48.49
C ARG D 299 24.67 11.06 47.23
N LEU D 300 25.10 11.83 46.25
CA LEU D 300 25.59 11.27 45.03
C LEU D 300 27.09 11.01 45.15
N ALA D 301 27.44 9.85 44.62
CA ALA D 301 28.72 9.28 44.64
C ALA D 301 29.53 9.84 43.47
N ALA D 302 29.84 11.16 43.50
CA ALA D 302 30.33 11.80 42.33
C ALA D 302 31.83 12.12 42.40
N SER D 303 32.56 11.82 41.33
CA SER D 303 33.98 12.18 41.29
C SER D 303 34.49 12.28 39.83
N TYR D 304 35.30 13.29 39.62
CA TYR D 304 35.82 13.57 38.35
C TYR D 304 36.82 12.46 37.95
N VAL D 305 37.19 11.65 38.92
CA VAL D 305 38.13 10.51 38.72
C VAL D 305 37.46 9.43 37.86
N ASN D 306 36.12 9.38 37.82
CA ASN D 306 35.38 8.43 37.00
C ASN D 306 35.39 8.85 35.51
N PHE D 307 36.59 8.91 34.93
CA PHE D 307 36.73 9.35 33.56
C PHE D 307 37.25 8.17 32.75
N TYR D 308 37.13 8.25 31.41
CA TYR D 308 37.69 7.26 30.50
C TYR D 308 38.84 7.87 29.70
N ILE D 309 39.95 7.16 29.57
CA ILE D 309 41.08 7.55 28.68
C ILE D 309 40.84 6.83 27.36
N ALA D 310 40.29 7.54 26.38
CA ALA D 310 40.26 7.13 24.96
C ALA D 310 41.64 7.30 24.31
N ASN D 311 41.84 6.76 23.12
CA ASN D 311 43.08 6.94 22.33
C ASN D 311 43.27 8.45 22.06
N GLY D 312 44.17 9.06 22.85
CA GLY D 312 44.48 10.48 22.71
C GLY D 312 43.46 11.43 23.35
N ALA D 313 42.50 10.96 24.15
CA ALA D 313 41.51 11.84 24.81
C ALA D 313 41.22 11.36 26.23
N ILE D 314 40.78 12.30 27.04
CA ILE D 314 40.21 12.09 28.36
C ILE D 314 38.79 12.56 28.19
N ILE D 315 37.87 11.62 28.42
CA ILE D 315 36.40 11.80 28.39
C ILE D 315 35.96 11.92 29.83
N ALA D 316 35.64 13.16 30.23
CA ALA D 316 35.61 13.47 31.65
C ALA D 316 34.21 13.93 32.03
N PRO D 317 33.68 13.58 33.22
CA PRO D 317 32.37 14.06 33.63
C PRO D 317 32.39 15.53 34.01
N GLN D 318 31.20 16.11 33.82
CA GLN D 318 30.81 17.48 34.19
C GLN D 318 29.44 17.30 34.83
N PHE D 319 29.25 17.86 36.03
CA PHE D 319 28.09 17.56 36.94
C PHE D 319 27.06 18.70 37.02
N GLY D 320 27.37 19.85 36.42
CA GLY D 320 26.58 21.04 36.55
C GLY D 320 27.08 21.93 37.69
N ASP D 321 28.23 21.61 38.31
CA ASP D 321 28.82 22.44 39.35
C ASP D 321 30.03 23.13 38.68
N LYS D 322 29.79 24.35 38.20
CA LYS D 322 30.68 24.94 37.20
C LYS D 322 32.13 25.13 37.75
N LYS D 323 32.23 25.61 39.00
CA LYS D 323 33.48 25.91 39.68
C LYS D 323 34.37 24.64 39.63
N TRP D 324 33.86 23.54 40.18
CA TRP D 324 34.62 22.31 40.25
C TRP D 324 34.76 21.62 38.87
N ASP D 325 33.76 21.76 37.98
CA ASP D 325 33.78 21.22 36.61
C ASP D 325 34.99 21.79 35.86
N ASP D 326 35.18 23.11 36.01
CA ASP D 326 36.18 23.81 35.25
C ASP D 326 37.58 23.48 35.78
N GLU D 327 37.67 23.37 37.12
CA GLU D 327 38.94 23.01 37.85
C GLU D 327 39.43 21.61 37.38
N ALA D 328 38.48 20.68 37.33
CA ALA D 328 38.69 19.31 36.84
C ALA D 328 39.36 19.34 35.46
N ILE D 329 38.77 20.11 34.55
CA ILE D 329 39.30 20.19 33.21
C ILE D 329 40.77 20.67 33.26
N ARG D 330 41.02 21.76 34.03
CA ARG D 330 42.34 22.29 34.22
C ARG D 330 43.28 21.20 34.78
N VAL D 331 42.82 20.42 35.77
CA VAL D 331 43.75 19.49 36.45
C VAL D 331 44.10 18.35 35.47
N LEU D 332 43.12 17.98 34.68
CA LEU D 332 43.25 16.88 33.77
C LEU D 332 44.08 17.30 32.55
N SER D 333 43.96 18.58 32.18
CA SER D 333 44.73 19.14 31.04
C SER D 333 46.24 19.14 31.41
N LYS D 334 46.52 19.33 32.71
CA LYS D 334 47.91 19.41 33.23
C LYS D 334 48.48 17.98 33.42
N THR D 335 47.61 17.09 33.91
CA THR D 335 47.90 15.74 34.20
C THR D 335 48.16 14.97 32.90
N PHE D 336 47.38 15.25 31.85
CA PHE D 336 47.49 14.55 30.56
C PHE D 336 47.69 15.56 29.43
N PRO D 337 48.93 16.14 29.33
CA PRO D 337 49.24 17.26 28.40
C PRO D 337 49.25 16.94 26.91
N HIS D 338 49.35 15.67 26.56
CA HIS D 338 49.25 15.19 25.16
C HIS D 338 47.83 14.64 24.84
N HIS D 339 46.89 14.75 25.78
CA HIS D 339 45.48 14.31 25.54
C HIS D 339 44.61 15.56 25.36
N GLU D 340 43.64 15.43 24.46
CA GLU D 340 42.49 16.31 24.39
C GLU D 340 41.54 15.94 25.54
N VAL D 341 41.19 16.92 26.34
CA VAL D 341 40.24 16.71 27.39
C VAL D 341 38.85 17.12 26.85
N VAL D 342 37.94 16.17 26.87
CA VAL D 342 36.51 16.35 26.50
C VAL D 342 35.66 16.15 27.76
N GLY D 343 35.02 17.28 28.11
CA GLY D 343 34.03 17.35 29.17
C GLY D 343 32.68 16.95 28.65
N ILE D 344 31.97 16.07 29.34
CA ILE D 344 30.60 15.57 28.96
C ILE D 344 29.57 16.23 29.86
N GLU D 345 28.81 17.17 29.34
CA GLU D 345 27.63 17.68 30.09
C GLU D 345 26.62 16.55 30.32
N GLY D 346 25.81 16.64 31.39
CA GLY D 346 24.74 15.66 31.64
C GLY D 346 25.22 14.53 32.56
N SER D 347 26.53 14.47 32.88
CA SER D 347 27.14 13.33 33.60
C SER D 347 26.30 12.99 34.81
N ARG D 348 25.74 14.02 35.45
CA ARG D 348 24.87 13.85 36.62
C ARG D 348 23.80 12.75 36.41
N GLU D 349 23.35 12.59 35.17
CA GLU D 349 22.27 11.63 34.80
C GLU D 349 22.70 10.18 35.11
N ILE D 350 23.96 9.87 34.82
CA ILE D 350 24.49 8.52 35.08
C ILE D 350 24.71 8.31 36.58
N VAL D 351 25.31 9.32 37.23
CA VAL D 351 25.71 9.26 38.65
C VAL D 351 24.47 8.98 39.51
N LEU D 352 23.29 9.50 39.11
CA LEU D 352 21.99 9.20 39.74
C LEU D 352 21.80 7.71 39.87
N SER D 353 22.34 6.95 38.92
CA SER D 353 22.01 5.51 38.78
C SER D 353 23.15 4.60 39.28
N GLY D 354 24.23 5.20 39.82
CA GLY D 354 25.21 4.37 40.46
C GLY D 354 26.63 4.48 39.94
N GLY D 355 26.88 5.22 38.86
CA GLY D 355 28.22 5.31 38.31
C GLY D 355 28.35 6.46 37.34
N ASN D 356 29.50 6.60 36.70
CA ASN D 356 29.76 7.65 35.71
C ASN D 356 30.42 7.01 34.49
N ILE D 357 31.11 7.83 33.71
CA ILE D 357 31.66 7.48 32.39
C ILE D 357 32.60 6.26 32.46
N HIS D 358 33.46 6.22 33.50
CA HIS D 358 34.36 5.11 33.56
C HIS D 358 33.55 3.83 33.81
N CYS D 359 32.46 3.91 34.56
CA CYS D 359 31.64 2.71 34.85
C CYS D 359 30.89 2.15 33.64
N ILE D 360 30.66 2.97 32.59
CA ILE D 360 29.83 2.51 31.48
C ILE D 360 30.69 2.08 30.27
N THR D 361 32.02 2.17 30.37
CA THR D 361 32.92 1.84 29.31
C THR D 361 33.79 0.64 29.65
N GLN D 362 34.32 -0.04 28.62
CA GLN D 362 35.34 -1.06 28.78
C GLN D 362 36.21 -1.07 27.52
N GLN D 363 37.52 -0.84 27.67
CA GLN D 363 38.39 -0.64 26.54
C GLN D 363 38.82 -1.99 26.02
N GLN D 364 39.07 -2.06 24.72
CA GLN D 364 39.67 -3.25 24.14
C GLN D 364 41.06 -2.86 23.61
N PRO D 365 42.15 -3.31 24.25
CA PRO D 365 43.52 -2.92 23.85
C PRO D 365 43.85 -3.37 22.43
N ALA D 366 44.63 -2.57 21.72
CA ALA D 366 45.12 -2.94 20.40
C ALA D 366 46.27 -3.93 20.56
N ILE D 367 46.33 -4.92 19.67
CA ILE D 367 47.45 -5.86 19.66
C ILE D 367 48.31 -5.64 18.40
#